data_3VR1
#
_entry.id   3VR1
#
_cell.length_a   80.202
_cell.length_b   83.461
_cell.length_c   114.245
_cell.angle_alpha   72.98
_cell.angle_beta   74.18
_cell.angle_gamma   89.78
#
_symmetry.space_group_name_H-M   'P 1'
#
loop_
_entity.id
_entity.type
_entity.pdbx_description
1 polymer 'Peptide chain release factor 3'
2 non-polymer "GUANOSINE-5',3'-TETRAPHOSPHATE"
#
_entity_poly.entity_id   1
_entity_poly.type   'polypeptide(L)'
_entity_poly.pdbx_seq_one_letter_code
;GSSHHHHHHSSGLVPRGSHMSSRLEREAARRRTFAIISHPDAGKTTLTEKLLLFGGAIQMAGSVKARKAARHATSDWMAM
ERERGISVTTSVMQFPYRDRVVNLLDTPGHQDFSEDTYRVLTAVDSALVVIDAAKGVEAQTRKLMDVCRMRATPVMTFVN
KMDREALHPLDVMADIEQHLQIECAPMTWPIGMGSSFKGTYDLLHKQLHLFSATHGGRIQSGIVIHGADDPQLDEYLGDQ
AEQLRMDLALLEEAGTPFDEERYLKGELTPVFFGSAINNFGVREMLDMFVEFAPGPQPRPAATRVVEPGEEAFTGVVFKI
QANMDKAHRDRMAFLRICSGTFTRGMRLKHHRTGKDVTVANATIFMAQDRTGVEEAFPGDIIGIPNHGTIKIGDTFTESK
EVLKFVGIPNFAPEHFRRVRLKNPLKAKQLQKGLEQLAEEGAVQLFRPLVNNDYILGAVGVLQFDVIVARLADEYGVDAV
YEGVSTHTARWVYCEDKKIFADFQDYHRGELAVDAEGALAYLAPNPWRLESAMERYPKVEFRTTREIS
;
_entity_poly.pdbx_strand_id   A,B,C,D
#
# COMPACT_ATOMS: atom_id res chain seq x y z
N MET A 20 -43.94 42.98 14.25
CA MET A 20 -43.43 42.47 12.91
C MET A 20 -43.47 40.92 12.72
N SER A 21 -42.37 40.25 13.10
CA SER A 21 -42.19 38.79 12.94
C SER A 21 -43.00 38.00 13.96
N SER A 22 -43.37 36.77 13.64
CA SER A 22 -44.07 35.93 14.62
C SER A 22 -43.14 34.94 15.35
N ARG A 23 -43.57 34.38 16.49
CA ARG A 23 -42.72 33.43 17.24
C ARG A 23 -42.22 32.35 16.35
N LEU A 24 -43.11 31.83 15.50
CA LEU A 24 -42.82 30.77 14.59
C LEU A 24 -41.93 31.30 13.47
N GLU A 25 -42.33 32.37 12.84
CA GLU A 25 -41.59 32.83 11.69
C GLU A 25 -40.15 33.12 12.04
N ARG A 26 -39.84 33.39 13.31
CA ARG A 26 -38.47 33.66 13.79
C ARG A 26 -37.79 32.35 14.02
N GLU A 27 -38.40 31.52 14.86
CA GLU A 27 -37.86 30.23 15.18
C GLU A 27 -37.56 29.46 13.92
N ALA A 28 -38.53 29.47 13.00
CA ALA A 28 -38.34 28.87 11.69
C ALA A 28 -37.14 29.43 10.96
N ALA A 29 -36.89 30.74 11.09
CA ALA A 29 -35.82 31.35 10.30
C ALA A 29 -34.37 31.16 10.85
N ARG A 30 -34.24 30.68 12.10
CA ARG A 30 -32.95 30.44 12.67
C ARG A 30 -32.38 29.15 12.09
N ARG A 31 -33.25 28.37 11.47
CA ARG A 31 -32.90 27.06 10.94
C ARG A 31 -31.95 27.13 9.79
N ARG A 32 -31.04 26.16 9.75
CA ARG A 32 -30.18 25.93 8.60
C ARG A 32 -30.14 24.44 8.27
N THR A 33 -30.93 24.02 7.27
CA THR A 33 -30.95 22.58 6.95
C THR A 33 -30.21 22.18 5.67
N PHE A 34 -29.17 21.37 5.86
CA PHE A 34 -28.34 20.88 4.76
C PHE A 34 -27.82 19.47 4.92
N ALA A 35 -27.35 18.94 3.80
CA ALA A 35 -26.63 17.66 3.76
C ALA A 35 -25.31 17.87 3.02
N ILE A 36 -24.43 16.88 3.11
CA ILE A 36 -23.15 16.96 2.42
C ILE A 36 -23.24 16.03 1.21
N ILE A 37 -22.89 16.57 0.04
CA ILE A 37 -22.84 15.74 -1.14
C ILE A 37 -21.35 15.53 -1.41
N SER A 38 -20.89 14.28 -1.34
CA SER A 38 -19.47 13.99 -1.51
C SER A 38 -19.26 12.67 -2.17
N HIS A 39 -18.11 12.49 -2.79
CA HIS A 39 -17.75 11.20 -3.37
C HIS A 39 -17.13 10.46 -2.18
N PRO A 40 -16.98 9.13 -2.27
CA PRO A 40 -16.39 8.43 -1.11
C PRO A 40 -14.96 8.86 -0.73
N ASP A 41 -14.64 8.80 0.57
CA ASP A 41 -13.31 9.09 1.13
C ASP A 41 -12.85 10.55 1.05
N ALA A 42 -13.75 11.47 0.70
CA ALA A 42 -13.45 12.89 0.57
C ALA A 42 -13.20 13.52 1.93
N GLY A 43 -13.86 13.00 2.96
CA GLY A 43 -13.65 13.51 4.32
C GLY A 43 -14.94 14.00 4.94
N LYS A 44 -16.05 13.57 4.37
CA LYS A 44 -17.36 13.97 4.86
C LYS A 44 -17.48 13.66 6.35
N THR A 45 -17.14 12.43 6.72
CA THR A 45 -17.24 12.02 8.12
C THR A 45 -16.35 12.89 8.98
N THR A 46 -15.14 13.15 8.51
CA THR A 46 -14.22 13.99 9.25
C THR A 46 -14.79 15.40 9.41
N LEU A 47 -15.28 15.96 8.31
CA LEU A 47 -15.78 17.34 8.34
C LEU A 47 -17.01 17.43 9.25
N THR A 48 -17.84 16.39 9.18
CA THR A 48 -19.07 16.38 9.94
C THR A 48 -18.76 16.42 11.42
N GLU A 49 -17.79 15.61 11.81
CA GLU A 49 -17.41 15.53 13.20
C GLU A 49 -16.87 16.90 13.61
N LYS A 50 -16.15 17.56 12.69
CA LYS A 50 -15.58 18.86 12.99
C LYS A 50 -16.69 19.91 13.21
N LEU A 51 -17.72 19.85 12.36
CA LEU A 51 -18.79 20.82 12.43
C LEU A 51 -19.48 20.67 13.77
N LEU A 52 -19.69 19.41 14.17
CA LEU A 52 -20.42 19.12 15.39
C LEU A 52 -19.72 19.73 16.60
N LEU A 53 -18.38 19.65 16.62
CA LEU A 53 -17.62 20.13 17.78
C LEU A 53 -17.81 21.62 17.95
N PHE A 54 -17.90 22.32 16.81
CA PHE A 54 -18.24 23.75 16.81
C PHE A 54 -19.61 24.06 17.45
N GLY A 55 -20.56 23.14 17.26
CA GLY A 55 -21.88 23.31 17.82
C GLY A 55 -21.96 22.81 19.23
N GLY A 56 -20.80 22.54 19.81
CA GLY A 56 -20.74 21.98 21.15
C GLY A 56 -21.39 20.62 21.21
N ALA A 57 -21.65 20.03 20.06
CA ALA A 57 -22.26 18.72 20.01
C ALA A 57 -21.22 17.63 20.39
N ILE A 58 -20.66 17.76 21.59
CA ILE A 58 -19.62 16.84 22.05
C ILE A 58 -19.95 15.35 21.85
N GLN A 59 -21.14 14.94 22.28
CA GLN A 59 -21.52 13.53 22.26
C GLN A 59 -21.76 13.03 20.84
N MET A 60 -22.52 13.79 20.07
CA MET A 60 -22.83 13.34 18.70
C MET A 60 -21.53 13.13 17.96
N ALA A 61 -20.64 14.12 18.11
CA ALA A 61 -19.33 14.06 17.52
C ALA A 61 -18.63 12.79 17.93
N GLY A 62 -18.83 12.37 19.18
CA GLY A 62 -18.22 11.14 19.64
C GLY A 62 -18.76 10.01 18.80
N SER A 63 -20.08 10.00 18.66
CA SER A 63 -20.74 8.92 17.95
C SER A 63 -20.28 8.83 16.50
N VAL A 64 -20.13 9.99 15.86
CA VAL A 64 -19.70 10.00 14.49
C VAL A 64 -18.31 9.38 14.41
N LYS A 65 -17.44 9.82 15.33
CA LYS A 65 -16.08 9.29 15.39
C LYS A 65 -16.03 7.81 15.74
N ALA A 66 -16.82 7.43 16.74
CA ALA A 66 -16.84 6.05 17.20
C ALA A 66 -17.22 5.14 16.06
N ARG A 67 -18.21 5.53 15.28
CA ARG A 67 -18.65 4.72 14.15
C ARG A 67 -17.57 4.58 13.09
N LYS A 68 -16.91 5.70 12.78
CA LYS A 68 -15.85 5.68 11.79
C LYS A 68 -14.85 4.63 12.22
N ALA A 69 -14.44 4.73 13.48
CA ALA A 69 -13.45 3.85 14.07
C ALA A 69 -13.86 2.39 13.98
N ALA A 70 -15.12 2.10 14.28
CA ALA A 70 -15.67 0.75 14.32
C ALA A 70 -15.73 0.00 12.98
N ARG A 71 -15.66 0.72 11.85
CA ARG A 71 -15.63 0.08 10.54
C ARG A 71 -14.40 -0.76 10.43
N HIS A 72 -13.25 -0.13 10.71
CA HIS A 72 -11.96 -0.73 10.53
C HIS A 72 -11.53 -1.39 11.81
N ALA A 73 -12.46 -1.59 12.73
CA ALA A 73 -12.17 -2.17 14.04
C ALA A 73 -12.29 -3.67 13.94
N THR A 74 -12.32 -4.34 15.09
CA THR A 74 -12.49 -5.79 15.16
C THR A 74 -13.90 -6.19 14.76
N SER A 75 -14.23 -7.47 14.87
CA SER A 75 -15.54 -7.98 14.41
C SER A 75 -16.66 -7.56 15.31
N ASP A 76 -16.39 -7.53 16.61
CA ASP A 76 -17.38 -7.14 17.61
C ASP A 76 -17.94 -5.74 17.39
N TRP A 77 -17.13 -4.82 16.88
CA TRP A 77 -17.58 -3.46 16.58
C TRP A 77 -18.32 -3.37 15.26
N MET A 78 -17.81 -4.06 14.25
CA MET A 78 -18.48 -4.10 12.95
C MET A 78 -19.94 -4.50 13.13
N ALA A 79 -20.18 -5.41 14.07
CA ALA A 79 -21.52 -5.85 14.45
C ALA A 79 -22.25 -4.81 15.27
N MET A 80 -21.50 -3.85 15.82
CA MET A 80 -22.08 -2.77 16.62
C MET A 80 -22.53 -1.60 15.73
N GLU A 81 -21.66 -1.16 14.83
CA GLU A 81 -21.95 -0.04 13.91
C GLU A 81 -23.08 -0.37 12.94
N ARG A 82 -23.17 -1.64 12.56
CA ARG A 82 -24.18 -2.11 11.62
C ARG A 82 -25.60 -2.22 12.20
N GLU A 83 -25.78 -1.78 13.44
CA GLU A 83 -27.08 -1.86 14.11
C GLU A 83 -27.92 -0.61 13.89
N ARG A 84 -29.22 -0.72 14.17
CA ARG A 84 -30.19 0.33 13.88
C ARG A 84 -30.08 1.52 14.83
N GLY A 85 -30.03 1.22 16.13
CA GLY A 85 -30.00 2.24 17.18
C GLY A 85 -29.08 3.42 16.92
N ILE A 86 -27.90 3.13 16.35
CA ILE A 86 -26.87 4.15 16.12
C ILE A 86 -27.03 4.88 14.79
N SER A 87 -27.25 4.13 13.72
CA SER A 87 -27.40 4.72 12.39
C SER A 87 -28.58 5.69 12.32
N VAL A 88 -29.44 5.64 13.34
CA VAL A 88 -30.58 6.55 13.47
C VAL A 88 -30.23 7.82 14.25
N THR A 89 -29.57 7.68 15.39
CA THR A 89 -29.14 8.86 16.15
C THR A 89 -28.33 9.84 15.28
N THR A 90 -27.42 9.31 14.46
CA THR A 90 -26.57 10.15 13.62
C THR A 90 -27.15 10.48 12.23
N SER A 91 -28.36 10.00 11.96
CA SER A 91 -29.05 10.19 10.65
C SER A 91 -29.47 11.63 10.40
N VAL A 92 -29.93 12.28 11.47
CA VAL A 92 -30.14 13.72 11.52
C VAL A 92 -29.34 14.22 12.70
N MET A 93 -28.38 15.10 12.46
CA MET A 93 -27.57 15.67 13.54
C MET A 93 -27.80 17.16 13.59
N GLN A 94 -28.33 17.62 14.72
CA GLN A 94 -28.61 19.03 14.93
C GLN A 94 -27.70 19.61 16.00
N PHE A 95 -27.20 20.81 15.76
CA PHE A 95 -26.35 21.50 16.73
C PHE A 95 -26.54 23.00 16.56
N PRO A 96 -26.33 23.77 17.65
CA PRO A 96 -26.50 25.22 17.56
C PRO A 96 -25.20 25.85 17.15
N TYR A 97 -25.26 26.90 16.35
CA TYR A 97 -24.06 27.64 15.99
C TYR A 97 -24.41 29.06 15.68
N ARG A 98 -23.80 29.98 16.43
CA ARG A 98 -24.04 31.41 16.24
C ARG A 98 -25.54 31.72 16.22
N ASP A 99 -26.23 31.04 17.14
CA ASP A 99 -27.67 31.18 17.38
C ASP A 99 -28.55 30.60 16.26
N ARG A 100 -27.92 30.09 15.20
CA ARG A 100 -28.67 29.35 14.15
C ARG A 100 -28.85 27.91 14.60
N VAL A 101 -29.90 27.26 14.15
CA VAL A 101 -30.07 25.87 14.50
C VAL A 101 -29.72 25.12 13.21
N VAL A 102 -28.56 24.49 13.21
CA VAL A 102 -28.11 23.76 12.03
C VAL A 102 -28.57 22.32 12.06
N ASN A 103 -29.35 21.95 11.07
CA ASN A 103 -29.79 20.59 10.91
C ASN A 103 -28.98 20.00 9.76
N LEU A 104 -28.03 19.12 10.11
CA LEU A 104 -27.22 18.42 9.12
C LEU A 104 -27.73 16.98 8.99
N LEU A 105 -28.18 16.63 7.78
CA LEU A 105 -28.75 15.30 7.55
C LEU A 105 -27.73 14.37 6.92
N ASP A 106 -27.55 13.20 7.53
CA ASP A 106 -26.63 12.26 6.99
C ASP A 106 -27.11 11.78 5.64
N THR A 107 -26.18 11.68 4.71
CA THR A 107 -26.43 11.13 3.41
C THR A 107 -25.62 9.86 3.34
N PRO A 108 -26.29 8.70 3.42
CA PRO A 108 -25.59 7.40 3.41
C PRO A 108 -24.70 7.20 2.19
N GLY A 109 -23.48 6.72 2.43
CA GLY A 109 -22.48 6.59 1.38
C GLY A 109 -21.80 5.25 1.43
N HIS A 110 -20.81 5.04 0.56
CA HIS A 110 -20.07 3.79 0.52
C HIS A 110 -21.01 2.62 0.24
N GLN A 111 -20.86 1.60 1.07
CA GLN A 111 -21.67 0.41 1.04
C GLN A 111 -23.13 0.78 1.22
N ASP A 112 -23.40 1.87 1.95
CA ASP A 112 -24.77 2.24 2.26
C ASP A 112 -25.45 3.17 1.25
N PHE A 113 -24.72 3.62 0.26
CA PHE A 113 -25.29 4.53 -0.72
C PHE A 113 -26.52 3.88 -1.33
N SER A 114 -27.62 4.63 -1.39
CA SER A 114 -28.88 4.12 -1.93
C SER A 114 -29.79 5.27 -2.32
N GLU A 115 -30.99 4.94 -2.78
CA GLU A 115 -32.00 5.97 -3.08
C GLU A 115 -32.21 6.93 -1.91
N ASP A 116 -32.03 6.42 -0.71
CA ASP A 116 -32.25 7.22 0.47
C ASP A 116 -31.34 8.44 0.44
N THR A 117 -30.13 8.25 -0.08
CA THR A 117 -29.17 9.34 -0.18
C THR A 117 -29.79 10.50 -0.98
N TYR A 118 -30.42 10.17 -2.11
CA TYR A 118 -31.00 11.18 -2.99
C TYR A 118 -32.15 11.82 -2.28
N ARG A 119 -32.93 10.99 -1.61
CA ARG A 119 -34.11 11.50 -0.93
C ARG A 119 -33.75 12.52 0.14
N VAL A 120 -32.60 12.32 0.78
CA VAL A 120 -32.16 13.24 1.78
C VAL A 120 -32.02 14.60 1.12
N LEU A 121 -31.67 14.63 -0.15
CA LEU A 121 -31.48 15.90 -0.87
C LEU A 121 -32.80 16.60 -1.18
N THR A 122 -33.89 15.85 -1.05
CA THR A 122 -35.24 16.38 -1.26
C THR A 122 -35.80 16.93 0.06
N ALA A 123 -34.94 17.04 1.07
CA ALA A 123 -35.37 17.55 2.37
C ALA A 123 -34.51 18.69 2.95
N VAL A 124 -33.48 19.09 2.23
CA VAL A 124 -32.54 20.10 2.72
C VAL A 124 -32.78 21.40 2.01
N ASP A 125 -32.69 22.54 2.70
CA ASP A 125 -32.85 23.81 2.03
C ASP A 125 -31.62 24.10 1.14
N SER A 126 -30.49 23.50 1.51
CA SER A 126 -29.23 23.71 0.78
C SER A 126 -28.24 22.57 0.99
N ALA A 127 -27.18 22.53 0.18
CA ALA A 127 -26.13 21.52 0.36
C ALA A 127 -24.73 22.10 0.34
N LEU A 128 -23.79 21.34 0.90
CA LEU A 128 -22.36 21.68 0.93
C LEU A 128 -21.58 20.56 0.20
N VAL A 129 -20.81 20.92 -0.81
CA VAL A 129 -19.97 19.94 -1.54
C VAL A 129 -18.59 19.78 -0.91
N VAL A 130 -18.15 18.54 -0.69
CA VAL A 130 -16.78 18.31 -0.15
C VAL A 130 -15.94 17.57 -1.17
N ILE A 131 -14.84 18.19 -1.59
CA ILE A 131 -13.99 17.60 -2.62
C ILE A 131 -12.61 17.23 -2.10
N ASP A 132 -12.12 16.06 -2.50
CA ASP A 132 -10.75 15.68 -2.16
C ASP A 132 -9.86 16.43 -3.12
N ALA A 133 -8.97 17.26 -2.57
CA ALA A 133 -8.17 18.14 -3.42
C ALA A 133 -7.34 17.34 -4.45
N ALA A 134 -6.85 16.19 -4.05
CA ALA A 134 -6.03 15.41 -4.96
C ALA A 134 -6.91 14.89 -6.08
N LYS A 135 -8.12 14.43 -5.76
CA LYS A 135 -8.95 13.82 -6.78
C LYS A 135 -9.83 14.80 -7.58
N GLY A 136 -10.22 15.92 -6.95
CA GLY A 136 -11.14 16.87 -7.57
C GLY A 136 -12.54 16.29 -7.65
N VAL A 137 -13.31 16.70 -8.66
CA VAL A 137 -14.69 16.25 -8.82
C VAL A 137 -14.74 14.81 -9.31
N GLU A 138 -15.26 13.91 -8.47
CA GLU A 138 -15.36 12.50 -8.81
C GLU A 138 -16.79 12.12 -9.19
N ALA A 139 -17.03 10.83 -9.49
CA ALA A 139 -18.33 10.33 -9.98
C ALA A 139 -19.53 10.54 -9.05
N GLN A 140 -19.40 10.22 -7.76
CA GLN A 140 -20.52 10.42 -6.81
C GLN A 140 -20.78 11.90 -6.56
N THR A 141 -19.74 12.71 -6.59
CA THR A 141 -19.93 14.15 -6.47
C THR A 141 -20.77 14.67 -7.62
N ARG A 142 -20.46 14.27 -8.84
CA ARG A 142 -21.25 14.69 -10.01
C ARG A 142 -22.72 14.22 -9.96
N LYS A 143 -22.89 12.93 -9.63
CA LYS A 143 -24.19 12.34 -9.50
C LYS A 143 -25.09 13.10 -8.54
N LEU A 144 -24.61 13.30 -7.32
CA LEU A 144 -25.35 14.02 -6.28
C LEU A 144 -25.63 15.47 -6.69
N MET A 145 -24.65 16.15 -7.26
CA MET A 145 -24.81 17.51 -7.73
C MET A 145 -25.92 17.57 -8.75
N ASP A 146 -26.02 16.51 -9.58
CA ASP A 146 -27.03 16.36 -10.62
C ASP A 146 -28.43 16.49 -10.03
N VAL A 147 -28.59 15.89 -8.85
CA VAL A 147 -29.82 15.96 -8.10
C VAL A 147 -30.09 17.38 -7.62
N CYS A 148 -29.07 18.00 -7.03
CA CYS A 148 -29.19 19.36 -6.49
C CYS A 148 -29.60 20.39 -7.57
N ARG A 149 -29.05 20.22 -8.77
CA ARG A 149 -29.29 21.11 -9.89
C ARG A 149 -30.75 21.13 -10.29
N MET A 150 -31.34 19.94 -10.35
CA MET A 150 -32.71 19.86 -10.84
C MET A 150 -33.69 20.43 -9.83
N ARG A 151 -33.29 20.42 -8.57
CA ARG A 151 -34.12 20.97 -7.53
C ARG A 151 -33.70 22.38 -7.19
N ALA A 152 -32.76 22.93 -7.98
CA ALA A 152 -32.26 24.30 -7.81
C ALA A 152 -31.76 24.61 -6.39
N THR A 153 -30.99 23.68 -5.83
CA THR A 153 -30.52 23.78 -4.47
C THR A 153 -29.17 24.42 -4.43
N PRO A 154 -29.08 25.58 -3.73
CA PRO A 154 -27.81 26.30 -3.52
C PRO A 154 -26.75 25.42 -2.89
N VAL A 155 -25.51 25.57 -3.33
CA VAL A 155 -24.41 24.77 -2.77
C VAL A 155 -23.19 25.58 -2.37
N MET A 156 -22.58 25.20 -1.24
CA MET A 156 -21.32 25.77 -0.77
C MET A 156 -20.28 24.68 -0.98
N THR A 157 -19.04 25.06 -1.32
CA THR A 157 -18.02 24.03 -1.67
C THR A 157 -16.80 24.10 -0.74
N PHE A 158 -16.37 22.96 -0.25
CA PHE A 158 -15.17 22.88 0.57
C PHE A 158 -14.14 21.91 -0.04
N VAL A 159 -12.99 22.45 -0.45
CA VAL A 159 -11.93 21.63 -1.02
C VAL A 159 -11.07 21.22 0.13
N ASN A 160 -11.08 19.92 0.40
CA ASN A 160 -10.42 19.30 1.56
C ASN A 160 -9.04 18.72 1.26
N LYS A 161 -8.32 18.41 2.35
CA LYS A 161 -6.99 17.74 2.35
C LYS A 161 -5.84 18.54 1.75
N MET A 162 -5.77 19.85 2.04
CA MET A 162 -4.63 20.66 1.60
C MET A 162 -3.26 20.29 2.22
N ASP A 163 -3.26 19.36 3.18
CA ASP A 163 -2.03 18.92 3.81
C ASP A 163 -1.33 17.80 3.04
N ARG A 164 -2.06 17.18 2.11
CA ARG A 164 -1.50 16.18 1.23
C ARG A 164 -1.29 16.92 -0.09
N GLU A 165 -0.42 16.40 -0.95
CA GLU A 165 -0.21 17.02 -2.27
C GLU A 165 -1.52 17.00 -3.04
N ALA A 166 -1.82 18.07 -3.75
CA ALA A 166 -3.11 18.21 -4.41
C ALA A 166 -3.04 18.92 -5.77
N LEU A 167 -4.18 18.99 -6.47
CA LEU A 167 -4.27 19.76 -7.70
C LEU A 167 -4.06 21.24 -7.40
N HIS A 168 -3.68 22.03 -8.38
CA HIS A 168 -3.52 23.47 -8.13
C HIS A 168 -4.91 24.05 -7.90
N PRO A 169 -5.02 25.08 -7.05
CA PRO A 169 -6.36 25.58 -6.71
C PRO A 169 -7.12 26.09 -7.93
N LEU A 170 -6.46 26.79 -8.83
CA LEU A 170 -7.12 27.20 -10.05
C LEU A 170 -7.61 25.99 -10.83
N ASP A 171 -6.79 24.94 -10.90
CA ASP A 171 -7.19 23.69 -11.57
C ASP A 171 -8.45 23.10 -10.92
N VAL A 172 -8.51 23.17 -9.57
CA VAL A 172 -9.63 22.63 -8.78
C VAL A 172 -10.91 23.38 -9.07
N MET A 173 -10.81 24.70 -9.21
CA MET A 173 -12.01 25.47 -9.47
C MET A 173 -12.51 25.09 -10.86
N ALA A 174 -11.57 25.07 -11.80
CA ALA A 174 -11.83 24.77 -13.20
C ALA A 174 -12.55 23.46 -13.23
N ASP A 175 -12.09 22.52 -12.39
CA ASP A 175 -12.69 21.20 -12.34
C ASP A 175 -14.14 21.28 -11.87
N ILE A 176 -14.34 22.07 -10.81
CA ILE A 176 -15.68 22.23 -10.25
C ILE A 176 -16.61 22.89 -11.26
N GLU A 177 -16.17 24.04 -11.78
CA GLU A 177 -16.94 24.71 -12.77
C GLU A 177 -17.33 23.78 -13.92
N GLN A 178 -16.37 23.07 -14.48
CA GLN A 178 -16.67 22.19 -15.61
C GLN A 178 -17.67 21.10 -15.28
N HIS A 179 -17.42 20.39 -14.19
CA HIS A 179 -18.22 19.22 -13.87
C HIS A 179 -19.45 19.39 -13.04
N LEU A 180 -19.54 20.46 -12.26
CA LEU A 180 -20.76 20.73 -11.48
C LEU A 180 -21.54 21.85 -12.14
N GLN A 181 -21.07 22.29 -13.30
CA GLN A 181 -21.79 23.29 -14.11
C GLN A 181 -22.30 24.50 -13.31
N ILE A 182 -21.37 25.17 -12.64
CA ILE A 182 -21.68 26.27 -11.75
C ILE A 182 -20.47 27.17 -11.70
N GLU A 183 -20.69 28.46 -11.48
CA GLU A 183 -19.57 29.39 -11.32
C GLU A 183 -18.90 29.19 -9.95
N CYS A 184 -17.58 29.40 -9.89
CA CYS A 184 -16.83 29.30 -8.62
C CYS A 184 -16.40 30.67 -8.03
N ALA A 185 -16.82 30.94 -6.78
CA ALA A 185 -16.44 32.18 -6.11
C ALA A 185 -15.57 31.80 -4.93
N PRO A 186 -14.25 31.96 -5.07
CA PRO A 186 -13.39 31.54 -3.95
C PRO A 186 -13.54 32.53 -2.79
N MET A 187 -13.69 31.99 -1.59
CA MET A 187 -13.72 32.85 -0.39
C MET A 187 -12.38 32.81 0.37
N THR A 188 -11.76 31.63 0.36
CA THR A 188 -10.48 31.40 1.01
C THR A 188 -9.51 30.72 0.04
N TRP A 189 -8.29 31.21 -0.04
CA TRP A 189 -7.29 30.65 -0.97
C TRP A 189 -6.15 30.03 -0.18
N PRO A 190 -5.60 28.93 -0.68
CA PRO A 190 -4.50 28.21 -0.02
C PRO A 190 -3.14 28.68 -0.45
N ILE A 191 -2.21 28.74 0.51
CA ILE A 191 -0.84 29.05 0.22
C ILE A 191 -0.15 27.71 0.27
N GLY A 192 0.42 27.33 -0.87
CA GLY A 192 1.15 26.09 -0.98
C GLY A 192 0.22 24.90 -0.88
N MET A 193 0.81 23.72 -0.73
CA MET A 193 0.08 22.48 -0.63
C MET A 193 1.02 21.43 -0.07
N GLY A 194 0.47 20.28 0.29
CA GLY A 194 1.26 19.21 0.88
C GLY A 194 2.18 19.69 1.98
N SER A 195 3.45 19.31 1.87
CA SER A 195 4.42 19.65 2.88
C SER A 195 4.62 21.16 2.96
N SER A 196 4.29 21.84 1.87
CA SER A 196 4.48 23.28 1.77
C SER A 196 3.18 24.01 2.02
N PHE A 197 2.26 23.38 2.72
CA PHE A 197 0.97 24.00 2.99
C PHE A 197 1.15 24.95 4.16
N LYS A 198 0.95 26.23 3.90
CA LYS A 198 1.13 27.24 4.94
C LYS A 198 -0.18 27.60 5.61
N GLY A 199 -1.25 27.57 4.85
CA GLY A 199 -2.56 27.98 5.35
C GLY A 199 -3.41 28.61 4.27
N THR A 200 -4.34 29.47 4.68
CA THR A 200 -5.27 30.10 3.74
C THR A 200 -5.37 31.60 3.95
N TYR A 201 -5.65 32.31 2.88
CA TYR A 201 -5.93 33.73 2.94
C TYR A 201 -7.42 33.92 2.62
N ASP A 202 -8.14 34.55 3.54
CA ASP A 202 -9.56 34.80 3.38
C ASP A 202 -9.67 36.17 2.69
N LEU A 203 -10.09 36.15 1.43
CA LEU A 203 -10.09 37.34 0.57
C LEU A 203 -11.00 38.49 1.03
N LEU A 204 -12.20 38.18 1.49
CA LEU A 204 -13.11 39.25 1.89
C LEU A 204 -12.75 39.86 3.22
N HIS A 205 -12.29 39.02 4.14
CA HIS A 205 -11.97 39.50 5.49
C HIS A 205 -10.55 40.04 5.67
N LYS A 206 -9.76 39.95 4.60
CA LYS A 206 -8.36 40.41 4.59
C LYS A 206 -7.60 39.80 5.77
N GLN A 207 -7.80 38.50 5.97
CA GLN A 207 -7.14 37.75 7.03
C GLN A 207 -6.33 36.56 6.54
N LEU A 208 -5.24 36.27 7.25
CA LEU A 208 -4.34 35.18 6.90
C LEU A 208 -4.34 34.12 7.98
N HIS A 209 -4.68 32.89 7.58
CA HIS A 209 -4.76 31.78 8.55
C HIS A 209 -3.68 30.73 8.36
N LEU A 210 -2.75 30.69 9.32
CA LEU A 210 -1.61 29.78 9.29
C LEU A 210 -1.97 28.40 9.80
N PHE A 211 -1.37 27.39 9.22
CA PHE A 211 -1.61 26.03 9.63
C PHE A 211 -0.51 25.60 10.59
N SER A 212 -0.90 25.12 11.77
CA SER A 212 0.08 24.74 12.80
C SER A 212 -0.44 23.63 13.72
N ALA A 213 0.47 22.97 14.42
CA ALA A 213 0.11 21.92 15.37
C ALA A 213 0.83 22.09 16.72
N ILE A 219 -9.07 26.19 17.68
CA ILE A 219 -8.68 26.97 16.51
C ILE A 219 -7.96 28.25 16.91
N GLN A 220 -7.59 29.05 15.89
CA GLN A 220 -6.69 30.20 16.05
C GLN A 220 -7.23 31.49 15.46
N SER A 221 -6.90 32.61 16.10
CA SER A 221 -7.29 33.92 15.56
C SER A 221 -6.34 34.34 14.44
N GLY A 222 -6.93 34.73 13.31
CA GLY A 222 -6.19 35.07 12.10
C GLY A 222 -5.48 36.41 12.13
N ILE A 223 -4.69 36.66 11.08
CA ILE A 223 -3.85 37.87 10.97
C ILE A 223 -4.38 38.83 9.92
N VAL A 224 -4.51 40.10 10.28
CA VAL A 224 -5.02 41.07 9.33
C VAL A 224 -3.95 41.50 8.34
N ILE A 225 -4.32 41.54 7.06
CA ILE A 225 -3.41 41.95 6.02
C ILE A 225 -3.96 43.23 5.40
N HIS A 226 -3.11 44.25 5.29
CA HIS A 226 -3.51 45.52 4.69
C HIS A 226 -2.83 45.64 3.34
N GLY A 227 -3.60 45.39 2.28
CA GLY A 227 -3.06 45.38 0.93
C GLY A 227 -2.29 44.11 0.65
N ALA A 228 -2.00 43.85 -0.62
CA ALA A 228 -1.17 42.71 -1.00
C ALA A 228 0.32 43.10 -0.87
N ASP A 229 0.54 44.38 -0.57
CA ASP A 229 1.87 44.95 -0.37
C ASP A 229 2.34 44.80 1.06
N ASP A 230 1.50 44.25 1.92
CA ASP A 230 1.86 44.06 3.33
C ASP A 230 3.09 43.17 3.45
N PRO A 231 4.09 43.65 4.19
CA PRO A 231 5.31 42.91 4.47
C PRO A 231 5.04 41.68 5.35
N GLN A 232 3.90 41.67 6.02
CA GLN A 232 3.50 40.54 6.87
C GLN A 232 3.42 39.27 6.04
N LEU A 233 3.00 39.39 4.80
CA LEU A 233 2.94 38.26 3.89
C LEU A 233 4.33 37.66 3.72
N ASP A 234 5.30 38.52 3.43
CA ASP A 234 6.67 38.09 3.35
C ASP A 234 7.12 37.44 4.66
N GLU A 235 6.79 38.09 5.77
CA GLU A 235 7.16 37.62 7.11
C GLU A 235 6.67 36.20 7.44
N TYR A 236 5.41 35.91 7.12
CA TYR A 236 4.80 34.65 7.50
C TYR A 236 4.84 33.57 6.42
N LEU A 237 4.85 33.96 5.16
CA LEU A 237 4.81 33.00 4.05
C LEU A 237 6.18 32.81 3.39
N GLY A 238 7.14 33.67 3.73
CA GLY A 238 8.46 33.54 3.16
C GLY A 238 8.44 33.69 1.65
N ASP A 239 9.15 32.81 0.96
CA ASP A 239 9.28 32.88 -0.50
C ASP A 239 7.99 32.47 -1.21
N GLN A 240 7.07 31.89 -0.45
CA GLN A 240 5.77 31.48 -0.96
C GLN A 240 4.81 32.66 -1.06
N ALA A 241 5.20 33.79 -0.46
CA ALA A 241 4.42 35.01 -0.53
C ALA A 241 4.17 35.41 -1.99
N GLU A 242 5.17 35.15 -2.83
CA GLU A 242 5.11 35.49 -4.23
C GLU A 242 3.95 34.79 -4.93
N GLN A 243 3.72 33.53 -4.59
CA GLN A 243 2.63 32.77 -5.25
C GLN A 243 1.24 33.27 -4.91
N LEU A 244 1.03 33.64 -3.65
CA LEU A 244 -0.25 34.18 -3.21
C LEU A 244 -0.54 35.48 -3.93
N ARG A 245 0.44 36.39 -3.93
CA ARG A 245 0.31 37.66 -4.66
C ARG A 245 0.08 37.37 -6.14
N MET A 246 0.87 36.43 -6.67
CA MET A 246 0.72 35.97 -8.04
C MET A 246 -0.71 35.47 -8.29
N ASP A 247 -1.18 34.53 -7.45
CA ASP A 247 -2.53 33.95 -7.56
C ASP A 247 -3.64 34.96 -7.39
N LEU A 248 -3.49 35.87 -6.42
CA LEU A 248 -4.52 36.88 -6.11
C LEU A 248 -4.81 37.85 -7.23
N ALA A 249 -3.77 38.31 -7.91
CA ALA A 249 -3.96 39.21 -9.05
C ALA A 249 -4.70 38.49 -10.18
N LEU A 250 -4.38 37.21 -10.36
CA LEU A 250 -5.05 36.41 -11.37
C LEU A 250 -6.52 36.31 -11.01
N LEU A 251 -6.79 36.07 -9.73
CA LEU A 251 -8.16 35.94 -9.23
C LEU A 251 -8.97 37.22 -9.42
N GLU A 252 -8.38 38.36 -9.10
CA GLU A 252 -9.06 39.65 -9.21
C GLU A 252 -9.35 40.01 -10.64
N GLU A 253 -8.97 39.15 -11.59
CA GLU A 253 -9.23 39.40 -13.00
C GLU A 253 -10.26 38.43 -13.56
N ALA A 254 -9.92 37.15 -13.59
CA ALA A 254 -10.88 36.12 -13.98
C ALA A 254 -11.61 35.64 -12.73
N GLY A 255 -12.12 36.58 -11.94
CA GLY A 255 -12.69 36.26 -10.62
C GLY A 255 -14.18 36.48 -10.42
N THR A 256 -14.79 35.53 -9.71
CA THR A 256 -16.19 35.65 -9.41
C THR A 256 -16.38 35.97 -7.92
N PRO A 257 -16.77 37.22 -7.61
CA PRO A 257 -17.07 37.66 -6.25
C PRO A 257 -18.31 36.91 -5.81
N PHE A 258 -18.34 36.39 -4.60
CA PHE A 258 -19.53 35.67 -4.16
C PHE A 258 -20.69 36.63 -4.27
N ASP A 259 -21.77 36.19 -4.90
CA ASP A 259 -22.95 37.04 -5.07
C ASP A 259 -24.09 36.29 -4.41
N GLU A 260 -24.65 36.85 -3.35
CA GLU A 260 -25.66 36.12 -2.61
C GLU A 260 -26.83 35.65 -3.46
N GLU A 261 -27.39 36.55 -4.26
CA GLU A 261 -28.56 36.19 -5.04
C GLU A 261 -28.23 35.08 -6.01
N ARG A 262 -27.04 35.14 -6.62
CA ARG A 262 -26.60 34.11 -7.59
C ARG A 262 -26.42 32.78 -6.86
N TYR A 263 -25.90 32.81 -5.64
CA TYR A 263 -25.74 31.57 -4.86
C TYR A 263 -27.08 30.89 -4.63
N LEU A 264 -28.09 31.68 -4.30
CA LEU A 264 -29.42 31.16 -4.04
C LEU A 264 -30.09 30.62 -5.29
N LYS A 265 -29.80 31.21 -6.44
CA LYS A 265 -30.33 30.73 -7.71
C LYS A 265 -29.64 29.44 -8.16
N GLY A 266 -28.50 29.13 -7.55
CA GLY A 266 -27.75 27.94 -7.90
C GLY A 266 -26.72 28.17 -8.99
N GLU A 267 -26.69 29.40 -9.50
CA GLU A 267 -25.74 29.78 -10.53
C GLU A 267 -24.30 29.82 -10.02
N LEU A 268 -24.13 30.04 -8.71
CA LEU A 268 -22.81 30.29 -8.15
C LEU A 268 -22.53 29.54 -6.84
N THR A 269 -21.26 29.22 -6.59
CA THR A 269 -20.88 28.52 -5.37
C THR A 269 -19.63 29.09 -4.70
N PRO A 270 -19.70 29.31 -3.37
CA PRO A 270 -18.56 29.83 -2.61
C PRO A 270 -17.61 28.71 -2.32
N VAL A 271 -16.32 28.93 -2.54
CA VAL A 271 -15.34 27.84 -2.39
C VAL A 271 -14.38 28.11 -1.23
N PHE A 272 -14.13 27.07 -0.44
CA PHE A 272 -13.21 27.15 0.70
C PHE A 272 -12.16 26.04 0.64
N PHE A 273 -10.91 26.35 0.95
CA PHE A 273 -9.86 25.34 1.03
C PHE A 273 -9.50 25.03 2.49
N GLY A 274 -9.20 23.78 2.78
CA GLY A 274 -8.96 23.38 4.16
C GLY A 274 -8.49 21.94 4.36
N SER A 275 -8.28 21.60 5.62
CA SER A 275 -7.80 20.30 5.98
C SER A 275 -8.68 19.89 7.14
N ALA A 276 -9.77 19.21 6.81
CA ALA A 276 -10.73 18.84 7.82
C ALA A 276 -10.02 18.01 8.89
N ILE A 277 -9.15 17.10 8.49
CA ILE A 277 -8.52 16.25 9.48
C ILE A 277 -7.96 17.12 10.60
N ASN A 278 -7.40 18.28 10.23
CA ASN A 278 -6.75 19.18 11.17
C ASN A 278 -7.67 20.29 11.68
N ASN A 279 -8.96 20.16 11.40
CA ASN A 279 -9.90 21.18 11.79
C ASN A 279 -9.40 22.52 11.30
N PHE A 280 -8.98 22.56 10.04
CA PHE A 280 -8.45 23.79 9.47
C PHE A 280 -9.22 24.29 8.26
N GLY A 281 -9.63 25.55 8.33
CA GLY A 281 -10.38 26.19 7.25
C GLY A 281 -11.86 26.03 7.43
N VAL A 282 -12.25 25.07 8.24
CA VAL A 282 -13.65 24.82 8.57
C VAL A 282 -14.38 26.04 9.16
N ARG A 283 -13.75 26.81 10.04
CA ARG A 283 -14.46 27.91 10.71
C ARG A 283 -15.04 28.90 9.74
N GLU A 284 -14.22 29.29 8.77
CA GLU A 284 -14.66 30.23 7.77
C GLU A 284 -15.84 29.67 6.95
N MET A 285 -15.74 28.40 6.54
CA MET A 285 -16.81 27.77 5.77
C MET A 285 -18.12 27.70 6.59
N LEU A 286 -17.97 27.36 7.88
CA LEU A 286 -19.12 27.24 8.78
C LEU A 286 -19.78 28.59 8.93
N ASP A 287 -18.99 29.64 9.02
CA ASP A 287 -19.51 30.99 9.21
C ASP A 287 -20.27 31.43 7.98
N MET A 288 -19.71 31.10 6.82
CA MET A 288 -20.32 31.52 5.56
C MET A 288 -21.67 30.86 5.50
N PHE A 289 -21.71 29.59 5.91
CA PHE A 289 -22.94 28.79 5.87
C PHE A 289 -24.03 29.33 6.77
N VAL A 290 -23.71 29.67 8.03
CA VAL A 290 -24.76 30.09 8.94
C VAL A 290 -25.31 31.47 8.49
N GLU A 291 -24.42 32.33 8.01
CA GLU A 291 -24.81 33.67 7.57
C GLU A 291 -25.62 33.71 6.28
N PHE A 292 -25.29 32.88 5.28
CA PHE A 292 -25.91 33.01 3.93
C PHE A 292 -26.73 31.81 3.43
N ALA A 293 -26.53 30.63 4.00
CA ALA A 293 -27.33 29.46 3.59
C ALA A 293 -28.84 29.67 3.84
N PRO A 294 -29.65 29.14 2.96
CA PRO A 294 -31.10 29.30 3.06
C PRO A 294 -31.74 28.68 4.31
N GLY A 295 -32.72 29.41 4.84
CA GLY A 295 -33.57 28.91 5.92
C GLY A 295 -34.68 28.12 5.25
N PRO A 296 -35.61 27.57 6.05
CA PRO A 296 -36.66 26.74 5.46
C PRO A 296 -37.44 27.52 4.39
N GLN A 297 -37.62 26.85 3.25
CA GLN A 297 -38.22 27.43 2.07
C GLN A 297 -39.61 26.90 1.85
N PRO A 298 -40.44 27.65 1.08
CA PRO A 298 -41.81 27.21 0.76
C PRO A 298 -41.78 25.89 0.01
N ARG A 299 -42.78 25.05 0.25
CA ARG A 299 -42.89 23.77 -0.38
C ARG A 299 -44.15 23.70 -1.24
N PRO A 300 -44.02 23.18 -2.47
CA PRO A 300 -45.17 23.05 -3.36
C PRO A 300 -46.10 21.91 -2.93
N ALA A 301 -47.38 22.08 -3.16
CA ALA A 301 -48.38 21.05 -2.93
C ALA A 301 -49.35 21.13 -4.09
N ALA A 302 -50.23 20.13 -4.24
CA ALA A 302 -51.17 20.08 -5.36
C ALA A 302 -52.08 21.31 -5.38
N THR A 303 -52.65 21.64 -4.22
CA THR A 303 -53.57 22.76 -4.16
C THR A 303 -52.85 24.11 -4.10
N ARG A 304 -51.77 24.19 -3.32
CA ARG A 304 -51.05 25.44 -3.10
C ARG A 304 -49.64 25.29 -2.54
N VAL A 305 -49.00 26.44 -2.32
CA VAL A 305 -47.65 26.53 -1.77
C VAL A 305 -47.68 26.80 -0.27
N VAL A 306 -47.32 25.77 0.52
CA VAL A 306 -47.24 25.90 1.97
C VAL A 306 -46.08 26.80 2.35
N GLU A 307 -46.31 27.71 3.30
CA GLU A 307 -45.27 28.62 3.79
C GLU A 307 -44.90 28.18 5.20
N PRO A 308 -43.59 28.18 5.52
CA PRO A 308 -43.16 27.74 6.85
C PRO A 308 -43.74 28.66 7.89
N GLY A 309 -44.11 29.85 7.45
CA GLY A 309 -44.78 30.84 8.30
C GLY A 309 -46.11 30.42 8.89
N GLU A 310 -46.89 29.59 8.19
CA GLU A 310 -48.21 29.18 8.69
C GLU A 310 -48.18 28.46 10.02
N GLU A 311 -49.12 28.80 10.91
CA GLU A 311 -49.21 28.17 12.22
C GLU A 311 -49.56 26.68 12.18
N ALA A 312 -50.37 26.29 11.20
CA ALA A 312 -50.84 24.91 11.10
C ALA A 312 -49.69 23.97 10.73
N PHE A 313 -49.49 22.92 11.53
CA PHE A 313 -48.39 21.98 11.28
C PHE A 313 -48.57 21.15 10.03
N THR A 314 -47.52 21.08 9.21
CA THR A 314 -47.48 20.22 8.04
C THR A 314 -46.12 19.51 7.96
N GLY A 315 -46.10 18.31 7.40
CA GLY A 315 -44.85 17.60 7.24
C GLY A 315 -44.84 16.67 6.04
N VAL A 316 -43.65 16.37 5.53
CA VAL A 316 -43.54 15.47 4.38
C VAL A 316 -42.56 14.32 4.63
N VAL A 317 -42.99 13.09 4.37
CA VAL A 317 -42.12 11.95 4.57
C VAL A 317 -41.08 11.92 3.47
N PHE A 318 -39.80 11.81 3.82
CA PHE A 318 -38.76 11.73 2.82
C PHE A 318 -37.91 10.47 2.96
N LYS A 319 -38.01 9.80 4.09
CA LYS A 319 -37.19 8.63 4.35
C LYS A 319 -38.01 7.67 5.17
N ILE A 320 -37.80 6.37 4.95
CA ILE A 320 -38.51 5.36 5.73
C ILE A 320 -37.53 4.30 6.19
N GLN A 321 -37.78 3.70 7.35
CA GLN A 321 -36.86 2.69 7.86
C GLN A 321 -37.55 1.55 8.63
N ALA A 322 -37.13 0.30 8.36
CA ALA A 322 -37.67 -0.88 9.07
C ALA A 322 -36.88 -1.26 10.33
N ARG A 331 -41.03 0.12 12.76
CA ARG A 331 -40.87 0.92 11.55
C ARG A 331 -40.99 2.40 11.86
N MET A 332 -40.07 3.20 11.33
CA MET A 332 -40.08 4.65 11.53
C MET A 332 -40.04 5.46 10.25
N ALA A 333 -40.84 6.50 10.18
CA ALA A 333 -40.82 7.35 9.01
C ALA A 333 -40.28 8.73 9.39
N PHE A 334 -39.17 9.13 8.77
CA PHE A 334 -38.58 10.44 9.04
C PHE A 334 -39.38 11.45 8.26
N LEU A 335 -39.67 12.57 8.90
CA LEU A 335 -40.51 13.60 8.30
C LEU A 335 -39.88 14.99 8.42
N ARG A 336 -39.95 15.74 7.36
CA ARG A 336 -39.45 17.10 7.37
C ARG A 336 -40.63 17.99 7.66
N ILE A 337 -40.44 18.92 8.57
CA ILE A 337 -41.50 19.79 8.98
C ILE A 337 -41.57 20.92 7.97
N CYS A 338 -42.71 21.05 7.30
CA CYS A 338 -42.89 22.05 6.26
C CYS A 338 -43.48 23.38 6.72
N SER A 339 -44.24 23.37 7.80
CA SER A 339 -44.80 24.58 8.40
C SER A 339 -45.37 24.25 9.76
N GLY A 340 -45.49 25.23 10.65
CA GLY A 340 -46.10 25.00 11.96
C GLY A 340 -45.15 24.48 13.03
N THR A 341 -45.71 23.96 14.13
CA THR A 341 -44.92 23.52 15.28
C THR A 341 -45.27 22.10 15.69
N PHE A 342 -44.24 21.27 15.89
CA PHE A 342 -44.48 19.88 16.31
C PHE A 342 -44.24 19.64 17.80
N THR A 343 -45.20 19.01 18.46
CA THR A 343 -45.07 18.61 19.87
C THR A 343 -45.59 17.19 20.03
N ARG A 344 -45.21 16.53 21.12
CA ARG A 344 -45.60 15.13 21.36
C ARG A 344 -47.11 14.91 21.44
N GLY A 345 -47.79 15.65 22.32
CA GLY A 345 -49.19 15.41 22.61
C GLY A 345 -50.16 15.70 21.49
N MET A 346 -49.67 16.23 20.36
CA MET A 346 -50.52 16.65 19.23
C MET A 346 -51.09 15.53 18.40
N ARG A 347 -52.12 15.86 17.63
CA ARG A 347 -52.75 14.89 16.76
C ARG A 347 -52.54 15.27 15.30
N LEU A 348 -52.12 14.28 14.52
CA LEU A 348 -51.85 14.44 13.09
C LEU A 348 -52.75 13.53 12.26
N LYS A 349 -53.10 13.98 11.07
CA LYS A 349 -53.94 13.21 10.16
C LYS A 349 -53.12 12.73 8.98
N HIS A 350 -53.09 11.42 8.79
CA HIS A 350 -52.40 10.79 7.66
C HIS A 350 -53.33 10.85 6.45
N HIS A 351 -53.02 11.70 5.48
CA HIS A 351 -53.93 11.96 4.37
C HIS A 351 -54.18 10.80 3.40
N ARG A 352 -53.14 10.03 3.09
CA ARG A 352 -53.31 8.94 2.12
C ARG A 352 -54.25 7.87 2.64
N THR A 353 -54.05 7.45 3.90
CA THR A 353 -54.97 6.49 4.52
C THR A 353 -56.21 7.18 5.06
N GLY A 354 -56.16 8.51 5.23
CA GLY A 354 -57.25 9.25 5.81
C GLY A 354 -57.31 9.04 7.31
N LYS A 355 -56.37 8.28 7.86
CA LYS A 355 -56.34 7.94 9.27
C LYS A 355 -55.94 9.09 10.19
N ASP A 356 -56.11 8.87 11.49
CA ASP A 356 -55.71 9.81 12.51
C ASP A 356 -54.51 9.18 13.18
N VAL A 357 -53.39 9.90 13.26
CA VAL A 357 -52.17 9.29 13.77
C VAL A 357 -51.63 9.94 15.05
N THR A 358 -51.07 9.11 15.91
CA THR A 358 -50.50 9.54 17.19
C THR A 358 -48.98 9.63 17.16
N VAL A 359 -48.47 10.73 17.68
CA VAL A 359 -47.06 11.00 17.70
C VAL A 359 -46.58 11.00 19.14
N ALA A 360 -47.35 10.33 19.99
CA ALA A 360 -47.14 10.35 21.44
C ALA A 360 -45.69 10.14 21.85
N ASN A 361 -45.02 9.20 21.19
CA ASN A 361 -43.63 8.89 21.48
C ASN A 361 -42.84 8.82 20.19
N ALA A 362 -42.77 9.95 19.52
CA ALA A 362 -42.00 10.09 18.29
C ALA A 362 -40.54 10.31 18.64
N THR A 363 -39.73 10.59 17.63
CA THR A 363 -38.36 10.96 17.87
C THR A 363 -38.22 12.39 17.42
N ILE A 364 -37.84 13.29 18.31
CA ILE A 364 -37.54 14.66 17.89
C ILE A 364 -36.02 14.80 17.84
N PHE A 365 -35.49 15.21 16.69
CA PHE A 365 -34.06 15.39 16.57
C PHE A 365 -33.63 16.78 17.04
N MET A 366 -32.91 16.81 18.15
CA MET A 366 -32.46 18.07 18.71
C MET A 366 -31.09 17.99 19.38
N ALA A 367 -30.43 19.14 19.49
CA ALA A 367 -29.15 19.19 20.12
C ALA A 367 -29.24 18.75 21.56
N GLN A 368 -28.13 18.20 22.08
CA GLN A 368 -28.05 17.82 23.48
C GLN A 368 -28.18 19.07 24.34
N ASP A 369 -28.39 18.87 25.64
CA ASP A 369 -28.68 20.02 26.52
C ASP A 369 -29.92 20.73 25.97
N ARG A 370 -31.04 20.04 25.99
CA ARG A 370 -32.29 20.48 25.37
C ARG A 370 -32.82 21.81 25.94
N THR A 371 -33.09 21.82 27.24
CA THR A 371 -33.46 23.05 27.96
C THR A 371 -34.65 23.87 27.40
N GLY A 372 -35.70 23.22 26.93
CA GLY A 372 -36.88 23.97 26.51
C GLY A 372 -38.08 23.05 26.43
N VAL A 373 -39.28 23.59 26.35
CA VAL A 373 -40.40 22.71 26.05
C VAL A 373 -39.98 21.97 24.77
N GLU A 374 -40.34 20.69 24.67
CA GLU A 374 -39.94 19.88 23.52
C GLU A 374 -40.84 20.15 22.33
N GLU A 375 -40.31 20.90 21.38
CA GLU A 375 -41.03 21.29 20.19
C GLU A 375 -40.06 21.41 19.04
N ALA A 376 -40.57 21.29 17.83
CA ALA A 376 -39.74 21.36 16.66
C ALA A 376 -40.33 22.38 15.72
N PHE A 377 -39.47 23.03 14.94
CA PHE A 377 -39.88 24.05 14.02
C PHE A 377 -39.56 23.73 12.59
N PRO A 378 -40.16 24.47 11.65
CA PRO A 378 -40.01 24.09 10.24
C PRO A 378 -38.54 23.98 9.92
N GLY A 379 -38.17 22.91 9.25
CA GLY A 379 -36.81 22.68 8.81
C GLY A 379 -36.19 21.59 9.64
N ASP A 380 -36.84 21.25 10.74
CA ASP A 380 -36.38 20.15 11.61
C ASP A 380 -36.85 18.78 11.07
N ILE A 381 -36.37 17.71 11.70
CA ILE A 381 -36.77 16.36 11.30
C ILE A 381 -37.31 15.61 12.50
N ILE A 382 -38.31 14.78 12.29
CA ILE A 382 -38.89 14.03 13.38
C ILE A 382 -39.15 12.60 12.94
N GLY A 383 -39.05 11.66 13.87
CA GLY A 383 -39.24 10.26 13.55
C GLY A 383 -40.58 9.76 14.04
N ILE A 384 -41.53 9.63 13.12
CA ILE A 384 -42.87 9.16 13.44
C ILE A 384 -42.84 7.65 13.35
N PRO A 385 -43.13 6.95 14.46
CA PRO A 385 -43.26 5.51 14.33
C PRO A 385 -44.64 5.20 13.76
N ASN A 386 -44.66 4.47 12.65
CA ASN A 386 -45.89 4.06 12.01
C ASN A 386 -45.66 2.75 11.25
N HIS A 387 -46.49 1.75 11.51
CA HIS A 387 -46.30 0.44 10.89
C HIS A 387 -46.99 0.35 9.53
N GLY A 388 -46.18 0.11 8.49
CA GLY A 388 -46.65 -0.01 7.12
C GLY A 388 -47.45 1.21 6.71
N THR A 389 -48.30 1.04 5.68
CA THR A 389 -49.23 2.08 5.22
C THR A 389 -48.64 3.50 5.15
N ILE A 390 -47.45 3.62 4.56
CA ILE A 390 -46.79 4.91 4.31
C ILE A 390 -46.14 4.85 2.94
N LYS A 391 -45.83 6.00 2.37
CA LYS A 391 -45.01 6.10 1.16
C LYS A 391 -44.06 7.28 1.23
N ILE A 392 -43.13 7.32 0.29
CA ILE A 392 -42.21 8.41 0.25
C ILE A 392 -42.93 9.63 -0.33
N GLY A 393 -43.08 10.67 0.47
CA GLY A 393 -43.81 11.84 0.01
C GLY A 393 -45.13 12.09 0.72
N ASP A 394 -45.64 11.07 1.42
CA ASP A 394 -46.85 11.19 2.22
C ASP A 394 -46.84 12.46 3.04
N THR A 395 -48.01 13.10 3.14
CA THR A 395 -48.18 14.35 3.86
C THR A 395 -48.97 14.12 5.15
N PHE A 396 -48.50 14.71 6.24
CA PHE A 396 -49.20 14.72 7.52
C PHE A 396 -49.51 16.18 7.89
N THR A 397 -50.74 16.47 8.28
CA THR A 397 -51.10 17.82 8.71
C THR A 397 -51.79 17.82 10.08
N GLU A 398 -52.08 19.02 10.57
CA GLU A 398 -52.82 19.20 11.81
C GLU A 398 -54.29 19.46 11.49
N SER A 399 -54.53 20.36 10.54
CA SER A 399 -55.90 20.74 10.13
C SER A 399 -56.71 19.64 9.41
N LYS A 400 -58.00 19.91 9.26
CA LYS A 400 -58.93 19.03 8.52
C LYS A 400 -58.98 19.37 7.02
N GLU A 401 -57.90 19.89 6.48
CA GLU A 401 -57.86 20.25 5.07
C GLU A 401 -57.15 19.15 4.30
N VAL A 402 -57.50 19.02 3.03
CA VAL A 402 -56.80 18.11 2.14
C VAL A 402 -55.56 18.85 1.64
N LEU A 403 -54.41 18.22 1.82
CA LEU A 403 -53.14 18.80 1.43
C LEU A 403 -52.23 17.70 0.91
N LYS A 404 -51.54 17.95 -0.20
CA LYS A 404 -50.64 16.92 -0.67
C LYS A 404 -49.36 17.54 -1.17
N PHE A 405 -48.29 17.37 -0.42
CA PHE A 405 -47.00 17.81 -0.88
C PHE A 405 -46.56 16.99 -2.09
N VAL A 406 -45.98 17.69 -3.06
CA VAL A 406 -45.51 17.10 -4.30
C VAL A 406 -44.02 17.37 -4.50
N GLY A 407 -43.44 16.66 -5.48
CA GLY A 407 -42.08 16.93 -5.89
C GLY A 407 -40.96 16.04 -5.41
N ILE A 408 -41.23 15.13 -4.49
CA ILE A 408 -40.25 14.13 -4.12
C ILE A 408 -40.46 12.94 -5.07
N PRO A 409 -39.47 12.68 -5.92
CA PRO A 409 -39.66 11.68 -6.98
C PRO A 409 -38.95 10.38 -6.65
N ASN A 410 -39.02 9.46 -7.60
CA ASN A 410 -38.17 8.29 -7.62
C ASN A 410 -37.09 8.69 -8.59
N PHE A 411 -35.88 8.21 -8.39
CA PHE A 411 -34.78 8.51 -9.32
C PHE A 411 -34.44 7.25 -10.12
N ALA A 412 -34.08 7.44 -11.39
CA ALA A 412 -33.75 6.29 -12.22
C ALA A 412 -32.55 5.54 -11.64
N PRO A 413 -32.68 4.20 -11.48
CA PRO A 413 -31.59 3.40 -10.96
C PRO A 413 -30.48 3.20 -11.96
N GLU A 414 -29.29 2.87 -11.45
CA GLU A 414 -28.12 2.51 -12.25
C GLU A 414 -27.94 1.00 -12.38
N HIS A 415 -28.58 0.24 -11.48
CA HIS A 415 -28.33 -1.21 -11.32
C HIS A 415 -29.59 -2.04 -11.31
N PHE A 416 -29.61 -3.10 -12.14
CA PHE A 416 -30.80 -3.91 -12.27
C PHE A 416 -30.51 -5.37 -12.09
N ARG A 417 -31.51 -6.13 -11.68
CA ARG A 417 -31.40 -7.55 -11.53
C ARG A 417 -32.75 -8.19 -11.80
N ARG A 418 -32.76 -9.39 -12.37
CA ARG A 418 -34.02 -10.09 -12.47
C ARG A 418 -34.21 -11.04 -11.31
N VAL A 419 -35.36 -10.95 -10.66
CA VAL A 419 -35.69 -11.80 -9.54
C VAL A 419 -36.30 -13.09 -10.06
N ARG A 420 -35.66 -14.19 -9.68
CA ARG A 420 -36.13 -15.51 -10.06
C ARG A 420 -36.66 -16.18 -8.81
N LEU A 421 -37.78 -16.87 -8.95
CA LEU A 421 -38.41 -17.55 -7.83
C LEU A 421 -38.24 -19.05 -7.97
N LYS A 422 -37.60 -19.68 -6.99
CA LYS A 422 -37.33 -21.11 -7.04
C LYS A 422 -38.60 -21.95 -7.09
N ASN A 423 -39.53 -21.68 -6.18
CA ASN A 423 -40.78 -22.43 -6.10
C ASN A 423 -41.95 -21.58 -6.59
N PRO A 424 -42.44 -21.86 -7.80
CA PRO A 424 -43.47 -21.12 -8.50
C PRO A 424 -44.82 -20.96 -7.78
N LEU A 425 -45.11 -21.81 -6.80
CA LEU A 425 -46.35 -21.66 -6.03
C LEU A 425 -46.30 -20.47 -5.06
N LYS A 426 -45.09 -20.00 -4.78
CA LYS A 426 -44.87 -18.88 -3.88
C LYS A 426 -45.00 -17.54 -4.62
N ALA A 427 -45.35 -17.61 -5.90
CA ALA A 427 -45.43 -16.43 -6.75
C ALA A 427 -46.39 -15.37 -6.23
N LYS A 428 -47.51 -15.77 -5.67
CA LYS A 428 -48.46 -14.81 -5.13
C LYS A 428 -47.79 -14.04 -3.99
N GLN A 429 -46.98 -14.73 -3.21
CA GLN A 429 -46.25 -14.17 -2.06
C GLN A 429 -45.18 -13.17 -2.44
N LEU A 430 -44.34 -13.55 -3.40
CA LEU A 430 -43.28 -12.70 -3.89
C LEU A 430 -43.92 -11.43 -4.40
N GLN A 431 -44.99 -11.60 -5.15
CA GLN A 431 -45.71 -10.46 -5.69
C GLN A 431 -46.15 -9.51 -4.61
N LYS A 432 -46.75 -10.04 -3.54
CA LYS A 432 -47.15 -9.21 -2.41
C LYS A 432 -45.93 -8.51 -1.85
N GLY A 433 -44.89 -9.29 -1.59
CA GLY A 433 -43.71 -8.79 -0.94
C GLY A 433 -43.08 -7.69 -1.73
N LEU A 434 -42.83 -7.94 -3.00
CA LEU A 434 -42.17 -6.96 -3.83
C LEU A 434 -43.00 -5.69 -3.91
N GLU A 435 -44.30 -5.83 -4.16
CA GLU A 435 -45.18 -4.67 -4.30
C GLU A 435 -45.21 -3.84 -3.05
N GLN A 436 -45.22 -4.51 -1.90
CA GLN A 436 -45.20 -3.84 -0.61
C GLN A 436 -43.86 -3.17 -0.34
N LEU A 437 -42.76 -3.85 -0.63
CA LEU A 437 -41.44 -3.27 -0.42
C LEU A 437 -41.21 -2.03 -1.29
N ALA A 438 -41.69 -2.08 -2.53
CA ALA A 438 -41.57 -0.96 -3.45
C ALA A 438 -42.44 0.22 -3.03
N GLU A 439 -43.61 -0.05 -2.46
CA GLU A 439 -44.50 1.02 -1.99
C GLU A 439 -43.78 1.74 -0.85
N GLU A 440 -43.18 0.96 0.02
CA GLU A 440 -42.38 1.46 1.10
C GLU A 440 -41.14 2.14 0.52
N GLY A 441 -40.72 1.68 -0.66
CA GLY A 441 -39.56 2.23 -1.35
C GLY A 441 -38.23 1.68 -0.89
N ALA A 442 -38.12 0.37 -0.72
CA ALA A 442 -36.82 -0.21 -0.40
C ALA A 442 -36.07 -0.54 -1.73
N VAL A 443 -36.81 -0.46 -2.85
CA VAL A 443 -36.29 -0.77 -4.18
C VAL A 443 -37.34 -0.41 -5.24
N GLN A 444 -36.93 -0.36 -6.51
CA GLN A 444 -37.84 -0.03 -7.59
C GLN A 444 -38.11 -1.25 -8.43
N LEU A 445 -39.35 -1.39 -8.87
CA LEU A 445 -39.78 -2.63 -9.54
C LEU A 445 -40.24 -2.45 -11.01
N PHE A 446 -39.67 -3.23 -11.92
CA PHE A 446 -39.97 -3.08 -13.34
C PHE A 446 -40.48 -4.37 -13.92
N ARG A 447 -41.66 -4.32 -14.55
CA ARG A 447 -42.32 -5.48 -15.12
C ARG A 447 -42.34 -5.31 -16.61
N PRO A 448 -41.53 -6.08 -17.34
CA PRO A 448 -41.41 -5.96 -18.80
C PRO A 448 -42.72 -6.23 -19.52
N LEU A 449 -42.83 -5.81 -20.77
CA LEU A 449 -44.11 -5.96 -21.47
C LEU A 449 -44.26 -7.31 -22.12
N VAL A 450 -43.13 -7.97 -22.37
CA VAL A 450 -43.12 -9.19 -23.16
C VAL A 450 -42.95 -10.44 -22.32
N ASN A 451 -42.89 -10.29 -21.00
CA ASN A 451 -42.80 -11.45 -20.12
C ASN A 451 -43.30 -11.16 -18.71
N ASN A 452 -43.36 -12.21 -17.90
CA ASN A 452 -43.81 -12.12 -16.52
C ASN A 452 -42.72 -11.91 -15.47
N ASP A 453 -41.52 -11.54 -15.91
CA ASP A 453 -40.40 -11.39 -14.99
C ASP A 453 -40.48 -10.13 -14.13
N TYR A 454 -39.74 -10.12 -13.04
CA TYR A 454 -39.60 -8.94 -12.21
C TYR A 454 -38.17 -8.48 -12.32
N ILE A 455 -38.00 -7.22 -12.64
CA ILE A 455 -36.70 -6.63 -12.65
C ILE A 455 -36.64 -5.53 -11.59
N LEU A 456 -35.68 -5.67 -10.66
CA LEU A 456 -35.49 -4.68 -9.61
C LEU A 456 -34.38 -3.72 -9.98
N GLY A 457 -34.61 -2.43 -9.77
CA GLY A 457 -33.58 -1.44 -10.03
C GLY A 457 -33.19 -0.87 -8.69
N ALA A 458 -31.94 -0.50 -8.55
CA ALA A 458 -31.50 -0.05 -7.26
C ALA A 458 -30.56 1.12 -7.44
N VAL A 459 -30.62 2.10 -6.54
CA VAL A 459 -29.74 3.22 -6.70
C VAL A 459 -28.35 2.78 -6.32
N GLY A 460 -28.24 1.90 -5.33
CA GLY A 460 -26.97 1.31 -4.92
C GLY A 460 -27.20 -0.17 -4.75
N VAL A 461 -26.21 -0.99 -5.09
CA VAL A 461 -26.36 -2.47 -5.16
C VAL A 461 -26.70 -3.14 -3.85
N LEU A 462 -26.37 -2.44 -2.76
CA LEU A 462 -26.67 -2.93 -1.43
C LEU A 462 -28.15 -3.21 -1.29
N GLN A 463 -28.97 -2.40 -1.95
CA GLN A 463 -30.39 -2.56 -1.85
C GLN A 463 -30.85 -3.97 -2.15
N PHE A 464 -30.21 -4.63 -3.13
CA PHE A 464 -30.58 -6.01 -3.52
C PHE A 464 -30.43 -7.02 -2.39
N ASP A 465 -29.35 -6.87 -1.62
CA ASP A 465 -29.09 -7.74 -0.48
C ASP A 465 -30.13 -7.53 0.60
N VAL A 466 -30.42 -6.27 0.88
CA VAL A 466 -31.47 -5.91 1.84
C VAL A 466 -32.80 -6.53 1.43
N ILE A 467 -33.12 -6.45 0.14
CA ILE A 467 -34.39 -6.98 -0.35
C ILE A 467 -34.53 -8.48 -0.17
N VAL A 468 -33.47 -9.22 -0.43
CA VAL A 468 -33.55 -10.66 -0.31
C VAL A 468 -33.90 -11.03 1.13
N ALA A 469 -33.14 -10.46 2.07
CA ALA A 469 -33.29 -10.79 3.50
C ALA A 469 -34.65 -10.43 4.04
N ARG A 470 -35.15 -9.27 3.64
CA ARG A 470 -36.47 -8.84 4.05
C ARG A 470 -37.56 -9.73 3.47
N LEU A 471 -37.37 -10.16 2.22
CA LEU A 471 -38.34 -11.02 1.55
C LEU A 471 -38.49 -12.33 2.34
N ALA A 472 -37.37 -12.81 2.85
CA ALA A 472 -37.37 -13.99 3.71
C ALA A 472 -38.04 -13.73 5.08
N ASP A 473 -37.56 -12.71 5.81
CA ASP A 473 -38.02 -12.48 7.18
C ASP A 473 -39.41 -11.90 7.32
N GLU A 474 -39.93 -11.27 6.28
CA GLU A 474 -41.21 -10.59 6.43
C GLU A 474 -42.27 -11.25 5.58
N TYR A 475 -41.83 -12.07 4.62
CA TYR A 475 -42.71 -12.59 3.58
C TYR A 475 -42.48 -14.06 3.26
N GLY A 476 -41.52 -14.68 3.93
CA GLY A 476 -41.26 -16.12 3.79
C GLY A 476 -40.98 -16.60 2.37
N VAL A 477 -40.04 -15.93 1.71
CA VAL A 477 -39.73 -16.20 0.31
C VAL A 477 -38.23 -16.13 0.06
N ASP A 478 -37.69 -17.22 -0.48
CA ASP A 478 -36.30 -17.26 -0.91
C ASP A 478 -36.24 -16.97 -2.40
N ALA A 479 -35.72 -15.78 -2.71
CA ALA A 479 -35.64 -15.27 -4.06
C ALA A 479 -34.19 -15.19 -4.49
N VAL A 480 -33.93 -15.47 -5.76
CA VAL A 480 -32.58 -15.35 -6.28
C VAL A 480 -32.55 -14.27 -7.32
N TYR A 481 -31.35 -13.92 -7.75
CA TYR A 481 -31.16 -12.86 -8.72
C TYR A 481 -30.52 -13.46 -9.96
N GLU A 482 -30.74 -12.80 -11.09
CA GLU A 482 -30.08 -13.13 -12.34
C GLU A 482 -29.73 -11.81 -13.02
N GLY A 483 -28.60 -11.79 -13.69
CA GLY A 483 -28.12 -10.60 -14.37
C GLY A 483 -28.95 -10.32 -15.58
N VAL A 484 -28.94 -9.06 -16.01
CA VAL A 484 -29.71 -8.61 -17.16
C VAL A 484 -28.90 -7.57 -17.96
N SER A 485 -29.24 -7.46 -19.23
CA SER A 485 -28.52 -6.58 -20.13
C SER A 485 -28.60 -5.14 -19.62
N THR A 486 -29.69 -4.83 -18.93
CA THR A 486 -30.04 -3.47 -18.55
C THR A 486 -29.16 -2.76 -17.54
N HIS A 487 -28.70 -1.57 -17.92
CA HIS A 487 -27.94 -0.68 -17.03
C HIS A 487 -28.60 0.70 -16.98
N THR A 488 -29.55 0.95 -17.85
CA THR A 488 -30.20 2.25 -17.87
C THR A 488 -31.73 2.24 -17.98
N ALA A 489 -32.38 3.18 -17.32
CA ALA A 489 -33.85 3.33 -17.38
C ALA A 489 -34.29 4.79 -17.46
N ARG A 490 -35.33 5.04 -18.24
CA ARG A 490 -35.87 6.38 -18.37
C ARG A 490 -37.38 6.28 -18.41
N TRP A 491 -38.07 7.24 -17.84
CA TRP A 491 -39.52 7.19 -17.97
C TRP A 491 -39.92 7.91 -19.25
N VAL A 492 -40.80 7.29 -20.00
CA VAL A 492 -41.20 7.83 -21.30
C VAL A 492 -42.58 8.51 -21.34
N TYR A 493 -42.60 9.68 -21.97
CA TYR A 493 -43.82 10.47 -22.09
C TYR A 493 -43.88 11.12 -23.47
N CYS A 494 -45.06 11.17 -24.10
CA CYS A 494 -45.19 11.81 -25.41
C CYS A 494 -46.56 12.39 -25.70
N GLU A 495 -46.56 13.66 -26.16
CA GLU A 495 -47.82 14.40 -26.43
C GLU A 495 -48.60 13.90 -27.63
N ASP A 496 -47.90 13.65 -28.74
CA ASP A 496 -48.48 13.10 -29.95
C ASP A 496 -48.84 11.63 -29.74
N LYS A 497 -50.13 11.38 -29.48
CA LYS A 497 -50.68 10.06 -29.17
C LYS A 497 -50.38 8.98 -30.20
N LYS A 498 -50.24 9.38 -31.46
CA LYS A 498 -49.93 8.42 -32.53
C LYS A 498 -48.48 7.95 -32.51
N ILE A 499 -47.57 8.90 -32.31
CA ILE A 499 -46.13 8.65 -32.30
C ILE A 499 -45.76 7.81 -31.10
N PHE A 500 -46.40 8.12 -29.98
CA PHE A 500 -46.14 7.38 -28.76
C PHE A 500 -46.54 5.93 -28.93
N ALA A 501 -47.68 5.71 -29.59
CA ALA A 501 -48.16 4.36 -29.84
C ALA A 501 -47.25 3.62 -30.80
N ASP A 502 -46.78 4.33 -31.82
CA ASP A 502 -45.89 3.74 -32.79
C ASP A 502 -44.58 3.35 -32.09
N PHE A 503 -44.09 4.24 -31.25
CA PHE A 503 -42.88 4.02 -30.45
C PHE A 503 -42.98 2.79 -29.54
N GLN A 504 -44.13 2.64 -28.89
CA GLN A 504 -44.38 1.55 -27.95
C GLN A 504 -44.45 0.23 -28.66
N ASP A 505 -44.71 0.28 -29.96
CA ASP A 505 -44.73 -0.95 -30.70
C ASP A 505 -43.31 -1.32 -31.07
N TYR A 506 -42.58 -0.35 -31.58
CA TYR A 506 -41.23 -0.61 -32.00
C TYR A 506 -40.41 -1.15 -30.84
N HIS A 507 -40.43 -0.45 -29.70
CA HIS A 507 -39.60 -0.83 -28.56
C HIS A 507 -40.38 -1.64 -27.53
N ARG A 508 -41.26 -2.51 -28.02
CA ARG A 508 -42.03 -3.38 -27.13
C ARG A 508 -41.02 -4.21 -26.32
N GLY A 509 -39.94 -4.62 -26.98
CA GLY A 509 -38.93 -5.43 -26.32
C GLY A 509 -38.18 -4.74 -25.19
N GLU A 510 -38.14 -3.40 -25.18
CA GLU A 510 -37.44 -2.64 -24.15
C GLU A 510 -38.32 -1.94 -23.11
N LEU A 511 -39.63 -2.08 -23.22
CA LEU A 511 -40.54 -1.37 -22.29
C LEU A 511 -40.97 -2.16 -21.04
N ALA A 512 -41.29 -1.44 -19.96
CA ALA A 512 -41.71 -2.04 -18.72
C ALA A 512 -42.65 -1.10 -17.96
N VAL A 513 -43.44 -1.68 -17.06
CA VAL A 513 -44.24 -0.88 -16.13
C VAL A 513 -43.64 -0.96 -14.71
N ASP A 514 -43.53 0.17 -14.01
CA ASP A 514 -43.05 0.09 -12.61
C ASP A 514 -44.16 -0.10 -11.60
N ALA A 515 -43.82 -0.26 -10.33
CA ALA A 515 -44.83 -0.53 -9.28
C ALA A 515 -45.90 0.57 -9.21
N GLU A 516 -45.52 1.76 -9.66
CA GLU A 516 -46.42 2.91 -9.66
C GLU A 516 -47.18 3.02 -10.98
N GLY A 517 -47.21 1.93 -11.73
CA GLY A 517 -47.95 1.86 -13.00
C GLY A 517 -47.44 2.73 -14.16
N ALA A 518 -46.19 3.17 -14.07
CA ALA A 518 -45.61 4.06 -15.07
C ALA A 518 -44.76 3.32 -16.10
N LEU A 519 -44.82 3.82 -17.35
CA LEU A 519 -44.13 3.21 -18.47
C LEU A 519 -42.67 3.60 -18.53
N ALA A 520 -41.79 2.60 -18.55
CA ALA A 520 -40.34 2.84 -18.53
C ALA A 520 -39.57 2.16 -19.63
N TYR A 521 -38.66 2.90 -20.26
CA TYR A 521 -37.81 2.32 -21.28
C TYR A 521 -36.54 1.78 -20.60
N LEU A 522 -36.19 0.52 -20.84
CA LEU A 522 -34.96 -0.05 -20.22
C LEU A 522 -33.91 -0.26 -21.27
N ALA A 523 -32.74 0.33 -21.09
CA ALA A 523 -31.69 0.16 -22.08
C ALA A 523 -30.46 -0.45 -21.46
N PRO A 524 -29.66 -1.13 -22.28
CA PRO A 524 -28.46 -1.81 -21.76
C PRO A 524 -27.45 -0.80 -21.23
N ASN A 525 -27.32 0.35 -21.89
CA ASN A 525 -26.44 1.41 -21.44
C ASN A 525 -26.91 2.78 -21.95
N PRO A 526 -26.36 3.88 -21.41
CA PRO A 526 -26.73 5.23 -21.85
C PRO A 526 -26.56 5.46 -23.35
N TRP A 527 -25.47 4.98 -23.94
CA TRP A 527 -25.23 5.11 -25.40
C TRP A 527 -26.30 4.45 -26.28
N ARG A 528 -26.70 3.24 -25.93
CA ARG A 528 -27.71 2.52 -26.70
C ARG A 528 -29.01 3.31 -26.64
N LEU A 529 -29.17 4.03 -25.52
CA LEU A 529 -30.39 4.79 -25.25
C LEU A 529 -30.53 5.91 -26.27
N GLU A 530 -29.42 6.57 -26.56
CA GLU A 530 -29.40 7.66 -27.55
C GLU A 530 -29.86 7.20 -28.92
N SER A 531 -29.46 6.01 -29.34
CA SER A 531 -29.93 5.49 -30.61
C SER A 531 -31.46 5.55 -30.62
N ALA A 532 -32.07 5.05 -29.56
CA ALA A 532 -33.52 5.03 -29.48
C ALA A 532 -34.03 6.46 -29.41
N MET A 533 -33.35 7.29 -28.64
CA MET A 533 -33.78 8.65 -28.42
C MET A 533 -33.72 9.53 -29.63
N GLU A 534 -32.68 9.36 -30.44
CA GLU A 534 -32.52 10.17 -31.66
C GLU A 534 -33.54 9.75 -32.70
N ARG A 535 -33.97 8.49 -32.63
CA ARG A 535 -34.99 7.99 -33.54
C ARG A 535 -36.38 8.57 -33.20
N TYR A 536 -36.65 8.77 -31.91
CA TYR A 536 -37.93 9.33 -31.48
C TYR A 536 -37.78 10.61 -30.67
N PRO A 537 -37.37 11.70 -31.33
CA PRO A 537 -37.06 12.97 -30.69
C PRO A 537 -38.27 13.61 -30.03
N LYS A 538 -39.44 13.15 -30.38
CA LYS A 538 -40.68 13.70 -29.88
C LYS A 538 -41.10 12.99 -28.57
N VAL A 539 -40.38 11.92 -28.19
CA VAL A 539 -40.68 11.20 -26.96
C VAL A 539 -39.73 11.70 -25.91
N GLU A 540 -40.27 12.04 -24.74
CA GLU A 540 -39.45 12.49 -23.62
C GLU A 540 -38.98 11.23 -22.93
N PHE A 541 -37.74 11.27 -22.44
CA PHE A 541 -37.14 10.19 -21.63
C PHE A 541 -36.63 10.78 -20.33
N ARG A 542 -37.46 10.76 -19.29
CA ARG A 542 -37.08 11.37 -18.01
C ARG A 542 -36.28 10.46 -17.07
N THR A 543 -35.58 11.08 -16.12
CA THR A 543 -34.78 10.33 -15.15
C THR A 543 -35.41 10.34 -13.75
N THR A 544 -36.59 10.95 -13.65
CA THR A 544 -37.36 10.98 -12.40
C THR A 544 -38.83 10.81 -12.72
N ARG A 545 -39.60 10.36 -11.73
CA ARG A 545 -41.05 10.46 -11.82
C ARG A 545 -41.76 10.58 -10.47
N GLU A 546 -42.72 11.52 -10.41
CA GLU A 546 -43.46 11.86 -9.19
C GLU A 546 -44.28 10.70 -8.65
N ILE A 547 -44.43 10.65 -7.33
CA ILE A 547 -45.14 9.57 -6.65
C ILE A 547 -46.59 9.94 -6.34
N SER A 548 -47.46 8.94 -6.25
CA SER A 548 -48.89 9.19 -6.07
C SER A 548 -49.41 8.83 -4.67
N MET B 20 22.36 -25.23 19.04
CA MET B 20 22.06 -24.27 20.18
C MET B 20 20.59 -24.20 20.72
N SER B 21 19.86 -23.17 20.26
CA SER B 21 18.52 -22.76 20.79
C SER B 21 17.38 -23.72 20.39
N SER B 22 16.47 -24.01 21.32
CA SER B 22 15.35 -24.92 21.03
C SER B 22 14.13 -24.24 20.40
N ARG B 23 13.29 -24.97 19.67
CA ARG B 23 12.15 -24.31 19.03
C ARG B 23 11.47 -23.37 20.00
N LEU B 24 11.14 -23.92 21.17
CA LEU B 24 10.52 -23.20 22.27
C LEU B 24 11.40 -22.06 22.78
N GLU B 25 12.55 -22.36 23.34
CA GLU B 25 13.42 -21.29 23.80
C GLU B 25 13.44 -20.06 22.87
N ARG B 26 13.54 -20.31 21.54
CA ARG B 26 13.52 -19.26 20.49
C ARG B 26 12.24 -18.47 20.51
N GLU B 27 11.14 -19.19 20.39
CA GLU B 27 9.84 -18.60 20.28
C GLU B 27 9.61 -17.80 21.52
N ALA B 28 10.09 -18.37 22.62
CA ALA B 28 9.94 -17.78 23.93
C ALA B 28 10.58 -16.44 23.95
N ALA B 29 11.83 -16.38 23.50
CA ALA B 29 12.60 -15.15 23.52
C ALA B 29 12.13 -14.01 22.58
N ARG B 30 11.19 -14.31 21.69
CA ARG B 30 10.74 -13.29 20.76
C ARG B 30 9.73 -12.38 21.46
N ARG B 31 9.21 -12.89 22.57
CA ARG B 31 8.17 -12.22 23.35
C ARG B 31 8.68 -10.97 24.02
N ARG B 32 7.76 -10.02 24.16
CA ARG B 32 7.96 -8.80 24.92
C ARG B 32 6.62 -8.46 25.55
N THR B 33 6.50 -8.72 26.84
CA THR B 33 5.21 -8.59 27.48
C THR B 33 5.29 -7.50 28.54
N PHE B 34 4.48 -6.47 28.32
CA PHE B 34 4.53 -5.24 29.09
C PHE B 34 3.16 -4.61 29.20
N ALA B 35 3.07 -3.69 30.15
CA ALA B 35 1.86 -2.90 30.46
C ALA B 35 2.21 -1.42 30.50
N ILE B 36 1.21 -0.58 30.52
CA ILE B 36 1.54 0.82 30.63
C ILE B 36 1.15 1.23 32.04
N ILE B 37 2.03 1.94 32.73
CA ILE B 37 1.65 2.44 34.03
C ILE B 37 1.51 3.94 33.87
N SER B 38 0.33 4.46 34.12
CA SER B 38 0.17 5.89 34.00
C SER B 38 -0.94 6.51 34.81
N HIS B 39 -0.88 7.81 34.98
CA HIS B 39 -1.96 8.54 35.62
C HIS B 39 -3.06 8.80 34.57
N PRO B 40 -4.30 9.01 35.01
CA PRO B 40 -5.38 9.23 34.02
C PRO B 40 -5.18 10.47 33.12
N ASP B 41 -5.46 10.33 31.82
CA ASP B 41 -5.35 11.42 30.83
C ASP B 41 -3.96 11.70 30.24
N ALA B 42 -2.96 10.92 30.64
CA ALA B 42 -1.59 11.12 30.13
C ALA B 42 -1.41 10.85 28.61
N GLY B 43 -2.04 9.79 28.12
CA GLY B 43 -1.93 9.46 26.71
C GLY B 43 -1.93 7.97 26.45
N LYS B 44 -2.38 7.18 27.43
CA LYS B 44 -2.23 5.75 27.34
C LYS B 44 -3.05 5.21 26.19
N THR B 45 -4.31 5.62 26.09
CA THR B 45 -5.11 5.06 25.01
C THR B 45 -4.56 5.50 23.70
N THR B 46 -4.19 6.78 23.61
CA THR B 46 -3.60 7.28 22.37
C THR B 46 -2.30 6.57 22.00
N LEU B 47 -1.37 6.51 22.95
CA LEU B 47 -0.07 5.89 22.68
C LEU B 47 -0.28 4.42 22.29
N THR B 48 -1.22 3.77 22.96
CA THR B 48 -1.43 2.38 22.69
C THR B 48 -1.81 2.22 21.24
N GLU B 49 -2.78 3.00 20.80
CA GLU B 49 -3.37 2.80 19.49
C GLU B 49 -2.28 3.02 18.44
N LYS B 50 -1.39 3.97 18.71
CA LYS B 50 -0.22 4.17 17.86
C LYS B 50 0.72 2.93 17.86
N LEU B 51 0.94 2.34 19.03
CA LEU B 51 1.79 1.20 19.06
C LEU B 51 1.14 0.17 18.14
N LEU B 52 -0.17 0.04 18.23
CA LEU B 52 -0.85 -0.97 17.49
C LEU B 52 -0.69 -0.81 15.98
N LEU B 53 -0.70 0.44 15.50
CA LEU B 53 -0.57 0.68 14.06
C LEU B 53 0.79 0.22 13.57
N PHE B 54 1.79 0.35 14.44
CA PHE B 54 3.17 -0.08 14.14
C PHE B 54 3.26 -1.58 13.94
N GLY B 55 2.42 -2.31 14.66
CA GLY B 55 2.37 -3.75 14.54
C GLY B 55 1.42 -4.19 13.44
N GLY B 56 0.90 -3.23 12.69
CA GLY B 56 -0.06 -3.56 11.65
C GLY B 56 -1.33 -4.10 12.26
N ALA B 57 -1.51 -3.89 13.56
CA ALA B 57 -2.70 -4.34 14.28
C ALA B 57 -3.85 -3.35 13.97
N ILE B 58 -4.20 -3.29 12.70
CA ILE B 58 -5.18 -2.31 12.23
C ILE B 58 -6.54 -2.39 12.92
N GLN B 59 -7.11 -3.59 13.00
CA GLN B 59 -8.41 -3.79 13.63
C GLN B 59 -8.44 -3.44 15.11
N MET B 60 -7.41 -3.92 15.82
CA MET B 60 -7.34 -3.76 17.26
C MET B 60 -7.23 -2.27 17.56
N ALA B 61 -6.41 -1.56 16.78
CA ALA B 61 -6.28 -0.12 16.95
C ALA B 61 -7.63 0.55 16.77
N GLY B 62 -8.37 0.11 15.77
CA GLY B 62 -9.72 0.61 15.52
C GLY B 62 -10.60 0.45 16.73
N SER B 63 -10.57 -0.73 17.35
CA SER B 63 -11.34 -1.00 18.54
C SER B 63 -10.90 -0.11 19.70
N VAL B 64 -9.58 0.09 19.85
CA VAL B 64 -9.09 0.91 20.95
C VAL B 64 -9.60 2.32 20.75
N LYS B 65 -9.51 2.78 19.51
CA LYS B 65 -10.01 4.10 19.11
C LYS B 65 -11.55 4.26 19.24
N ALA B 66 -12.28 3.25 18.77
CA ALA B 66 -13.73 3.25 18.84
C ALA B 66 -14.16 3.35 20.29
N ARG B 67 -13.47 2.60 21.16
CA ARG B 67 -13.80 2.60 22.58
C ARG B 67 -13.59 3.97 23.21
N LYS B 68 -12.48 4.60 22.82
CA LYS B 68 -12.14 5.91 23.34
C LYS B 68 -13.25 6.86 22.97
N ALA B 69 -13.69 6.73 21.73
CA ALA B 69 -14.72 7.58 21.16
C ALA B 69 -16.06 7.37 21.84
N ALA B 70 -16.37 6.13 22.20
CA ALA B 70 -17.66 5.78 22.78
C ALA B 70 -17.90 6.35 24.18
N ARG B 71 -16.83 6.61 24.93
CA ARG B 71 -16.99 7.15 26.29
C ARG B 71 -17.71 8.48 26.31
N HIS B 72 -17.34 9.36 25.40
CA HIS B 72 -17.89 10.70 25.33
C HIS B 72 -19.06 10.78 24.36
N ALA B 73 -19.35 9.68 23.68
CA ALA B 73 -20.39 9.66 22.65
C ALA B 73 -21.78 9.60 23.26
N THR B 74 -22.79 9.30 22.46
CA THR B 74 -24.16 9.20 22.96
C THR B 74 -24.37 8.01 23.91
N SER B 75 -25.52 7.99 24.56
CA SER B 75 -25.86 6.93 25.51
C SER B 75 -25.80 5.52 24.92
N ASP B 76 -26.18 5.37 23.65
CA ASP B 76 -26.20 4.04 23.00
C ASP B 76 -24.82 3.40 22.91
N TRP B 77 -23.79 4.21 22.71
CA TRP B 77 -22.41 3.73 22.71
C TRP B 77 -21.91 3.41 24.12
N MET B 78 -22.22 4.30 25.08
CA MET B 78 -21.78 4.16 26.48
C MET B 78 -22.28 2.85 27.09
N ALA B 79 -23.37 2.32 26.54
CA ALA B 79 -23.87 1.00 26.87
C ALA B 79 -23.17 -0.07 26.05
N MET B 80 -22.49 0.34 24.98
CA MET B 80 -21.80 -0.58 24.09
C MET B 80 -20.39 -0.88 24.59
N GLU B 81 -19.65 0.19 24.90
CA GLU B 81 -18.30 0.09 25.43
C GLU B 81 -18.26 -0.61 26.80
N ARG B 82 -19.27 -0.32 27.63
CA ARG B 82 -19.41 -0.91 28.97
C ARG B 82 -19.71 -2.42 28.98
N GLU B 83 -19.72 -3.07 27.81
CA GLU B 83 -20.03 -4.50 27.72
C GLU B 83 -18.80 -5.39 27.88
N ARG B 84 -19.01 -6.70 28.03
CA ARG B 84 -17.92 -7.65 28.27
C ARG B 84 -17.14 -8.03 27.02
N GLY B 85 -17.85 -8.29 25.93
CA GLY B 85 -17.25 -8.73 24.67
C GLY B 85 -16.06 -7.91 24.19
N ILE B 86 -16.14 -6.60 24.37
CA ILE B 86 -15.10 -5.67 23.88
C ILE B 86 -13.96 -5.48 24.87
N SER B 87 -14.29 -5.18 26.13
CA SER B 87 -13.28 -4.96 27.17
C SER B 87 -12.37 -6.17 27.33
N VAL B 88 -12.78 -7.30 26.74
CA VAL B 88 -11.98 -8.52 26.71
C VAL B 88 -11.03 -8.55 25.50
N THR B 89 -11.54 -8.24 24.31
CA THR B 89 -10.71 -8.24 23.10
C THR B 89 -9.50 -7.32 23.21
N THR B 90 -9.69 -6.19 23.89
CA THR B 90 -8.64 -5.21 24.08
C THR B 90 -7.89 -5.35 25.39
N SER B 91 -8.26 -6.35 26.19
CA SER B 91 -7.64 -6.53 27.50
C SER B 91 -6.18 -6.96 27.36
N VAL B 92 -5.95 -7.84 26.40
CA VAL B 92 -4.60 -8.23 26.00
C VAL B 92 -4.50 -7.96 24.52
N MET B 93 -3.52 -7.14 24.14
CA MET B 93 -3.31 -6.80 22.75
C MET B 93 -1.94 -7.25 22.29
N GLN B 94 -1.92 -8.13 21.29
CA GLN B 94 -0.67 -8.67 20.76
C GLN B 94 -0.47 -8.25 19.32
N PHE B 95 0.71 -7.75 19.00
CA PHE B 95 1.04 -7.36 17.63
C PHE B 95 2.52 -7.63 17.39
N PRO B 96 2.90 -7.92 16.14
CA PRO B 96 4.27 -8.24 15.84
C PRO B 96 5.04 -6.99 15.47
N TYR B 97 6.26 -6.82 15.99
CA TYR B 97 7.06 -5.65 15.64
C TYR B 97 8.49 -6.05 15.54
N ARG B 98 9.08 -5.78 14.38
CA ARG B 98 10.46 -6.15 14.06
C ARG B 98 10.77 -7.59 14.46
N ASP B 99 9.84 -8.48 14.11
CA ASP B 99 9.94 -9.91 14.38
C ASP B 99 9.84 -10.29 15.86
N ARG B 100 9.59 -9.31 16.72
CA ARG B 100 9.27 -9.61 18.11
C ARG B 100 7.76 -9.77 18.24
N VAL B 101 7.34 -10.63 19.15
CA VAL B 101 5.94 -10.73 19.51
C VAL B 101 5.72 -9.82 20.74
N VAL B 102 4.92 -8.77 20.60
CA VAL B 102 4.72 -7.88 21.71
C VAL B 102 3.33 -8.08 22.28
N ASN B 103 3.28 -8.40 23.55
CA ASN B 103 2.00 -8.54 24.22
C ASN B 103 1.83 -7.35 25.15
N LEU B 104 0.86 -6.50 24.85
CA LEU B 104 0.55 -5.34 25.64
C LEU B 104 -0.72 -5.66 26.41
N LEU B 105 -0.61 -5.62 27.75
CA LEU B 105 -1.75 -5.94 28.60
C LEU B 105 -2.47 -4.69 29.08
N ASP B 106 -3.77 -4.62 28.84
CA ASP B 106 -4.46 -3.41 29.26
C ASP B 106 -4.39 -3.33 30.78
N THR B 107 -4.32 -2.12 31.28
CA THR B 107 -4.28 -1.90 32.70
C THR B 107 -5.44 -0.97 32.99
N PRO B 108 -6.52 -1.51 33.58
CA PRO B 108 -7.76 -0.72 33.74
C PRO B 108 -7.48 0.57 34.50
N GLY B 109 -8.08 1.65 34.01
CA GLY B 109 -7.87 2.98 34.61
C GLY B 109 -9.17 3.75 34.78
N HIS B 110 -9.06 4.97 35.31
CA HIS B 110 -10.23 5.83 35.49
C HIS B 110 -11.25 5.19 36.42
N GLN B 111 -12.48 5.10 35.90
CA GLN B 111 -13.64 4.55 36.57
C GLN B 111 -13.47 3.07 36.85
N ASP B 112 -12.55 2.44 36.11
CA ASP B 112 -12.32 1.00 36.22
C ASP B 112 -11.09 0.58 37.01
N PHE B 113 -10.28 1.55 37.42
CA PHE B 113 -9.08 1.25 38.18
C PHE B 113 -9.47 0.39 39.36
N SER B 114 -8.75 -0.71 39.54
CA SER B 114 -9.05 -1.69 40.59
C SER B 114 -7.83 -2.55 40.84
N GLU B 115 -7.99 -3.54 41.70
CA GLU B 115 -6.89 -4.46 42.02
C GLU B 115 -6.42 -5.19 40.76
N ASP B 116 -7.30 -5.33 39.79
CA ASP B 116 -6.94 -5.96 38.53
C ASP B 116 -5.83 -5.18 37.84
N THR B 117 -5.81 -3.88 38.02
CA THR B 117 -4.73 -3.06 37.49
C THR B 117 -3.37 -3.51 38.05
N TYR B 118 -3.30 -3.68 39.37
CA TYR B 118 -2.07 -4.09 40.01
C TYR B 118 -1.72 -5.46 39.57
N ARG B 119 -2.73 -6.32 39.40
CA ARG B 119 -2.49 -7.71 38.99
C ARG B 119 -1.86 -7.87 37.63
N VAL B 120 -2.29 -7.03 36.71
CA VAL B 120 -1.74 -7.05 35.38
C VAL B 120 -0.24 -6.86 35.51
N LEU B 121 0.16 -6.05 36.48
CA LEU B 121 1.56 -5.75 36.68
C LEU B 121 2.38 -6.93 37.24
N THR B 122 1.68 -7.93 37.77
CA THR B 122 2.35 -9.15 38.26
C THR B 122 2.44 -10.20 37.13
N ALA B 123 2.19 -9.78 35.90
CA ALA B 123 2.19 -10.67 34.77
C ALA B 123 3.02 -10.19 33.59
N VAL B 124 3.68 -9.03 33.74
CA VAL B 124 4.51 -8.46 32.67
C VAL B 124 5.99 -8.54 33.00
N ASP B 125 6.83 -8.74 32.00
CA ASP B 125 8.28 -8.75 32.26
C ASP B 125 8.77 -7.34 32.48
N SER B 126 8.06 -6.36 31.94
CA SER B 126 8.42 -4.98 32.11
C SER B 126 7.24 -4.00 31.92
N ALA B 127 7.50 -2.74 32.22
CA ALA B 127 6.48 -1.72 32.08
C ALA B 127 7.01 -0.48 31.36
N LEU B 128 6.06 0.28 30.83
CA LEU B 128 6.35 1.51 30.13
C LEU B 128 5.58 2.61 30.88
N VAL B 129 6.29 3.65 31.30
CA VAL B 129 5.73 4.77 32.05
C VAL B 129 5.37 5.91 31.11
N VAL B 130 4.10 6.32 31.13
CA VAL B 130 3.67 7.47 30.30
C VAL B 130 3.31 8.67 31.20
N ILE B 131 3.97 9.81 30.95
CA ILE B 131 3.77 11.03 31.70
C ILE B 131 3.23 12.16 30.83
N ASP B 132 2.29 12.93 31.36
CA ASP B 132 1.81 14.11 30.65
C ASP B 132 2.88 15.12 30.92
N ALA B 133 3.50 15.65 29.86
CA ALA B 133 4.58 16.64 30.06
C ALA B 133 4.18 17.82 30.99
N ALA B 134 2.98 18.35 30.80
CA ALA B 134 2.59 19.51 31.58
C ALA B 134 2.41 19.14 33.06
N LYS B 135 1.89 17.95 33.33
CA LYS B 135 1.66 17.54 34.71
C LYS B 135 2.82 16.84 35.44
N GLY B 136 3.78 16.27 34.70
CA GLY B 136 4.84 15.49 35.30
C GLY B 136 4.36 14.22 35.98
N VAL B 137 5.04 13.80 37.03
CA VAL B 137 4.70 12.56 37.74
C VAL B 137 3.50 12.80 38.65
N GLU B 138 2.42 12.06 38.42
CA GLU B 138 1.16 12.26 39.15
C GLU B 138 0.85 11.14 40.15
N ALA B 139 -0.23 11.29 40.91
CA ALA B 139 -0.58 10.31 41.96
C ALA B 139 -0.65 8.83 41.54
N GLN B 140 -1.37 8.53 40.45
CA GLN B 140 -1.53 7.16 39.97
C GLN B 140 -0.21 6.64 39.43
N THR B 141 0.56 7.51 38.79
CA THR B 141 1.86 7.12 38.27
C THR B 141 2.72 6.60 39.40
N ARG B 142 2.74 7.32 40.51
CA ARG B 142 3.53 6.91 41.67
C ARG B 142 3.05 5.57 42.27
N LYS B 143 1.74 5.44 42.45
CA LYS B 143 1.16 4.21 43.00
C LYS B 143 1.55 2.98 42.20
N LEU B 144 1.33 3.01 40.89
CA LEU B 144 1.74 1.90 40.03
C LEU B 144 3.29 1.69 40.06
N MET B 145 4.07 2.77 39.97
CA MET B 145 5.52 2.59 39.99
C MET B 145 5.92 1.85 41.26
N ASP B 146 5.23 2.16 42.37
CA ASP B 146 5.44 1.47 43.66
C ASP B 146 5.33 -0.05 43.55
N VAL B 147 4.34 -0.49 42.77
CA VAL B 147 4.18 -1.90 42.50
C VAL B 147 5.34 -2.45 41.67
N CYS B 148 5.77 -1.69 40.66
CA CYS B 148 6.83 -2.15 39.78
C CYS B 148 8.17 -2.29 40.54
N ARG B 149 8.37 -1.36 41.47
CA ARG B 149 9.61 -1.31 42.23
C ARG B 149 9.78 -2.53 43.07
N MET B 150 8.71 -2.95 43.74
CA MET B 150 8.84 -4.06 44.67
C MET B 150 9.05 -5.36 43.93
N ARG B 151 8.64 -5.41 42.67
CA ARG B 151 8.83 -6.62 41.89
C ARG B 151 10.10 -6.59 41.05
N ALA B 152 10.89 -5.51 41.17
CA ALA B 152 12.06 -5.21 40.32
C ALA B 152 11.72 -5.22 38.81
N THR B 153 10.62 -4.59 38.42
CA THR B 153 10.23 -4.55 37.00
C THR B 153 10.86 -3.34 36.30
N PRO B 154 11.63 -3.61 35.23
CA PRO B 154 12.27 -2.56 34.45
C PRO B 154 11.24 -1.66 33.80
N VAL B 155 11.57 -0.39 33.64
CA VAL B 155 10.63 0.54 33.06
C VAL B 155 11.31 1.48 32.04
N MET B 156 10.59 1.72 30.95
CA MET B 156 10.99 2.71 29.97
C MET B 156 9.95 3.83 30.11
N THR B 157 10.37 5.07 29.88
CA THR B 157 9.51 6.21 30.14
C THR B 157 9.26 7.01 28.87
N PHE B 158 8.01 7.44 28.69
CA PHE B 158 7.68 8.28 27.55
C PHE B 158 6.96 9.51 28.04
N VAL B 159 7.63 10.64 27.90
CA VAL B 159 7.05 11.92 28.29
C VAL B 159 6.26 12.33 27.06
N ASN B 160 4.96 12.47 27.24
CA ASN B 160 4.04 12.77 26.18
C ASN B 160 3.56 14.23 26.14
N LYS B 161 2.88 14.58 25.05
CA LYS B 161 2.22 15.89 24.87
C LYS B 161 3.13 17.11 24.71
N MET B 162 4.22 16.97 23.96
CA MET B 162 5.16 18.05 23.74
C MET B 162 4.60 19.16 22.82
N ASP B 163 3.40 18.94 22.30
CA ASP B 163 2.79 19.92 21.40
C ASP B 163 2.04 20.99 22.19
N ARG B 164 1.76 20.69 23.45
CA ARG B 164 1.13 21.60 24.40
C ARG B 164 2.25 22.11 25.28
N GLU B 165 2.08 23.29 25.88
CA GLU B 165 3.12 23.86 26.75
C GLU B 165 3.40 22.87 27.89
N ALA B 166 4.65 22.82 28.34
CA ALA B 166 5.09 21.77 29.25
C ALA B 166 6.18 22.15 30.25
N LEU B 167 6.40 21.29 31.23
CA LEU B 167 7.52 21.48 32.12
C LEU B 167 8.82 21.29 31.31
N HIS B 168 9.90 21.98 31.69
CA HIS B 168 11.20 21.91 31.00
C HIS B 168 11.75 20.48 31.12
N PRO B 169 12.28 19.92 30.03
CA PRO B 169 12.75 18.55 30.04
C PRO B 169 13.58 18.23 31.27
N LEU B 170 14.59 19.05 31.55
CA LEU B 170 15.35 18.88 32.76
C LEU B 170 14.49 18.77 34.03
N ASP B 171 13.55 19.70 34.22
CA ASP B 171 12.58 19.63 35.31
C ASP B 171 11.78 18.35 35.33
N VAL B 172 11.36 17.89 34.16
CA VAL B 172 10.58 16.64 34.02
C VAL B 172 11.41 15.48 34.50
N MET B 173 12.69 15.48 34.15
CA MET B 173 13.54 14.36 34.52
C MET B 173 13.60 14.36 36.01
N ALA B 174 13.94 15.54 36.55
CA ALA B 174 14.10 15.75 37.96
C ALA B 174 12.84 15.30 38.61
N ASP B 175 11.68 15.61 38.04
CA ASP B 175 10.44 15.12 38.65
C ASP B 175 10.45 13.59 38.74
N ILE B 176 10.81 12.94 37.62
CA ILE B 176 10.75 11.51 37.50
C ILE B 176 11.69 10.88 38.47
N GLU B 177 12.95 11.32 38.46
CA GLU B 177 13.91 10.72 39.35
C GLU B 177 13.42 10.83 40.76
N GLN B 178 12.95 11.99 41.18
CA GLN B 178 12.50 12.15 42.58
C GLN B 178 11.34 11.26 43.02
N HIS B 179 10.29 11.19 42.21
CA HIS B 179 9.09 10.48 42.60
C HIS B 179 8.99 9.04 42.18
N LEU B 180 9.63 8.65 41.08
CA LEU B 180 9.63 7.25 40.65
C LEU B 180 10.84 6.60 41.25
N GLN B 181 11.65 7.40 41.91
CA GLN B 181 12.87 6.89 42.57
C GLN B 181 13.77 6.04 41.66
N ILE B 182 14.30 6.65 40.62
CA ILE B 182 15.04 5.91 39.62
C ILE B 182 15.88 6.89 38.77
N GLU B 183 16.96 6.40 38.17
CA GLU B 183 17.81 7.25 37.34
C GLU B 183 17.19 7.44 35.97
N CYS B 184 17.31 8.65 35.45
CA CYS B 184 16.79 8.98 34.14
C CYS B 184 17.92 9.06 33.11
N ALA B 185 17.76 8.37 31.98
CA ALA B 185 18.78 8.38 30.96
C ALA B 185 18.02 8.83 29.74
N PRO B 186 18.22 10.09 29.35
CA PRO B 186 17.48 10.60 28.20
C PRO B 186 17.97 9.95 26.89
N MET B 187 17.05 9.40 26.12
CA MET B 187 17.40 8.85 24.81
C MET B 187 17.12 9.83 23.66
N THR B 188 16.01 10.57 23.77
CA THR B 188 15.54 11.58 22.79
C THR B 188 15.21 12.85 23.56
N TRP B 189 15.62 13.99 23.03
CA TRP B 189 15.49 15.27 23.73
C TRP B 189 14.66 16.18 22.84
N PRO B 190 13.79 16.96 23.45
CA PRO B 190 12.90 17.86 22.72
C PRO B 190 13.46 19.25 22.37
N ILE B 191 13.13 19.75 21.19
CA ILE B 191 13.54 21.11 20.84
C ILE B 191 12.27 21.93 21.00
N GLY B 192 12.29 22.87 21.94
CA GLY B 192 11.13 23.69 22.20
C GLY B 192 10.00 22.87 22.81
N MET B 193 8.81 23.48 22.83
CA MET B 193 7.61 22.85 23.37
C MET B 193 6.43 23.72 22.98
N GLY B 194 5.23 23.26 23.26
CA GLY B 194 4.05 24.01 22.88
C GLY B 194 4.06 24.45 21.42
N SER B 195 3.82 25.73 21.19
CA SER B 195 3.80 26.27 19.82
C SER B 195 5.19 26.35 19.18
N SER B 196 6.21 26.21 19.99
CA SER B 196 7.58 26.25 19.51
C SER B 196 8.20 24.85 19.48
N PHE B 197 7.36 23.83 19.49
CA PHE B 197 7.89 22.48 19.50
C PHE B 197 8.38 22.18 18.09
N LYS B 198 9.68 21.96 17.93
CA LYS B 198 10.27 21.69 16.62
C LYS B 198 10.38 20.19 16.39
N GLY B 199 10.54 19.44 17.49
CA GLY B 199 10.76 18.00 17.40
C GLY B 199 11.75 17.49 18.43
N THR B 200 12.47 16.44 18.08
CA THR B 200 13.33 15.78 19.04
C THR B 200 14.64 15.43 18.40
N TYR B 201 15.71 15.37 19.22
CA TYR B 201 17.04 14.97 18.74
C TYR B 201 17.35 13.66 19.40
N ASP B 202 17.71 12.68 18.59
CA ASP B 202 18.04 11.36 19.12
C ASP B 202 19.53 11.33 19.44
N LEU B 203 19.89 11.27 20.72
CA LEU B 203 21.28 11.39 21.18
C LEU B 203 22.24 10.26 20.76
N LEU B 204 21.85 9.01 20.92
CA LEU B 204 22.71 7.90 20.47
C LEU B 204 22.80 7.80 18.98
N HIS B 205 21.66 7.93 18.33
CA HIS B 205 21.58 7.78 16.88
C HIS B 205 21.94 9.03 16.08
N LYS B 206 22.24 10.12 16.81
CA LYS B 206 22.74 11.37 16.25
C LYS B 206 21.83 11.79 15.10
N GLN B 207 20.53 11.71 15.38
CA GLN B 207 19.47 11.99 14.41
C GLN B 207 18.49 13.07 14.88
N LEU B 208 18.13 13.96 13.95
CA LEU B 208 17.16 15.01 14.25
C LEU B 208 15.81 14.70 13.66
N HIS B 209 14.77 14.69 14.50
CA HIS B 209 13.42 14.42 14.03
C HIS B 209 12.53 15.62 14.14
N LEU B 210 12.14 16.13 12.98
CA LEU B 210 11.26 17.30 12.89
C LEU B 210 9.77 16.98 13.05
N PHE B 211 9.04 17.91 13.67
CA PHE B 211 7.62 17.78 13.90
C PHE B 211 6.89 18.57 12.83
N SER B 212 5.87 17.96 12.25
CA SER B 212 5.11 18.59 11.14
C SER B 212 3.65 18.10 11.04
N ALA B 213 3.02 18.40 9.89
CA ALA B 213 1.65 17.95 9.59
C ALA B 213 1.16 18.50 8.23
N ILE B 219 4.54 9.54 9.16
CA ILE B 219 5.93 9.11 9.35
C ILE B 219 6.92 10.11 8.74
N GLN B 220 8.18 9.97 9.14
CA GLN B 220 9.28 10.70 8.52
C GLN B 220 10.58 10.07 8.91
N SER B 221 11.59 10.15 8.05
CA SER B 221 12.88 9.56 8.38
C SER B 221 13.81 10.68 8.84
N GLY B 222 14.50 10.44 9.95
CA GLY B 222 15.35 11.46 10.61
C GLY B 222 16.58 11.97 9.88
N ILE B 223 17.02 13.17 10.30
CA ILE B 223 18.17 13.85 9.72
C ILE B 223 19.46 13.52 10.47
N VAL B 224 20.48 13.05 9.76
CA VAL B 224 21.76 12.72 10.39
C VAL B 224 22.59 13.98 10.69
N ILE B 225 22.97 14.14 11.96
CA ILE B 225 23.72 15.31 12.40
C ILE B 225 25.14 14.93 12.77
N HIS B 226 26.09 15.74 12.32
CA HIS B 226 27.50 15.48 12.57
C HIS B 226 28.05 16.57 13.45
N GLY B 227 28.02 16.33 14.76
CA GLY B 227 28.48 17.32 15.72
C GLY B 227 27.42 18.35 16.10
N ALA B 228 27.64 19.02 17.23
CA ALA B 228 26.81 20.15 17.64
C ALA B 228 27.20 21.40 16.84
N ASP B 229 28.25 21.25 16.02
CA ASP B 229 28.73 22.32 15.17
C ASP B 229 27.98 22.32 13.86
N ASP B 230 27.21 21.26 13.61
CA ASP B 230 26.49 21.12 12.34
C ASP B 230 25.59 22.32 12.09
N PRO B 231 25.74 22.93 10.92
CA PRO B 231 24.93 24.04 10.43
C PRO B 231 23.48 23.64 10.27
N GLN B 232 23.26 22.37 9.94
CA GLN B 232 21.91 21.83 9.80
C GLN B 232 21.11 22.14 11.04
N LEU B 233 21.77 22.11 12.21
CA LEU B 233 21.10 22.48 13.44
C LEU B 233 20.54 23.87 13.29
N ASP B 234 21.37 24.78 12.79
CA ASP B 234 20.93 26.15 12.56
C ASP B 234 19.91 26.22 11.43
N GLU B 235 20.12 25.42 10.39
CA GLU B 235 19.22 25.40 9.24
C GLU B 235 17.81 24.99 9.61
N TYR B 236 17.68 23.92 10.39
CA TYR B 236 16.36 23.44 10.76
C TYR B 236 15.73 24.06 12.00
N LEU B 237 16.52 24.26 13.06
CA LEU B 237 16.00 24.81 14.33
C LEU B 237 16.12 26.32 14.46
N GLY B 238 16.87 26.94 13.57
CA GLY B 238 17.07 28.38 13.59
C GLY B 238 17.65 28.88 14.90
N ASP B 239 16.99 29.88 15.48
CA ASP B 239 17.42 30.44 16.77
C ASP B 239 17.23 29.47 17.94
N GLN B 240 16.36 28.48 17.77
CA GLN B 240 16.13 27.44 18.77
C GLN B 240 17.27 26.42 18.85
N ALA B 241 18.19 26.48 17.90
CA ALA B 241 19.35 25.59 17.88
C ALA B 241 20.18 25.79 19.15
N GLU B 242 20.26 27.06 19.57
CA GLU B 242 21.02 27.45 20.75
C GLU B 242 20.59 26.67 22.01
N GLN B 243 19.30 26.52 22.22
CA GLN B 243 18.79 25.79 23.39
C GLN B 243 19.19 24.33 23.38
N LEU B 244 19.08 23.67 22.23
CA LEU B 244 19.46 22.27 22.12
C LEU B 244 20.96 22.06 22.37
N ARG B 245 21.78 22.92 21.79
CA ARG B 245 23.22 22.88 22.04
C ARG B 245 23.49 23.13 23.52
N MET B 246 22.82 24.14 24.06
CA MET B 246 22.88 24.47 25.47
C MET B 246 22.43 23.27 26.32
N ASP B 247 21.26 22.71 26.02
CA ASP B 247 20.76 21.52 26.75
C ASP B 247 21.68 20.29 26.67
N LEU B 248 22.29 20.08 25.50
CA LEU B 248 23.06 18.86 25.26
C LEU B 248 24.33 18.84 26.03
N ALA B 249 25.02 19.97 26.08
CA ALA B 249 26.27 20.08 26.85
C ALA B 249 25.98 19.85 28.33
N LEU B 250 24.88 20.39 28.84
CA LEU B 250 24.48 20.19 30.22
C LEU B 250 24.21 18.71 30.47
N LEU B 251 23.59 18.05 29.48
CA LEU B 251 23.25 16.64 29.58
C LEU B 251 24.49 15.75 29.64
N GLU B 252 25.49 16.10 28.85
CA GLU B 252 26.75 15.34 28.78
C GLU B 252 27.55 15.41 30.06
N GLU B 253 27.27 16.42 30.88
CA GLU B 253 27.94 16.60 32.17
C GLU B 253 27.25 15.80 33.27
N ALA B 254 25.99 16.10 33.56
CA ALA B 254 25.26 15.35 34.57
C ALA B 254 24.20 14.52 33.87
N GLY B 255 24.67 13.73 32.91
CA GLY B 255 23.77 12.88 32.12
C GLY B 255 24.06 11.43 32.34
N THR B 256 23.01 10.61 32.31
CA THR B 256 23.19 9.20 32.57
C THR B 256 22.95 8.43 31.26
N PRO B 257 23.98 7.72 30.78
CA PRO B 257 23.83 7.02 29.54
C PRO B 257 22.99 5.82 29.82
N PHE B 258 22.16 5.46 28.85
CA PHE B 258 21.33 4.29 29.07
C PHE B 258 22.30 3.18 29.33
N ASP B 259 22.09 2.45 30.41
CA ASP B 259 22.91 1.28 30.70
C ASP B 259 22.05 0.03 30.77
N GLU B 260 22.22 -0.84 29.79
CA GLU B 260 21.35 -2.00 29.72
C GLU B 260 21.20 -2.76 31.03
N GLU B 261 22.29 -3.23 31.62
CA GLU B 261 22.15 -3.97 32.87
C GLU B 261 21.36 -3.16 33.91
N ARG B 262 21.78 -1.94 34.18
CA ARG B 262 21.10 -1.10 35.16
C ARG B 262 19.59 -1.01 34.88
N TYR B 263 19.20 -0.85 33.61
CA TYR B 263 17.79 -0.77 33.26
C TYR B 263 17.08 -2.03 33.70
N LEU B 264 17.75 -3.16 33.52
CA LEU B 264 17.19 -4.45 33.88
C LEU B 264 17.17 -4.62 35.37
N LYS B 265 18.09 -3.99 36.07
CA LYS B 265 18.11 -4.02 37.53
C LYS B 265 17.00 -3.15 38.23
N GLY B 266 16.33 -2.30 37.46
CA GLY B 266 15.33 -1.41 38.02
C GLY B 266 15.93 -0.08 38.38
N GLU B 267 17.26 -0.02 38.31
CA GLU B 267 18.01 1.16 38.68
C GLU B 267 17.90 2.35 37.73
N LEU B 268 17.68 2.10 36.45
CA LEU B 268 17.72 3.19 35.47
C LEU B 268 16.59 3.15 34.45
N THR B 269 16.19 4.31 33.96
CA THR B 269 15.14 4.35 32.92
C THR B 269 15.47 5.21 31.70
N PRO B 270 15.23 4.66 30.50
CA PRO B 270 15.49 5.41 29.28
C PRO B 270 14.29 6.30 29.04
N VAL B 271 14.56 7.57 28.79
CA VAL B 271 13.49 8.54 28.63
C VAL B 271 13.38 9.05 27.18
N PHE B 272 12.14 9.09 26.68
CA PHE B 272 11.80 9.59 25.34
C PHE B 272 10.68 10.64 25.51
N PHE B 273 10.74 11.71 24.70
CA PHE B 273 9.73 12.76 24.63
C PHE B 273 9.09 12.66 23.24
N GLY B 274 7.81 13.04 23.16
CA GLY B 274 6.97 12.83 21.96
C GLY B 274 5.54 13.41 22.09
N SER B 275 4.79 13.24 21.03
CA SER B 275 3.47 13.71 21.00
C SER B 275 2.61 12.57 20.50
N ALA B 276 2.18 11.70 21.40
CA ALA B 276 1.46 10.52 20.98
C ALA B 276 0.30 10.84 20.02
N ILE B 277 -0.48 11.86 20.33
CA ILE B 277 -1.59 12.25 19.50
C ILE B 277 -1.21 12.39 18.05
N ASN B 278 0.04 12.79 17.81
CA ASN B 278 0.55 13.00 16.46
C ASN B 278 1.40 11.86 15.98
N ASN B 279 1.48 10.79 16.75
CA ASN B 279 2.36 9.70 16.35
C ASN B 279 3.80 10.22 16.19
N PHE B 280 4.23 11.07 17.12
CA PHE B 280 5.57 11.58 17.11
C PHE B 280 6.44 11.16 18.30
N GLY B 281 7.63 10.64 18.02
CA GLY B 281 8.53 10.24 19.09
C GLY B 281 8.31 8.80 19.50
N VAL B 282 7.20 8.21 19.06
CA VAL B 282 6.85 6.82 19.36
C VAL B 282 7.76 5.78 18.72
N ARG B 283 8.23 6.02 17.52
CA ARG B 283 8.97 4.99 16.80
C ARG B 283 10.26 4.68 17.56
N GLU B 284 10.93 5.73 17.99
CA GLU B 284 12.20 5.56 18.65
C GLU B 284 11.95 4.76 19.95
N MET B 285 10.92 5.15 20.67
CA MET B 285 10.53 4.48 21.90
C MET B 285 10.21 2.99 21.64
N LEU B 286 9.48 2.75 20.56
CA LEU B 286 9.08 1.41 20.19
C LEU B 286 10.29 0.54 19.89
N ASP B 287 11.27 1.12 19.19
CA ASP B 287 12.48 0.34 18.82
C ASP B 287 13.27 0.00 20.06
N MET B 288 13.43 0.97 20.95
CA MET B 288 14.29 0.75 22.10
C MET B 288 13.65 -0.37 22.89
N PHE B 289 12.32 -0.37 22.94
CA PHE B 289 11.57 -1.41 23.68
C PHE B 289 11.80 -2.81 23.10
N VAL B 290 11.67 -3.00 21.78
CA VAL B 290 11.75 -4.35 21.22
C VAL B 290 13.19 -4.82 21.26
N GLU B 291 14.12 -3.85 21.36
CA GLU B 291 15.53 -4.16 21.39
C GLU B 291 16.04 -4.57 22.76
N PHE B 292 15.68 -3.83 23.79
CA PHE B 292 16.26 -4.05 25.13
C PHE B 292 15.31 -4.58 26.21
N ALA B 293 14.02 -4.30 26.09
CA ALA B 293 13.06 -4.81 27.07
C ALA B 293 13.13 -6.33 27.23
N PRO B 294 12.88 -6.80 28.43
CA PRO B 294 13.02 -8.22 28.79
C PRO B 294 12.00 -9.18 28.18
N GLY B 295 12.53 -10.35 27.80
CA GLY B 295 11.74 -11.46 27.31
C GLY B 295 11.29 -12.19 28.55
N PRO B 296 10.45 -13.21 28.39
CA PRO B 296 9.91 -13.90 29.57
C PRO B 296 11.03 -14.32 30.50
N GLN B 297 10.84 -14.01 31.77
CA GLN B 297 11.80 -14.32 32.80
C GLN B 297 11.37 -15.51 33.64
N PRO B 298 12.33 -16.16 34.32
CA PRO B 298 12.02 -17.30 35.21
C PRO B 298 11.10 -16.90 36.37
N ARG B 299 10.23 -17.80 36.79
CA ARG B 299 9.27 -17.50 37.82
C ARG B 299 9.44 -18.42 38.99
N PRO B 300 9.49 -17.83 40.18
CA PRO B 300 9.67 -18.62 41.41
C PRO B 300 8.45 -19.47 41.72
N ALA B 301 8.72 -20.69 42.20
CA ALA B 301 7.70 -21.62 42.65
C ALA B 301 8.09 -22.09 44.03
N ALA B 302 7.17 -22.79 44.71
CA ALA B 302 7.44 -23.23 46.08
C ALA B 302 8.60 -24.19 46.09
N THR B 303 8.55 -25.20 45.24
CA THR B 303 9.63 -26.19 45.17
C THR B 303 10.88 -25.74 44.41
N ARG B 304 10.72 -25.02 43.30
CA ARG B 304 11.84 -24.65 42.44
C ARG B 304 11.52 -23.49 41.50
N VAL B 305 12.54 -22.97 40.82
CA VAL B 305 12.38 -21.86 39.87
C VAL B 305 12.05 -22.43 38.49
N VAL B 306 10.95 -21.96 37.88
CA VAL B 306 10.55 -22.46 36.57
C VAL B 306 11.13 -21.60 35.44
N GLU B 307 11.80 -22.26 34.47
CA GLU B 307 12.38 -21.61 33.31
C GLU B 307 11.37 -21.61 32.20
N PRO B 308 11.32 -20.54 31.39
CA PRO B 308 10.40 -20.56 30.25
C PRO B 308 10.90 -21.56 29.23
N GLY B 309 12.21 -21.86 29.27
CA GLY B 309 12.81 -22.87 28.42
C GLY B 309 12.12 -24.22 28.48
N GLU B 310 11.70 -24.63 29.68
CA GLU B 310 11.16 -25.97 29.93
C GLU B 310 10.04 -26.40 28.97
N GLU B 311 10.14 -27.60 28.43
CA GLU B 311 9.14 -28.05 27.45
C GLU B 311 7.75 -28.25 28.08
N ALA B 312 7.71 -28.50 29.38
CA ALA B 312 6.45 -28.72 30.09
C ALA B 312 5.66 -27.43 30.22
N PHE B 313 4.38 -27.47 29.87
CA PHE B 313 3.54 -26.29 30.01
C PHE B 313 3.22 -26.01 31.46
N THR B 314 3.35 -24.75 31.85
CA THR B 314 2.99 -24.29 33.19
C THR B 314 2.36 -22.92 33.08
N GLY B 315 1.45 -22.60 33.98
CA GLY B 315 0.80 -21.29 33.93
C GLY B 315 0.38 -20.81 35.30
N VAL B 316 0.23 -19.49 35.42
CA VAL B 316 -0.28 -18.86 36.65
C VAL B 316 -1.46 -17.91 36.37
N VAL B 317 -2.53 -18.04 37.13
CA VAL B 317 -3.69 -17.17 36.97
C VAL B 317 -3.38 -15.83 37.59
N PHE B 318 -3.58 -14.75 36.85
CA PHE B 318 -3.33 -13.42 37.40
C PHE B 318 -4.59 -12.55 37.41
N LYS B 319 -5.56 -12.88 36.57
CA LYS B 319 -6.75 -12.06 36.46
C LYS B 319 -7.91 -12.98 36.28
N ILE B 320 -9.04 -12.64 36.92
CA ILE B 320 -10.26 -13.44 36.81
C ILE B 320 -11.40 -12.53 36.42
N GLN B 321 -12.37 -13.06 35.67
CA GLN B 321 -13.50 -12.26 35.22
C GLN B 321 -14.84 -12.99 35.27
N ALA B 322 -15.88 -12.29 35.73
CA ALA B 322 -17.25 -12.81 35.78
C ALA B 322 -18.06 -12.32 34.57
N ARG B 331 -17.81 -16.74 33.02
CA ARG B 331 -16.61 -16.60 33.82
C ARG B 331 -15.37 -17.09 33.08
N MET B 332 -14.27 -16.34 33.26
CA MET B 332 -13.00 -16.68 32.65
C MET B 332 -11.80 -16.22 33.48
N ALA B 333 -10.75 -17.04 33.45
CA ALA B 333 -9.48 -16.78 34.11
C ALA B 333 -8.38 -16.62 33.07
N PHE B 334 -7.72 -15.47 33.12
CA PHE B 334 -6.64 -15.14 32.23
C PHE B 334 -5.41 -15.72 32.88
N LEU B 335 -4.62 -16.45 32.08
CA LEU B 335 -3.42 -17.10 32.56
C LEU B 335 -2.16 -16.62 31.82
N ARG B 336 -1.06 -16.54 32.55
CA ARG B 336 0.22 -16.18 31.96
C ARG B 336 1.00 -17.45 31.83
N ILE B 337 1.49 -17.71 30.62
CA ILE B 337 2.25 -18.92 30.34
C ILE B 337 3.65 -18.76 30.90
N CYS B 338 4.01 -19.60 31.87
CA CYS B 338 5.31 -19.47 32.51
C CYS B 338 6.37 -20.35 31.87
N SER B 339 5.93 -21.45 31.27
CA SER B 339 6.81 -22.33 30.47
C SER B 339 5.99 -23.20 29.54
N GLY B 340 6.65 -23.85 28.58
CA GLY B 340 6.01 -24.80 27.67
C GLY B 340 5.16 -24.17 26.58
N THR B 341 4.29 -24.97 25.96
CA THR B 341 3.48 -24.52 24.81
C THR B 341 2.01 -24.81 25.06
N PHE B 342 1.16 -23.82 24.80
CA PHE B 342 -0.27 -24.04 24.98
C PHE B 342 -0.99 -24.29 23.66
N THR B 343 -1.79 -25.35 23.63
CA THR B 343 -2.62 -25.74 22.48
C THR B 343 -4.01 -26.13 22.97
N ARG B 344 -5.01 -26.00 22.11
CA ARG B 344 -6.40 -26.27 22.47
C ARG B 344 -6.69 -27.71 22.88
N GLY B 345 -6.18 -28.67 22.11
CA GLY B 345 -6.48 -30.09 22.34
C GLY B 345 -5.84 -30.68 23.57
N MET B 346 -5.16 -29.86 24.37
CA MET B 346 -4.37 -30.34 25.50
C MET B 346 -5.15 -30.44 26.81
N ARG B 347 -4.53 -31.07 27.79
CA ARG B 347 -5.13 -31.29 29.10
C ARG B 347 -4.23 -30.77 30.21
N LEU B 348 -4.84 -30.09 31.17
CA LEU B 348 -4.12 -29.47 32.25
C LEU B 348 -4.66 -29.90 33.60
N LYS B 349 -3.78 -29.86 34.60
CA LYS B 349 -4.16 -30.21 35.94
C LYS B 349 -4.21 -28.94 36.78
N HIS B 350 -5.40 -28.66 37.30
CA HIS B 350 -5.67 -27.54 38.18
C HIS B 350 -5.28 -28.01 39.57
N HIS B 351 -4.09 -27.63 40.00
CA HIS B 351 -3.51 -28.18 41.23
C HIS B 351 -4.26 -27.89 42.53
N ARG B 352 -4.83 -26.69 42.67
CA ARG B 352 -5.51 -26.40 43.92
C ARG B 352 -6.69 -27.34 44.13
N THR B 353 -7.51 -27.56 43.10
CA THR B 353 -8.61 -28.50 43.21
C THR B 353 -8.17 -29.94 42.97
N GLY B 354 -7.01 -30.10 42.35
CA GLY B 354 -6.52 -31.42 41.99
C GLY B 354 -7.27 -31.95 40.79
N LYS B 355 -8.16 -31.13 40.24
CA LYS B 355 -8.99 -31.49 39.09
C LYS B 355 -8.22 -31.65 37.75
N ASP B 356 -8.93 -32.11 36.72
CA ASP B 356 -8.37 -32.28 35.38
C ASP B 356 -9.20 -31.40 34.44
N VAL B 357 -8.65 -30.27 33.99
CA VAL B 357 -9.44 -29.31 33.19
C VAL B 357 -9.19 -29.36 31.68
N THR B 358 -10.16 -28.91 30.94
CA THR B 358 -10.12 -28.89 29.50
C THR B 358 -10.06 -27.47 28.98
N VAL B 359 -9.21 -27.27 27.99
CA VAL B 359 -9.02 -25.97 27.39
C VAL B 359 -9.46 -26.02 25.94
N ALA B 360 -10.31 -26.97 25.61
CA ALA B 360 -10.72 -27.19 24.22
C ALA B 360 -11.19 -25.91 23.51
N ASN B 361 -11.83 -25.01 24.26
CA ASN B 361 -12.32 -23.74 23.69
C ASN B 361 -11.94 -22.50 24.49
N ALA B 362 -10.68 -22.42 24.89
CA ALA B 362 -10.13 -21.31 25.64
C ALA B 362 -10.00 -20.12 24.71
N THR B 363 -9.37 -19.06 25.18
CA THR B 363 -9.11 -17.90 24.35
C THR B 363 -7.60 -17.71 24.24
N ILE B 364 -7.08 -17.77 23.02
CA ILE B 364 -5.65 -17.52 22.83
C ILE B 364 -5.50 -16.18 22.13
N PHE B 365 -4.87 -15.23 22.81
CA PHE B 365 -4.70 -13.89 22.26
C PHE B 365 -3.61 -13.93 21.26
N MET B 366 -3.87 -13.39 20.07
CA MET B 366 -2.87 -13.36 19.02
C MET B 366 -3.09 -12.18 18.08
N ALA B 367 -2.03 -11.78 17.40
CA ALA B 367 -2.13 -10.71 16.44
C ALA B 367 -3.04 -11.20 15.34
N GLN B 368 -3.77 -10.30 14.69
CA GLN B 368 -4.61 -10.70 13.57
C GLN B 368 -3.70 -11.29 12.48
N ASP B 369 -4.29 -11.95 11.48
CA ASP B 369 -3.47 -12.67 10.51
C ASP B 369 -2.48 -13.54 11.32
N ARG B 370 -3.05 -14.44 12.12
CA ARG B 370 -2.32 -15.36 12.99
C ARG B 370 -1.46 -16.31 12.15
N THR B 371 -2.13 -17.02 11.22
CA THR B 371 -1.46 -17.89 10.24
C THR B 371 -0.49 -18.96 10.79
N GLY B 372 -0.90 -19.73 11.77
CA GLY B 372 -0.06 -20.85 12.21
C GLY B 372 -0.92 -21.83 12.96
N VAL B 373 -0.37 -23.00 13.27
CA VAL B 373 -1.11 -23.88 14.18
C VAL B 373 -1.44 -22.95 15.38
N GLU B 374 -2.63 -23.08 15.96
CA GLU B 374 -3.00 -22.20 17.07
C GLU B 374 -2.28 -22.64 18.31
N GLU B 375 -1.12 -22.04 18.53
CA GLU B 375 -0.29 -22.32 19.71
C GLU B 375 0.31 -21.05 20.34
N ALA B 376 0.56 -21.13 21.63
CA ALA B 376 1.05 -19.98 22.41
C ALA B 376 2.29 -20.33 23.22
N PHE B 377 3.14 -19.34 23.46
CA PHE B 377 4.42 -19.57 24.11
C PHE B 377 4.64 -18.73 25.34
N PRO B 378 5.62 -19.13 26.19
CA PRO B 378 5.83 -18.38 27.43
C PRO B 378 5.87 -16.86 27.15
N GLY B 379 5.15 -16.10 27.96
CA GLY B 379 5.00 -14.68 27.75
C GLY B 379 3.65 -14.32 27.18
N ASP B 380 2.89 -15.31 26.71
CA ASP B 380 1.59 -15.05 26.13
C ASP B 380 0.50 -15.12 27.20
N ILE B 381 -0.72 -14.80 26.82
CA ILE B 381 -1.80 -14.85 27.76
C ILE B 381 -2.86 -15.65 27.08
N ILE B 382 -3.64 -16.37 27.89
CA ILE B 382 -4.73 -17.18 27.38
C ILE B 382 -5.89 -17.08 28.36
N GLY B 383 -7.12 -17.16 27.86
CA GLY B 383 -8.29 -17.14 28.72
C GLY B 383 -8.86 -18.54 28.89
N ILE B 384 -8.81 -19.05 30.11
CA ILE B 384 -9.29 -20.39 30.41
C ILE B 384 -10.72 -20.28 30.92
N PRO B 385 -11.71 -20.76 30.16
CA PRO B 385 -13.06 -20.71 30.72
C PRO B 385 -13.25 -21.76 31.80
N ASN B 386 -13.55 -21.31 33.02
CA ASN B 386 -13.72 -22.19 34.16
C ASN B 386 -14.68 -21.56 35.15
N HIS B 387 -15.65 -22.34 35.65
CA HIS B 387 -16.68 -21.82 36.55
C HIS B 387 -16.36 -22.07 38.01
N GLY B 388 -16.30 -20.99 38.80
CA GLY B 388 -16.00 -21.05 40.22
C GLY B 388 -14.68 -21.74 40.45
N THR B 389 -14.45 -22.15 41.71
CA THR B 389 -13.27 -22.93 42.08
C THR B 389 -11.92 -22.45 41.50
N ILE B 390 -11.69 -21.13 41.53
CA ILE B 390 -10.40 -20.57 41.07
C ILE B 390 -9.94 -19.52 42.07
N LYS B 391 -8.67 -19.15 41.96
CA LYS B 391 -8.12 -18.08 42.78
C LYS B 391 -7.01 -17.38 42.01
N ILE B 392 -6.63 -16.19 42.44
CA ILE B 392 -5.53 -15.51 41.82
C ILE B 392 -4.26 -16.20 42.29
N GLY B 393 -3.43 -16.57 41.33
CA GLY B 393 -2.20 -17.27 41.64
C GLY B 393 -2.29 -18.79 41.45
N ASP B 394 -3.50 -19.32 41.20
CA ASP B 394 -3.65 -20.76 40.92
C ASP B 394 -2.71 -21.18 39.83
N THR B 395 -2.10 -22.36 39.98
CA THR B 395 -1.12 -22.88 39.01
C THR B 395 -1.65 -24.06 38.22
N PHE B 396 -1.65 -23.94 36.90
CA PHE B 396 -2.02 -25.04 36.04
C PHE B 396 -0.75 -25.60 35.40
N THR B 397 -0.63 -26.93 35.35
CA THR B 397 0.52 -27.57 34.68
C THR B 397 0.07 -28.73 33.81
N GLU B 398 1.05 -29.37 33.15
CA GLU B 398 0.75 -30.47 32.25
C GLU B 398 1.19 -31.80 32.85
N SER B 399 2.30 -31.77 33.58
CA SER B 399 2.85 -33.00 34.15
C SER B 399 2.14 -33.48 35.42
N LYS B 400 2.42 -34.72 35.79
CA LYS B 400 1.88 -35.37 36.98
C LYS B 400 2.73 -35.05 38.22
N GLU B 401 3.13 -33.79 38.34
CA GLU B 401 3.98 -33.33 39.43
C GLU B 401 3.16 -32.25 40.12
N VAL B 402 3.57 -31.82 41.31
CA VAL B 402 2.92 -30.68 41.96
C VAL B 402 3.78 -29.43 41.80
N LEU B 403 3.19 -28.35 41.29
CA LEU B 403 3.88 -27.07 41.13
C LEU B 403 3.05 -25.89 41.63
N LYS B 404 3.62 -25.03 42.42
CA LYS B 404 2.84 -23.91 42.91
C LYS B 404 3.64 -22.63 42.82
N PHE B 405 3.29 -21.78 41.85
CA PHE B 405 3.97 -20.50 41.70
C PHE B 405 3.72 -19.65 42.93
N VAL B 406 4.79 -19.04 43.41
CA VAL B 406 4.72 -18.19 44.58
C VAL B 406 4.93 -16.74 44.17
N GLY B 407 4.59 -15.83 45.08
CA GLY B 407 4.84 -14.42 44.87
C GLY B 407 3.77 -13.51 44.32
N ILE B 408 2.64 -14.05 43.83
CA ILE B 408 1.53 -13.16 43.41
C ILE B 408 0.70 -12.76 44.65
N PRO B 409 0.84 -11.49 45.04
CA PRO B 409 0.34 -11.02 46.31
C PRO B 409 -0.89 -10.12 46.20
N ASN B 410 -1.65 -10.07 47.30
CA ASN B 410 -2.67 -9.06 47.48
C ASN B 410 -1.99 -7.73 47.74
N PHE B 411 -2.60 -6.65 47.27
CA PHE B 411 -2.12 -5.30 47.55
C PHE B 411 -3.03 -4.60 48.57
N ALA B 412 -2.44 -3.90 49.53
CA ALA B 412 -3.24 -3.23 50.52
C ALA B 412 -4.19 -2.21 49.90
N PRO B 413 -5.48 -2.28 50.30
CA PRO B 413 -6.53 -1.39 49.83
C PRO B 413 -6.37 0.04 50.31
N GLU B 414 -6.87 0.98 49.51
CA GLU B 414 -6.88 2.40 49.84
C GLU B 414 -8.19 2.86 50.52
N HIS B 415 -9.24 2.07 50.37
CA HIS B 415 -10.61 2.40 50.82
C HIS B 415 -11.31 1.28 51.57
N PHE B 416 -12.07 1.65 52.61
CA PHE B 416 -12.75 0.66 53.43
C PHE B 416 -14.23 1.00 53.66
N ARG B 417 -15.04 -0.04 53.86
CA ARG B 417 -16.45 0.13 54.13
C ARG B 417 -16.98 -1.04 54.94
N ARG B 418 -17.98 -0.79 55.77
CA ARG B 418 -18.54 -1.86 56.54
C ARG B 418 -19.80 -2.28 55.84
N VAL B 419 -19.90 -3.57 55.55
CA VAL B 419 -21.08 -4.08 54.91
C VAL B 419 -22.11 -4.32 56.00
N ARG B 420 -23.31 -3.78 55.79
CA ARG B 420 -24.40 -3.98 56.71
C ARG B 420 -25.58 -4.56 55.96
N LEU B 421 -26.33 -5.44 56.65
CA LEU B 421 -27.50 -6.06 56.06
C LEU B 421 -28.75 -5.36 56.56
N LYS B 422 -29.59 -4.91 55.62
CA LYS B 422 -30.84 -4.24 55.96
C LYS B 422 -31.74 -5.13 56.79
N ASN B 423 -31.85 -6.39 56.39
CA ASN B 423 -32.64 -7.39 57.09
C ASN B 423 -31.74 -8.54 57.52
N PRO B 424 -31.80 -8.94 58.80
CA PRO B 424 -31.03 -10.11 59.23
C PRO B 424 -31.44 -11.30 58.38
N LEU B 425 -32.63 -11.18 57.77
CA LEU B 425 -33.11 -12.15 56.81
C LEU B 425 -32.19 -12.11 55.59
N LYS B 426 -31.85 -13.29 55.06
CA LYS B 426 -30.93 -13.41 53.93
C LYS B 426 -29.47 -13.21 54.38
N ALA B 427 -29.25 -13.15 55.70
CA ALA B 427 -27.93 -12.89 56.29
C ALA B 427 -26.91 -14.00 56.06
N LYS B 428 -27.40 -15.24 56.02
CA LYS B 428 -26.56 -16.40 55.80
C LYS B 428 -25.96 -16.32 54.40
N GLN B 429 -26.76 -15.81 53.47
CA GLN B 429 -26.34 -15.61 52.09
C GLN B 429 -25.18 -14.61 51.98
N LEU B 430 -25.20 -13.59 52.84
CA LEU B 430 -24.16 -12.58 52.88
C LEU B 430 -22.79 -13.15 53.20
N GLN B 431 -22.72 -14.00 54.23
CA GLN B 431 -21.46 -14.63 54.59
C GLN B 431 -20.91 -15.50 53.46
N LYS B 432 -21.76 -16.31 52.84
CA LYS B 432 -21.35 -17.17 51.72
C LYS B 432 -20.92 -16.34 50.54
N GLY B 433 -21.70 -15.31 50.22
CA GLY B 433 -21.41 -14.45 49.08
C GLY B 433 -20.11 -13.69 49.23
N LEU B 434 -19.93 -13.08 50.39
CA LEU B 434 -18.74 -12.29 50.65
C LEU B 434 -17.48 -13.14 50.64
N GLU B 435 -17.53 -14.33 51.22
CA GLU B 435 -16.34 -15.18 51.25
C GLU B 435 -15.99 -15.74 49.89
N GLN B 436 -17.02 -16.02 49.10
CA GLN B 436 -16.83 -16.52 47.74
C GLN B 436 -16.27 -15.41 46.85
N LEU B 437 -16.80 -14.20 47.01
CA LEU B 437 -16.31 -13.08 46.22
C LEU B 437 -14.86 -12.76 46.56
N ALA B 438 -14.52 -12.83 47.85
CA ALA B 438 -13.16 -12.61 48.32
C ALA B 438 -12.17 -13.68 47.81
N GLU B 439 -12.56 -14.95 47.81
CA GLU B 439 -11.71 -16.01 47.25
C GLU B 439 -11.49 -15.75 45.75
N GLU B 440 -12.55 -15.28 45.09
CA GLU B 440 -12.56 -14.91 43.68
C GLU B 440 -11.66 -13.71 43.44
N GLY B 441 -11.66 -12.79 44.40
CA GLY B 441 -10.81 -11.60 44.36
C GLY B 441 -11.50 -10.32 43.93
N ALA B 442 -12.83 -10.28 43.97
CA ALA B 442 -13.59 -9.08 43.59
C ALA B 442 -13.38 -7.96 44.63
N VAL B 443 -13.16 -8.36 45.87
CA VAL B 443 -12.93 -7.45 46.97
C VAL B 443 -12.15 -8.16 48.09
N GLN B 444 -11.63 -7.37 49.03
CA GLN B 444 -10.92 -7.89 50.18
C GLN B 444 -11.77 -7.74 51.41
N LEU B 445 -11.89 -8.82 52.18
CA LEU B 445 -12.75 -8.86 53.35
C LEU B 445 -11.93 -8.93 54.65
N PHE B 446 -12.19 -8.00 55.56
CA PHE B 446 -11.50 -7.94 56.85
C PHE B 446 -12.49 -8.11 57.96
N ARG B 447 -12.19 -9.01 58.89
CA ARG B 447 -13.04 -9.21 60.08
C ARG B 447 -12.26 -8.76 61.31
N PRO B 448 -12.77 -7.72 62.00
CA PRO B 448 -12.06 -7.23 63.16
C PRO B 448 -12.12 -8.25 64.27
N LEU B 449 -11.32 -8.05 65.30
CA LEU B 449 -11.22 -9.02 66.37
C LEU B 449 -12.20 -8.79 67.52
N VAL B 450 -12.63 -7.55 67.71
CA VAL B 450 -13.56 -7.25 68.78
C VAL B 450 -15.04 -7.49 68.39
N ASN B 451 -15.31 -7.64 67.08
CA ASN B 451 -16.69 -7.74 66.61
C ASN B 451 -16.93 -8.68 65.42
N ASN B 452 -18.18 -8.71 64.95
CA ASN B 452 -18.59 -9.59 63.85
C ASN B 452 -18.85 -8.83 62.59
N ASP B 453 -18.37 -7.59 62.55
CA ASP B 453 -18.65 -6.73 61.41
C ASP B 453 -17.82 -7.14 60.22
N TYR B 454 -18.34 -6.82 59.05
CA TYR B 454 -17.67 -7.13 57.82
C TYR B 454 -17.15 -5.82 57.25
N ILE B 455 -15.84 -5.74 57.09
CA ILE B 455 -15.22 -4.56 56.51
C ILE B 455 -14.59 -4.96 55.17
N LEU B 456 -14.93 -4.24 54.12
CA LEU B 456 -14.38 -4.51 52.81
C LEU B 456 -13.33 -3.48 52.42
N GLY B 457 -12.24 -3.95 51.86
CA GLY B 457 -11.26 -3.02 51.36
C GLY B 457 -11.18 -3.14 49.87
N ALA B 458 -11.00 -2.01 49.20
CA ALA B 458 -10.95 -2.04 47.78
C ALA B 458 -9.80 -1.20 47.29
N VAL B 459 -9.17 -1.64 46.21
CA VAL B 459 -8.15 -0.81 45.62
C VAL B 459 -8.77 0.47 45.02
N GLY B 460 -9.88 0.33 44.32
CA GLY B 460 -10.58 1.46 43.72
C GLY B 460 -12.03 1.38 44.16
N VAL B 461 -12.69 2.53 44.32
CA VAL B 461 -14.03 2.62 44.95
C VAL B 461 -15.14 1.96 44.14
N LEU B 462 -14.90 1.83 42.85
CA LEU B 462 -15.82 1.19 41.91
C LEU B 462 -16.14 -0.26 42.30
N GLN B 463 -15.18 -0.94 42.91
CA GLN B 463 -15.38 -2.30 43.36
C GLN B 463 -16.55 -2.45 44.34
N PHE B 464 -16.73 -1.48 45.22
CA PHE B 464 -17.82 -1.51 46.20
C PHE B 464 -19.18 -1.60 45.53
N ASP B 465 -19.36 -0.82 44.47
CA ASP B 465 -20.58 -0.89 43.65
C ASP B 465 -20.75 -2.26 43.00
N VAL B 466 -19.68 -2.81 42.46
CA VAL B 466 -19.74 -4.12 41.83
C VAL B 466 -20.18 -5.17 42.85
N ILE B 467 -19.60 -5.11 44.04
CA ILE B 467 -19.92 -6.04 45.13
C ILE B 467 -21.41 -6.04 45.48
N VAL B 468 -22.01 -4.86 45.61
CA VAL B 468 -23.43 -4.70 45.91
C VAL B 468 -24.32 -5.40 44.89
N ALA B 469 -24.10 -5.11 43.61
CA ALA B 469 -24.91 -5.66 42.53
C ALA B 469 -24.78 -7.17 42.47
N ARG B 470 -23.55 -7.66 42.64
CA ARG B 470 -23.27 -9.09 42.52
C ARG B 470 -23.86 -9.92 43.66
N LEU B 471 -23.83 -9.37 44.86
CA LEU B 471 -24.42 -10.07 45.99
C LEU B 471 -25.90 -10.29 45.71
N ALA B 472 -26.54 -9.27 45.13
CA ALA B 472 -27.95 -9.35 44.76
C ALA B 472 -28.21 -10.39 43.68
N ASP B 473 -27.49 -10.28 42.58
CA ASP B 473 -27.71 -11.12 41.40
C ASP B 473 -27.25 -12.56 41.53
N GLU B 474 -26.26 -12.80 42.36
CA GLU B 474 -25.71 -14.14 42.46
C GLU B 474 -26.03 -14.78 43.80
N TYR B 475 -26.42 -13.95 44.77
CA TYR B 475 -26.58 -14.43 46.15
C TYR B 475 -27.94 -14.07 46.76
N GLY B 476 -28.69 -13.20 46.07
CA GLY B 476 -30.00 -12.76 46.56
C GLY B 476 -29.91 -12.03 47.89
N VAL B 477 -29.03 -11.02 47.95
CA VAL B 477 -28.78 -10.27 49.18
C VAL B 477 -28.68 -8.78 48.87
N ASP B 478 -29.47 -7.99 49.59
CA ASP B 478 -29.35 -6.54 49.51
C ASP B 478 -28.50 -6.03 50.66
N ALA B 479 -27.31 -5.52 50.32
CA ALA B 479 -26.36 -5.01 51.30
C ALA B 479 -26.12 -3.51 51.16
N VAL B 480 -25.85 -2.86 52.27
CA VAL B 480 -25.54 -1.46 52.23
C VAL B 480 -24.15 -1.26 52.80
N TYR B 481 -23.66 -0.04 52.64
CA TYR B 481 -22.32 0.32 53.08
C TYR B 481 -22.31 1.35 54.19
N GLU B 482 -21.37 1.18 55.12
CA GLU B 482 -21.21 2.12 56.22
C GLU B 482 -19.78 2.67 56.24
N GLY B 483 -19.67 3.98 56.49
CA GLY B 483 -18.39 4.67 56.56
C GLY B 483 -17.65 4.13 57.76
N VAL B 484 -16.33 4.16 57.71
CA VAL B 484 -15.54 3.64 58.80
C VAL B 484 -14.30 4.49 58.99
N SER B 485 -13.77 4.45 60.18
CA SER B 485 -12.56 5.19 60.52
C SER B 485 -11.41 4.86 59.58
N THR B 486 -11.34 3.58 59.21
CA THR B 486 -10.22 3.00 58.49
C THR B 486 -9.92 3.48 57.08
N HIS B 487 -8.67 3.89 56.87
CA HIS B 487 -8.16 4.29 55.55
C HIS B 487 -6.88 3.49 55.17
N THR B 488 -6.29 2.80 56.14
CA THR B 488 -5.04 2.10 55.91
C THR B 488 -5.03 0.73 56.55
N ALA B 489 -4.38 -0.23 55.90
CA ALA B 489 -4.26 -1.59 56.43
C ALA B 489 -2.88 -2.15 56.18
N ARG B 490 -2.33 -2.91 57.10
CA ARG B 490 -1.01 -3.52 56.89
C ARG B 490 -1.07 -4.94 57.41
N TRP B 491 -0.39 -5.87 56.75
CA TRP B 491 -0.29 -7.20 57.32
C TRP B 491 0.89 -7.23 58.27
N VAL B 492 0.65 -7.71 59.49
CA VAL B 492 1.68 -7.77 60.52
C VAL B 492 2.37 -9.15 60.65
N TYR B 493 3.68 -9.14 60.88
CA TYR B 493 4.45 -10.36 61.05
C TYR B 493 5.52 -10.09 62.08
N CYS B 494 5.82 -11.08 62.91
CA CYS B 494 6.85 -10.90 63.91
C CYS B 494 7.46 -12.20 64.43
N GLU B 495 8.79 -12.17 64.55
CA GLU B 495 9.55 -13.34 64.96
C GLU B 495 9.43 -13.63 66.46
N ASP B 496 9.66 -12.61 67.28
CA ASP B 496 9.55 -12.77 68.73
C ASP B 496 8.10 -13.02 69.15
N LYS B 497 7.78 -14.30 69.40
CA LYS B 497 6.41 -14.73 69.71
C LYS B 497 5.83 -14.13 70.99
N LYS B 498 6.70 -13.64 71.87
CA LYS B 498 6.23 -12.94 73.07
C LYS B 498 5.84 -11.50 72.77
N ILE B 499 6.66 -10.80 72.01
CA ILE B 499 6.37 -9.42 71.65
C ILE B 499 5.08 -9.33 70.83
N PHE B 500 4.92 -10.26 69.91
CA PHE B 500 3.77 -10.28 69.02
C PHE B 500 2.49 -10.43 69.82
N ALA B 501 2.51 -11.34 70.80
CA ALA B 501 1.33 -11.55 71.64
C ALA B 501 0.99 -10.29 72.46
N ASP B 502 2.02 -9.63 72.99
CA ASP B 502 1.82 -8.35 73.69
C ASP B 502 1.19 -7.34 72.73
N PHE B 503 1.67 -7.34 71.49
CA PHE B 503 1.21 -6.43 70.45
C PHE B 503 -0.25 -6.68 70.09
N GLN B 504 -0.61 -7.94 69.93
CA GLN B 504 -1.98 -8.28 69.59
C GLN B 504 -2.94 -7.90 70.70
N ASP B 505 -2.46 -7.97 71.94
CA ASP B 505 -3.25 -7.61 73.11
C ASP B 505 -3.50 -6.11 73.17
N TYR B 506 -2.42 -5.31 73.07
CA TYR B 506 -2.52 -3.86 73.12
C TYR B 506 -3.35 -3.30 71.96
N HIS B 507 -3.16 -3.85 70.76
CA HIS B 507 -3.84 -3.38 69.55
C HIS B 507 -4.94 -4.31 69.06
N ARG B 508 -5.54 -5.03 69.99
CA ARG B 508 -6.69 -5.90 69.73
C ARG B 508 -7.77 -5.07 69.04
N GLY B 509 -7.85 -3.79 69.46
CA GLY B 509 -8.83 -2.85 68.96
C GLY B 509 -8.68 -2.52 67.49
N GLU B 510 -7.46 -2.67 66.98
CA GLU B 510 -7.16 -2.29 65.59
C GLU B 510 -6.84 -3.48 64.68
N LEU B 511 -6.94 -4.70 65.20
CA LEU B 511 -6.58 -5.86 64.41
C LEU B 511 -7.76 -6.58 63.76
N ALA B 512 -7.47 -7.22 62.63
CA ALA B 512 -8.50 -7.94 61.90
C ALA B 512 -7.90 -9.14 61.13
N VAL B 513 -8.79 -10.03 60.72
CA VAL B 513 -8.42 -11.20 59.94
C VAL B 513 -9.03 -11.00 58.56
N ASP B 514 -8.30 -11.36 57.49
CA ASP B 514 -8.88 -11.29 56.16
C ASP B 514 -9.44 -12.63 55.67
N ALA B 515 -9.92 -12.66 54.42
CA ALA B 515 -10.52 -13.88 53.85
C ALA B 515 -9.56 -15.05 53.74
N GLU B 516 -8.26 -14.75 53.70
CA GLU B 516 -7.23 -15.80 53.60
C GLU B 516 -6.71 -16.18 55.00
N GLY B 517 -7.37 -15.69 56.04
CA GLY B 517 -6.96 -15.96 57.41
C GLY B 517 -5.64 -15.33 57.81
N ALA B 518 -5.38 -14.14 57.28
CA ALA B 518 -4.18 -13.37 57.64
C ALA B 518 -4.51 -12.21 58.59
N LEU B 519 -3.57 -11.92 59.50
CA LEU B 519 -3.72 -10.89 60.51
C LEU B 519 -3.40 -9.51 59.96
N ALA B 520 -4.37 -8.60 60.05
CA ALA B 520 -4.22 -7.24 59.53
C ALA B 520 -4.32 -6.18 60.64
N TYR B 521 -3.52 -5.12 60.49
CA TYR B 521 -3.65 -3.96 61.34
C TYR B 521 -4.42 -2.93 60.53
N LEU B 522 -5.51 -2.42 61.08
CA LEU B 522 -6.26 -1.38 60.36
C LEU B 522 -6.03 -0.06 61.05
N ALA B 523 -5.86 0.98 60.26
CA ALA B 523 -5.56 2.29 60.80
C ALA B 523 -6.38 3.42 60.20
N PRO B 524 -6.63 4.46 61.00
CA PRO B 524 -7.45 5.53 60.43
C PRO B 524 -6.76 6.15 59.24
N ASN B 525 -5.43 6.27 59.27
CA ASN B 525 -4.64 6.82 58.17
C ASN B 525 -3.17 6.47 58.34
N PRO B 526 -2.35 6.58 57.27
CA PRO B 526 -0.91 6.24 57.37
C PRO B 526 -0.18 6.82 58.60
N TRP B 527 -0.50 8.05 58.99
CA TRP B 527 0.19 8.76 60.08
C TRP B 527 -0.04 8.10 61.41
N ARG B 528 -1.31 7.92 61.76
CA ARG B 528 -1.63 7.24 62.99
C ARG B 528 -0.92 5.90 63.00
N LEU B 529 -0.82 5.23 61.85
CA LEU B 529 -0.17 3.93 61.79
C LEU B 529 1.19 4.03 62.48
N GLU B 530 1.99 5.00 62.04
CA GLU B 530 3.33 5.26 62.59
C GLU B 530 3.37 5.18 64.11
N SER B 531 2.47 5.90 64.77
CA SER B 531 2.35 5.85 66.24
C SER B 531 2.52 4.41 66.76
N ALA B 532 1.79 3.49 66.16
CA ALA B 532 1.84 2.10 66.61
C ALA B 532 3.07 1.38 66.07
N MET B 533 3.57 1.81 64.91
CA MET B 533 4.75 1.19 64.31
C MET B 533 6.00 1.49 65.11
N GLU B 534 6.12 2.74 65.54
CA GLU B 534 7.27 3.22 66.31
C GLU B 534 7.17 2.77 67.75
N ARG B 535 6.03 2.18 68.08
CA ARG B 535 5.81 1.61 69.40
C ARG B 535 6.30 0.16 69.41
N TYR B 536 6.05 -0.56 68.32
CA TYR B 536 6.52 -1.95 68.16
C TYR B 536 7.44 -2.09 66.94
N PRO B 537 8.71 -1.65 67.06
CA PRO B 537 9.60 -1.64 65.90
C PRO B 537 9.93 -3.06 65.40
N LYS B 538 9.77 -4.05 66.29
CA LYS B 538 10.13 -5.43 65.99
C LYS B 538 9.03 -6.16 65.24
N VAL B 539 7.89 -5.51 65.06
CA VAL B 539 6.76 -6.07 64.32
C VAL B 539 6.78 -5.51 62.91
N GLU B 540 6.80 -6.39 61.92
CA GLU B 540 6.72 -5.96 60.53
C GLU B 540 5.28 -5.52 60.19
N PHE B 541 5.15 -4.53 59.32
CA PHE B 541 3.85 -4.08 58.78
C PHE B 541 4.06 -3.99 57.30
N ARG B 542 3.57 -4.97 56.52
CA ARG B 542 3.73 -4.97 55.07
C ARG B 542 2.45 -4.48 54.37
N THR B 543 2.59 -4.12 53.11
CA THR B 543 1.48 -3.66 52.27
C THR B 543 0.98 -4.74 51.28
N THR B 544 1.56 -5.95 51.39
CA THR B 544 1.24 -7.07 50.51
C THR B 544 1.25 -8.40 51.26
N ARG B 545 0.61 -9.42 50.69
CA ARG B 545 0.73 -10.79 51.19
C ARG B 545 0.43 -11.88 50.14
N GLU B 546 1.27 -12.94 50.12
CA GLU B 546 1.15 -14.09 49.20
C GLU B 546 -0.14 -14.88 49.42
N ILE B 547 -0.79 -15.28 48.33
CA ILE B 547 -2.05 -16.06 48.40
C ILE B 547 -1.75 -17.58 48.58
N SER B 548 -2.78 -18.36 48.92
CA SER B 548 -2.61 -19.80 49.22
C SER B 548 -3.42 -20.77 48.32
N MET C 20 -3.34 -10.45 -62.14
CA MET C 20 -4.09 -9.62 -61.11
C MET C 20 -3.27 -8.56 -60.29
N SER C 21 -2.85 -8.94 -59.07
CA SER C 21 -2.21 -8.05 -58.09
C SER C 21 -0.75 -7.78 -58.42
N SER C 22 -0.29 -6.57 -58.10
CA SER C 22 1.10 -6.15 -58.39
C SER C 22 2.07 -6.35 -57.19
N ARG C 23 3.37 -6.55 -57.46
CA ARG C 23 4.31 -6.82 -56.37
C ARG C 23 4.07 -5.91 -55.18
N LEU C 24 3.92 -4.62 -55.45
CA LEU C 24 3.64 -3.62 -54.42
C LEU C 24 2.24 -3.79 -53.80
N GLU C 25 1.21 -3.83 -54.61
CA GLU C 25 -0.13 -3.97 -54.05
C GLU C 25 -0.25 -5.11 -53.05
N ARG C 26 0.46 -6.20 -53.32
CA ARG C 26 0.48 -7.40 -52.48
C ARG C 26 1.26 -7.19 -51.22
N GLU C 27 2.44 -6.60 -51.36
CA GLU C 27 3.36 -6.35 -50.27
C GLU C 27 2.72 -5.35 -49.37
N ALA C 28 2.12 -4.32 -49.98
CA ALA C 28 1.42 -3.30 -49.24
C ALA C 28 0.27 -3.85 -48.40
N ALA C 29 -0.41 -4.87 -48.90
CA ALA C 29 -1.60 -5.42 -48.25
C ALA C 29 -1.31 -6.44 -47.14
N ARG C 30 -0.03 -6.80 -46.96
CA ARG C 30 0.36 -7.70 -45.88
C ARG C 30 0.49 -6.89 -44.59
N ARG C 31 0.56 -5.57 -44.73
CA ARG C 31 0.81 -4.66 -43.63
C ARG C 31 -0.35 -4.55 -42.67
N ARG C 32 -0.01 -4.39 -41.39
CA ARG C 32 -1.00 -4.13 -40.36
C ARG C 32 -0.42 -3.10 -39.41
N THR C 33 -0.82 -1.83 -39.56
CA THR C 33 -0.22 -0.80 -38.76
C THR C 33 -1.21 -0.20 -37.74
N PHE C 34 -0.87 -0.41 -36.47
CA PHE C 34 -1.68 -0.01 -35.34
C PHE C 34 -0.86 0.48 -34.16
N ALA C 35 -1.57 1.11 -33.23
CA ALA C 35 -1.04 1.59 -31.94
C ALA C 35 -2.00 1.14 -30.84
N ILE C 36 -1.57 1.31 -29.60
CA ILE C 36 -2.41 0.90 -28.50
C ILE C 36 -2.90 2.19 -27.86
N ILE C 37 -4.20 2.30 -27.63
CA ILE C 37 -4.73 3.46 -26.95
C ILE C 37 -5.11 2.96 -25.56
N SER C 38 -4.47 3.51 -24.52
CA SER C 38 -4.79 3.05 -23.19
C SER C 38 -4.51 4.09 -22.13
N HIS C 39 -5.13 3.91 -20.97
CA HIS C 39 -4.85 4.75 -19.84
C HIS C 39 -3.61 4.14 -19.16
N PRO C 40 -2.92 4.91 -18.31
CA PRO C 40 -1.70 4.35 -17.69
C PRO C 40 -1.92 3.17 -16.72
N ASP C 41 -1.03 2.17 -16.80
CA ASP C 41 -1.04 0.97 -15.94
C ASP C 41 -1.97 -0.15 -16.36
N ALA C 42 -2.64 -0.03 -17.51
CA ALA C 42 -3.62 -1.03 -17.95
C ALA C 42 -2.98 -2.36 -18.42
N GLY C 43 -1.86 -2.26 -19.12
CA GLY C 43 -1.14 -3.46 -19.55
C GLY C 43 -0.45 -3.27 -20.88
N LYS C 44 -0.30 -2.02 -21.33
CA LYS C 44 0.20 -1.79 -22.66
C LYS C 44 1.60 -2.35 -22.83
N THR C 45 2.49 -2.06 -21.90
CA THR C 45 3.85 -2.52 -22.05
C THR C 45 3.85 -4.02 -22.01
N THR C 46 3.09 -4.60 -21.07
CA THR C 46 3.01 -6.06 -20.96
C THR C 46 2.42 -6.73 -22.20
N LEU C 47 1.30 -6.22 -22.69
CA LEU C 47 0.62 -6.83 -23.82
C LEU C 47 1.53 -6.72 -25.03
N THR C 48 2.25 -5.61 -25.10
CA THR C 48 3.12 -5.33 -26.22
C THR C 48 4.19 -6.38 -26.26
N GLU C 49 4.76 -6.66 -25.10
CA GLU C 49 5.91 -7.54 -25.01
C GLU C 49 5.49 -8.92 -25.47
N LYS C 50 4.30 -9.34 -25.04
CA LYS C 50 3.70 -10.60 -25.46
C LYS C 50 3.46 -10.66 -27.00
N LEU C 51 2.93 -9.58 -27.55
CA LEU C 51 2.64 -9.55 -28.95
C LEU C 51 3.95 -9.79 -29.69
N LEU C 52 5.00 -9.14 -29.22
CA LEU C 52 6.28 -9.20 -29.90
C LEU C 52 6.81 -10.65 -29.90
N LEU C 53 6.59 -11.35 -28.79
CA LEU C 53 7.06 -12.72 -28.66
C LEU C 53 6.40 -13.58 -29.72
N PHE C 54 5.13 -13.28 -30.00
CA PHE C 54 4.38 -13.97 -31.08
C PHE C 54 5.01 -13.84 -32.47
N GLY C 55 5.55 -12.67 -32.78
CA GLY C 55 6.21 -12.46 -34.04
C GLY C 55 7.66 -12.85 -34.01
N GLY C 56 8.01 -13.81 -33.14
CA GLY C 56 9.42 -14.16 -32.94
C GLY C 56 10.33 -12.96 -32.66
N ALA C 57 9.75 -11.82 -32.26
CA ALA C 57 10.53 -10.59 -32.03
C ALA C 57 11.24 -10.59 -30.66
N ILE C 58 12.03 -11.63 -30.46
CA ILE C 58 12.76 -11.87 -29.22
C ILE C 58 13.50 -10.64 -28.66
N GLN C 59 14.44 -10.11 -29.43
CA GLN C 59 15.25 -8.99 -28.99
C GLN C 59 14.42 -7.79 -28.64
N MET C 60 13.45 -7.45 -29.50
CA MET C 60 12.62 -6.25 -29.24
C MET C 60 11.87 -6.37 -27.90
N ALA C 61 11.18 -7.49 -27.73
CA ALA C 61 10.53 -7.81 -26.45
C ALA C 61 11.48 -7.62 -25.29
N GLY C 62 12.71 -8.10 -25.42
CA GLY C 62 13.73 -7.96 -24.36
C GLY C 62 13.98 -6.51 -24.01
N SER C 63 14.19 -5.68 -25.04
CA SER C 63 14.23 -4.23 -24.89
C SER C 63 12.98 -3.68 -24.20
N VAL C 64 11.81 -4.07 -24.70
CA VAL C 64 10.55 -3.60 -24.13
C VAL C 64 10.53 -3.94 -22.66
N LYS C 65 10.82 -5.19 -22.34
CA LYS C 65 10.94 -5.65 -20.97
C LYS C 65 12.00 -4.89 -20.16
N ALA C 66 13.20 -4.80 -20.72
CA ALA C 66 14.31 -4.14 -20.06
C ALA C 66 13.80 -2.80 -19.61
N ARG C 67 13.21 -2.04 -20.52
CA ARG C 67 12.80 -0.65 -20.26
C ARG C 67 11.80 -0.53 -19.14
N LYS C 68 10.77 -1.39 -19.22
CA LYS C 68 9.76 -1.48 -18.19
C LYS C 68 10.49 -1.58 -16.85
N ALA C 69 11.36 -2.58 -16.74
CA ALA C 69 12.13 -2.88 -15.54
C ALA C 69 13.01 -1.72 -15.04
N ALA C 70 13.61 -0.99 -15.96
CA ALA C 70 14.54 0.10 -15.67
C ALA C 70 13.91 1.35 -15.01
N ARG C 71 12.61 1.53 -15.15
CA ARG C 71 11.92 2.66 -14.55
C ARG C 71 12.09 2.57 -13.06
N HIS C 72 11.72 1.41 -12.53
CA HIS C 72 11.70 1.16 -11.10
C HIS C 72 13.01 0.61 -10.57
N ALA C 73 14.05 0.63 -11.40
CA ALA C 73 15.33 0.11 -11.00
C ALA C 73 16.13 1.20 -10.32
N THR C 74 17.43 0.98 -10.13
CA THR C 74 18.35 1.95 -9.57
C THR C 74 18.55 3.18 -10.45
N SER C 75 19.19 4.20 -9.90
CA SER C 75 19.45 5.45 -10.60
C SER C 75 20.20 5.28 -11.91
N ASP C 76 21.14 4.34 -11.97
CA ASP C 76 21.93 4.10 -13.20
C ASP C 76 21.14 3.54 -14.39
N TRP C 77 20.00 2.90 -14.12
CA TRP C 77 19.11 2.43 -15.20
C TRP C 77 18.12 3.49 -15.64
N MET C 78 17.69 4.31 -14.69
CA MET C 78 16.75 5.38 -14.97
C MET C 78 17.37 6.44 -15.86
N ALA C 79 18.69 6.55 -15.82
CA ALA C 79 19.44 7.41 -16.72
C ALA C 79 19.72 6.69 -18.05
N MET C 80 19.49 5.38 -18.07
CA MET C 80 19.68 4.54 -19.26
C MET C 80 18.44 4.52 -20.14
N GLU C 81 17.30 4.23 -19.53
CA GLU C 81 16.02 4.19 -20.23
C GLU C 81 15.63 5.56 -20.77
N ARG C 82 16.05 6.59 -20.04
CA ARG C 82 15.82 7.99 -20.42
C ARG C 82 16.75 8.53 -21.52
N GLU C 83 17.35 7.63 -22.31
CA GLU C 83 18.23 8.00 -23.42
C GLU C 83 17.51 7.89 -24.75
N ARG C 84 18.01 8.59 -25.77
CA ARG C 84 17.39 8.63 -27.09
C ARG C 84 17.52 7.31 -27.86
N GLY C 85 18.72 6.73 -27.85
CA GLY C 85 19.02 5.51 -28.59
C GLY C 85 18.00 4.38 -28.45
N ILE C 86 17.44 4.24 -27.25
CA ILE C 86 16.51 3.16 -26.94
C ILE C 86 15.07 3.54 -27.22
N SER C 87 14.63 4.68 -26.71
CA SER C 87 13.25 5.12 -26.90
C SER C 87 12.92 5.25 -28.39
N VAL C 88 13.94 5.22 -29.22
CA VAL C 88 13.78 5.23 -30.68
C VAL C 88 13.65 3.83 -31.26
N THR C 89 14.50 2.90 -30.84
CA THR C 89 14.41 1.52 -31.31
C THR C 89 13.02 0.89 -31.02
N THR C 90 12.42 1.28 -29.89
CA THR C 90 11.11 0.77 -29.49
C THR C 90 9.95 1.68 -29.90
N SER C 91 10.23 2.71 -30.68
CA SER C 91 9.20 3.68 -31.00
C SER C 91 8.28 3.18 -32.11
N VAL C 92 8.87 2.39 -33.00
CA VAL C 92 8.14 1.63 -34.01
C VAL C 92 8.73 0.22 -33.94
N MET C 93 7.87 -0.77 -33.61
CA MET C 93 8.27 -2.17 -33.41
C MET C 93 7.56 -3.02 -34.42
N GLN C 94 8.30 -3.52 -35.39
CA GLN C 94 7.70 -4.32 -36.46
C GLN C 94 7.99 -5.78 -36.15
N PHE C 95 7.15 -6.70 -36.63
CA PHE C 95 7.38 -8.14 -36.40
C PHE C 95 6.47 -8.89 -37.34
N PRO C 96 6.76 -10.16 -37.66
CA PRO C 96 5.91 -10.83 -38.62
C PRO C 96 4.95 -11.75 -37.90
N TYR C 97 3.72 -11.86 -38.37
CA TYR C 97 2.78 -12.79 -37.75
C TYR C 97 1.79 -13.32 -38.78
N ARG C 98 1.75 -14.64 -38.91
CA ARG C 98 0.86 -15.30 -39.86
C ARG C 98 0.95 -14.66 -41.29
N ASP C 99 2.19 -14.34 -41.65
CA ASP C 99 2.57 -13.78 -42.93
C ASP C 99 2.16 -12.33 -43.12
N ARG C 100 1.52 -11.75 -42.10
CA ARG C 100 1.26 -10.31 -42.07
C ARG C 100 2.47 -9.59 -41.49
N VAL C 101 2.68 -8.37 -41.95
CA VAL C 101 3.70 -7.54 -41.36
C VAL C 101 3.00 -6.60 -40.40
N VAL C 102 3.30 -6.70 -39.13
CA VAL C 102 2.60 -5.88 -38.16
C VAL C 102 3.55 -4.80 -37.73
N ASN C 103 3.09 -3.57 -37.89
CA ASN C 103 3.83 -2.40 -37.45
C ASN C 103 3.11 -1.80 -36.24
N LEU C 104 3.62 -2.08 -35.03
CA LEU C 104 3.08 -1.56 -33.78
C LEU C 104 3.86 -0.32 -33.39
N LEU C 105 3.16 0.82 -33.40
CA LEU C 105 3.77 2.12 -33.08
C LEU C 105 3.61 2.48 -31.59
N ASP C 106 4.71 2.89 -30.96
CA ASP C 106 4.61 3.25 -29.56
C ASP C 106 3.82 4.52 -29.41
N THR C 107 3.02 4.57 -28.35
CA THR C 107 2.29 5.77 -28.04
C THR C 107 2.83 6.18 -26.69
N PRO C 108 3.68 7.23 -26.66
CA PRO C 108 4.29 7.64 -25.39
C PRO C 108 3.18 7.86 -24.38
N GLY C 109 3.41 7.35 -23.17
CA GLY C 109 2.43 7.48 -22.08
C GLY C 109 3.03 8.05 -20.80
N HIS C 110 2.27 7.98 -19.72
CA HIS C 110 2.77 8.39 -18.41
C HIS C 110 3.38 9.79 -18.45
N GLN C 111 4.62 9.85 -17.99
CA GLN C 111 5.43 11.06 -17.90
C GLN C 111 5.71 11.63 -19.27
N ASP C 112 5.63 10.77 -20.29
CA ASP C 112 5.98 11.14 -21.66
C ASP C 112 4.78 11.48 -22.52
N PHE C 113 3.58 11.19 -22.01
CA PHE C 113 2.39 11.51 -22.75
C PHE C 113 2.49 12.94 -23.24
N SER C 114 2.27 13.15 -24.54
CA SER C 114 2.31 14.50 -25.13
C SER C 114 1.55 14.53 -26.44
N GLU C 115 1.74 15.59 -27.22
CA GLU C 115 1.08 15.69 -28.52
C GLU C 115 1.57 14.58 -29.49
N ASP C 116 2.76 14.06 -29.26
CA ASP C 116 3.30 12.99 -30.09
C ASP C 116 2.41 11.77 -29.96
N THR C 117 1.81 11.59 -28.79
CA THR C 117 0.90 10.48 -28.60
C THR C 117 -0.28 10.55 -29.57
N TYR C 118 -0.84 11.75 -29.73
CA TYR C 118 -1.96 11.92 -30.62
C TYR C 118 -1.54 11.75 -32.05
N ARG C 119 -0.35 12.25 -32.37
CA ARG C 119 0.15 12.21 -33.75
C ARG C 119 0.44 10.79 -34.26
N VAL C 120 0.84 9.93 -33.33
CA VAL C 120 1.07 8.56 -33.65
C VAL C 120 -0.23 8.02 -34.20
N LEU C 121 -1.33 8.49 -33.63
CA LEU C 121 -2.65 8.02 -33.99
C LEU C 121 -3.07 8.47 -35.41
N THR C 122 -2.41 9.50 -35.91
CA THR C 122 -2.64 9.98 -37.27
C THR C 122 -1.70 9.25 -38.28
N ALA C 123 -1.24 8.05 -37.90
CA ALA C 123 -0.38 7.26 -38.77
C ALA C 123 -0.69 5.78 -38.72
N VAL C 124 -1.64 5.38 -37.89
CA VAL C 124 -2.07 3.97 -37.88
C VAL C 124 -3.34 3.73 -38.71
N ASP C 125 -3.42 2.56 -39.35
CA ASP C 125 -4.64 2.20 -40.08
C ASP C 125 -5.74 1.79 -39.09
N SER C 126 -5.31 1.30 -37.92
CA SER C 126 -6.22 0.98 -36.82
C SER C 126 -5.58 1.02 -35.42
N ALA C 127 -6.39 0.77 -34.40
CA ALA C 127 -5.88 0.78 -33.05
C ALA C 127 -6.53 -0.28 -32.19
N LEU C 128 -5.82 -0.61 -31.12
CA LEU C 128 -6.22 -1.61 -30.16
C LEU C 128 -6.39 -0.95 -28.80
N VAL C 129 -7.58 -1.06 -28.23
CA VAL C 129 -7.84 -0.51 -26.91
C VAL C 129 -7.54 -1.51 -25.79
N VAL C 130 -6.79 -1.08 -24.79
CA VAL C 130 -6.50 -1.94 -23.63
C VAL C 130 -7.07 -1.35 -22.33
N ILE C 131 -7.98 -2.11 -21.71
CA ILE C 131 -8.62 -1.70 -20.47
C ILE C 131 -8.22 -2.57 -19.29
N ASP C 132 -8.04 -1.95 -18.13
CA ASP C 132 -7.74 -2.70 -16.92
C ASP C 132 -9.11 -3.14 -16.44
N ALA C 133 -9.32 -4.45 -16.31
CA ALA C 133 -10.66 -4.96 -15.97
C ALA C 133 -11.26 -4.30 -14.72
N ALA C 134 -10.45 -4.14 -13.69
CA ALA C 134 -10.94 -3.59 -12.44
C ALA C 134 -11.33 -2.12 -12.62
N LYS C 135 -10.58 -1.40 -13.45
CA LYS C 135 -10.88 0.02 -13.64
C LYS C 135 -11.85 0.40 -14.77
N GLY C 136 -12.02 -0.46 -15.77
CA GLY C 136 -12.89 -0.12 -16.87
C GLY C 136 -12.32 1.01 -17.72
N VAL C 137 -13.20 1.79 -18.36
CA VAL C 137 -12.75 2.86 -19.24
C VAL C 137 -12.30 4.03 -18.38
N GLU C 138 -11.08 4.51 -18.59
CA GLU C 138 -10.51 5.61 -17.81
C GLU C 138 -10.29 6.91 -18.61
N ALA C 139 -9.83 7.96 -17.94
CA ALA C 139 -9.62 9.27 -18.57
C ALA C 139 -8.78 9.27 -19.87
N GLN C 140 -7.61 8.64 -19.86
CA GLN C 140 -6.73 8.62 -21.03
C GLN C 140 -7.31 7.75 -22.13
N THR C 141 -7.93 6.65 -21.73
CA THR C 141 -8.61 5.79 -22.68
C THR C 141 -9.64 6.59 -23.48
N ARG C 142 -10.47 7.36 -22.79
CA ARG C 142 -11.49 8.16 -23.43
C ARG C 142 -10.88 9.23 -24.37
N LYS C 143 -9.90 9.98 -23.85
CA LYS C 143 -9.22 11.02 -24.62
C LYS C 143 -8.69 10.47 -25.94
N LEU C 144 -7.90 9.40 -25.85
CA LEU C 144 -7.36 8.76 -27.06
C LEU C 144 -8.45 8.27 -28.03
N MET C 145 -9.50 7.65 -27.49
CA MET C 145 -10.60 7.17 -28.32
C MET C 145 -11.23 8.34 -29.07
N ASP C 146 -11.30 9.52 -28.40
CA ASP C 146 -11.83 10.73 -29.02
C ASP C 146 -11.07 11.05 -30.30
N VAL C 147 -9.76 10.84 -30.25
CA VAL C 147 -8.92 11.07 -31.41
C VAL C 147 -9.26 10.05 -32.50
N CYS C 148 -9.36 8.77 -32.12
CA CYS C 148 -9.63 7.73 -33.10
C CYS C 148 -10.99 7.92 -33.79
N ARG C 149 -11.98 8.36 -33.02
CA ARG C 149 -13.34 8.52 -33.51
C ARG C 149 -13.43 9.57 -34.59
N MET C 150 -12.76 10.69 -34.36
CA MET C 150 -12.80 11.77 -35.35
C MET C 150 -12.14 11.40 -36.65
N ARG C 151 -11.25 10.42 -36.61
CA ARG C 151 -10.53 10.00 -37.79
C ARG C 151 -11.16 8.76 -38.36
N ALA C 152 -12.26 8.31 -37.73
CA ALA C 152 -12.98 7.06 -38.06
C ALA C 152 -12.07 5.86 -38.06
N THR C 153 -11.29 5.70 -36.99
CA THR C 153 -10.31 4.63 -36.93
C THR C 153 -10.91 3.41 -36.24
N PRO C 154 -10.88 2.24 -36.91
CA PRO C 154 -11.38 0.98 -36.35
C PRO C 154 -10.65 0.57 -35.08
N VAL C 155 -11.39 0.05 -34.10
CA VAL C 155 -10.73 -0.39 -32.89
C VAL C 155 -11.08 -1.81 -32.48
N MET C 156 -10.05 -2.51 -32.01
CA MET C 156 -10.24 -3.80 -31.36
C MET C 156 -9.97 -3.58 -29.89
N THR C 157 -10.78 -4.18 -29.03
CA THR C 157 -10.68 -3.99 -27.57
C THR C 157 -10.21 -5.26 -26.81
N PHE C 158 -9.25 -5.09 -25.92
CA PHE C 158 -8.79 -6.18 -25.12
C PHE C 158 -8.93 -5.84 -23.63
N VAL C 159 -9.55 -6.73 -22.87
CA VAL C 159 -9.83 -6.43 -21.48
C VAL C 159 -8.82 -7.26 -20.72
N ASN C 160 -7.97 -6.56 -20.00
CA ASN C 160 -6.85 -7.15 -19.30
C ASN C 160 -7.05 -7.35 -17.81
N LYS C 161 -6.08 -8.03 -17.18
CA LYS C 161 -6.01 -8.29 -15.75
C LYS C 161 -7.17 -9.10 -15.15
N MET C 162 -7.58 -10.17 -15.84
CA MET C 162 -8.70 -10.99 -15.37
C MET C 162 -8.32 -11.89 -14.20
N ASP C 163 -7.03 -12.01 -13.90
CA ASP C 163 -6.57 -12.84 -12.78
C ASP C 163 -6.74 -12.12 -11.44
N ARG C 164 -6.96 -10.80 -11.50
CA ARG C 164 -7.26 -9.97 -10.35
C ARG C 164 -8.77 -9.78 -10.35
N GLU C 165 -9.35 -9.42 -9.22
CA GLU C 165 -10.78 -9.18 -9.13
C GLU C 165 -11.12 -8.05 -10.08
N ALA C 166 -12.32 -8.08 -10.66
CA ALA C 166 -12.68 -7.16 -11.75
C ALA C 166 -14.17 -6.85 -11.87
N LEU C 167 -14.47 -5.86 -12.70
CA LEU C 167 -15.86 -5.55 -12.99
C LEU C 167 -16.41 -6.70 -13.82
N HIS C 168 -17.70 -6.97 -13.68
CA HIS C 168 -18.36 -8.05 -14.40
C HIS C 168 -18.21 -7.82 -15.92
N PRO C 169 -18.04 -8.88 -16.70
CA PRO C 169 -17.91 -8.72 -18.14
C PRO C 169 -19.02 -7.89 -18.78
N LEU C 170 -20.27 -8.19 -18.46
CA LEU C 170 -21.38 -7.33 -18.89
C LEU C 170 -21.23 -5.85 -18.46
N ASP C 171 -20.75 -5.59 -17.24
CA ASP C 171 -20.53 -4.22 -16.77
C ASP C 171 -19.44 -3.48 -17.53
N VAL C 172 -18.39 -4.23 -17.85
CA VAL C 172 -17.25 -3.71 -18.58
C VAL C 172 -17.72 -3.27 -19.95
N MET C 173 -18.48 -4.15 -20.63
CA MET C 173 -19.00 -3.82 -21.96
C MET C 173 -19.89 -2.58 -21.89
N ALA C 174 -20.72 -2.54 -20.85
CA ALA C 174 -21.65 -1.42 -20.68
C ALA C 174 -20.84 -0.17 -20.64
N ASP C 175 -19.78 -0.23 -19.86
CA ASP C 175 -18.86 0.87 -19.67
C ASP C 175 -18.27 1.32 -21.01
N ILE C 176 -17.79 0.32 -21.76
CA ILE C 176 -17.09 0.60 -22.97
C ILE C 176 -18.04 1.30 -23.87
N GLU C 177 -19.21 0.68 -24.04
CA GLU C 177 -20.16 1.23 -24.99
C GLU C 177 -20.51 2.63 -24.60
N GLN C 178 -20.78 2.87 -23.33
CA GLN C 178 -21.14 4.21 -22.90
C GLN C 178 -20.05 5.22 -23.17
N HIS C 179 -18.82 4.90 -22.79
CA HIS C 179 -17.76 5.89 -22.82
C HIS C 179 -16.91 5.98 -24.07
N LEU C 180 -16.81 4.91 -24.83
CA LEU C 180 -16.08 4.97 -26.09
C LEU C 180 -17.08 5.22 -27.19
N GLN C 181 -18.36 5.22 -26.83
CA GLN C 181 -19.42 5.48 -27.82
C GLN C 181 -19.24 4.57 -29.02
N ILE C 182 -19.55 3.30 -28.84
CA ILE C 182 -19.32 2.28 -29.85
C ILE C 182 -19.97 1.02 -29.36
N GLU C 183 -20.39 0.14 -30.28
CA GLU C 183 -20.99 -1.14 -29.88
C GLU C 183 -19.91 -2.17 -29.56
N CYS C 184 -20.16 -2.99 -28.56
CA CYS C 184 -19.24 -4.05 -28.20
C CYS C 184 -19.71 -5.39 -28.74
N ALA C 185 -18.80 -6.09 -29.44
CA ALA C 185 -19.07 -7.45 -29.93
C ALA C 185 -18.13 -8.43 -29.24
N PRO C 186 -18.60 -9.09 -28.16
CA PRO C 186 -17.71 -10.06 -27.50
C PRO C 186 -17.25 -11.17 -28.43
N MET C 187 -15.95 -11.45 -28.42
CA MET C 187 -15.39 -12.56 -29.17
C MET C 187 -15.07 -13.72 -28.21
N THR C 188 -14.51 -13.37 -27.07
CA THR C 188 -14.16 -14.32 -26.04
C THR C 188 -14.77 -13.81 -24.75
N TRP C 189 -15.34 -14.73 -23.97
CA TRP C 189 -15.99 -14.42 -22.70
C TRP C 189 -15.29 -15.15 -21.56
N PRO C 190 -15.04 -14.44 -20.45
CA PRO C 190 -14.30 -15.01 -19.31
C PRO C 190 -15.18 -15.84 -18.39
N ILE C 191 -14.61 -16.92 -17.84
CA ILE C 191 -15.32 -17.73 -16.86
C ILE C 191 -14.67 -17.32 -15.55
N GLY C 192 -15.46 -16.68 -14.70
CA GLY C 192 -14.98 -16.25 -13.40
C GLY C 192 -14.02 -15.08 -13.49
N MET C 193 -13.37 -14.77 -12.38
CA MET C 193 -12.42 -13.68 -12.29
C MET C 193 -11.64 -13.81 -10.99
N GLY C 194 -10.56 -13.05 -10.87
CA GLY C 194 -9.71 -13.13 -9.70
C GLY C 194 -9.26 -14.54 -9.39
N SER C 195 -9.47 -14.97 -8.15
CA SER C 195 -9.05 -16.33 -7.75
C SER C 195 -9.88 -17.41 -8.43
N SER C 196 -11.05 -17.04 -8.90
CA SER C 196 -11.94 -17.97 -9.59
C SER C 196 -11.82 -17.90 -11.11
N PHE C 197 -10.78 -17.26 -11.62
CA PHE C 197 -10.64 -17.11 -13.07
C PHE C 197 -10.31 -18.49 -13.60
N LYS C 198 -11.19 -19.03 -14.43
CA LYS C 198 -10.99 -20.35 -15.02
C LYS C 198 -10.37 -20.24 -16.41
N GLY C 199 -10.69 -19.13 -17.08
CA GLY C 199 -10.23 -18.92 -18.45
C GLY C 199 -11.31 -18.27 -19.29
N THR C 200 -11.30 -18.54 -20.59
CA THR C 200 -12.15 -17.85 -21.53
C THR C 200 -12.77 -18.81 -22.49
N TYR C 201 -13.95 -18.45 -22.99
CA TYR C 201 -14.67 -19.27 -23.98
C TYR C 201 -14.74 -18.49 -25.25
N ASP C 202 -14.22 -19.06 -26.34
CA ASP C 202 -14.24 -18.40 -27.65
C ASP C 202 -15.56 -18.75 -28.34
N LEU C 203 -16.45 -17.76 -28.46
CA LEU C 203 -17.81 -17.94 -28.92
C LEU C 203 -17.90 -18.29 -30.38
N LEU C 204 -17.06 -17.72 -31.23
CA LEU C 204 -17.16 -18.10 -32.62
C LEU C 204 -16.53 -19.43 -32.85
N HIS C 205 -15.33 -19.62 -32.30
CA HIS C 205 -14.63 -20.87 -32.52
C HIS C 205 -15.01 -21.98 -31.54
N LYS C 206 -16.15 -21.81 -30.86
CA LYS C 206 -16.73 -22.80 -29.97
C LYS C 206 -15.63 -23.57 -29.25
N GLN C 207 -14.72 -22.82 -28.62
CA GLN C 207 -13.53 -23.34 -27.95
C GLN C 207 -13.33 -22.81 -26.53
N LEU C 208 -12.97 -23.70 -25.62
CA LEU C 208 -12.76 -23.31 -24.24
C LEU C 208 -11.27 -23.26 -23.97
N HIS C 209 -10.81 -22.13 -23.42
CA HIS C 209 -9.41 -21.98 -23.08
C HIS C 209 -9.22 -21.92 -21.59
N LEU C 210 -8.53 -22.91 -21.05
CA LEU C 210 -8.28 -22.93 -19.63
C LEU C 210 -7.09 -22.09 -19.21
N PHE C 211 -7.12 -21.59 -17.98
CA PHE C 211 -6.02 -20.82 -17.45
C PHE C 211 -5.22 -21.68 -16.50
N SER C 212 -3.94 -21.88 -16.84
CA SER C 212 -3.00 -22.61 -15.96
C SER C 212 -1.81 -21.72 -15.54
N ALA C 213 -1.46 -21.78 -14.25
CA ALA C 213 -0.36 -20.97 -13.70
C ALA C 213 0.94 -21.75 -13.74
N ILE C 219 2.16 -22.32 -23.83
CA ILE C 219 1.03 -21.80 -24.64
C ILE C 219 0.14 -22.96 -25.10
N GLN C 220 -1.15 -22.88 -24.77
CA GLN C 220 -2.06 -24.03 -24.83
C GLN C 220 -3.03 -24.08 -26.01
N SER C 221 -3.51 -25.30 -26.30
CA SER C 221 -4.52 -25.51 -27.34
C SER C 221 -5.91 -25.70 -26.71
N GLY C 222 -6.90 -24.94 -27.21
CA GLY C 222 -8.25 -24.94 -26.68
C GLY C 222 -9.08 -26.20 -26.85
N ILE C 223 -10.07 -26.36 -25.99
CA ILE C 223 -10.95 -27.51 -25.99
C ILE C 223 -12.24 -27.17 -26.71
N VAL C 224 -12.55 -27.94 -27.75
CA VAL C 224 -13.77 -27.72 -28.53
C VAL C 224 -15.04 -28.08 -27.75
N ILE C 225 -16.06 -27.21 -27.82
CA ILE C 225 -17.30 -27.46 -27.09
C ILE C 225 -18.45 -27.68 -28.06
N HIS C 226 -19.12 -28.82 -27.91
CA HIS C 226 -20.21 -29.21 -28.81
C HIS C 226 -21.57 -28.85 -28.21
N GLY C 227 -21.85 -27.54 -28.19
CA GLY C 227 -23.10 -27.05 -27.61
C GLY C 227 -23.00 -26.65 -26.15
N ALA C 228 -24.00 -25.91 -25.68
CA ALA C 228 -24.07 -25.46 -24.29
C ALA C 228 -24.23 -26.63 -23.31
N ASP C 229 -24.89 -27.70 -23.77
CA ASP C 229 -25.15 -28.90 -22.95
C ASP C 229 -23.91 -29.71 -22.63
N ASP C 230 -22.95 -29.70 -23.56
CA ASP C 230 -21.71 -30.46 -23.44
C ASP C 230 -21.28 -30.55 -21.97
N PRO C 231 -21.07 -31.80 -21.50
CA PRO C 231 -20.61 -32.13 -20.15
C PRO C 231 -19.22 -31.61 -19.85
N GLN C 232 -18.40 -31.48 -20.89
CA GLN C 232 -17.05 -30.93 -20.77
C GLN C 232 -17.08 -29.58 -20.07
N LEU C 233 -18.16 -28.83 -20.24
CA LEU C 233 -18.30 -27.58 -19.51
C LEU C 233 -18.32 -27.87 -18.04
N ASP C 234 -19.08 -28.89 -17.66
CA ASP C 234 -19.17 -29.26 -16.26
C ASP C 234 -17.88 -29.91 -15.78
N GLU C 235 -17.24 -30.68 -16.67
CA GLU C 235 -15.99 -31.35 -16.37
C GLU C 235 -14.87 -30.37 -16.01
N TYR C 236 -14.75 -29.30 -16.78
CA TYR C 236 -13.66 -28.35 -16.61
C TYR C 236 -13.97 -27.11 -15.79
N LEU C 237 -15.23 -26.69 -15.77
CA LEU C 237 -15.62 -25.48 -15.06
C LEU C 237 -16.36 -25.74 -13.75
N GLY C 238 -16.65 -27.00 -13.46
CA GLY C 238 -17.33 -27.39 -12.21
C GLY C 238 -18.61 -26.61 -12.00
N ASP C 239 -18.76 -26.05 -10.80
CA ASP C 239 -19.94 -25.23 -10.46
C ASP C 239 -19.95 -23.83 -11.11
N GLN C 240 -18.91 -23.51 -11.88
CA GLN C 240 -18.86 -22.24 -12.63
C GLN C 240 -19.35 -22.39 -14.06
N ALA C 241 -19.71 -23.61 -14.46
CA ALA C 241 -20.26 -23.83 -15.78
C ALA C 241 -21.62 -23.15 -15.87
N GLU C 242 -22.29 -23.09 -14.72
CA GLU C 242 -23.59 -22.45 -14.61
C GLU C 242 -23.54 -20.99 -15.10
N GLN C 243 -22.58 -20.21 -14.60
CA GLN C 243 -22.48 -18.81 -15.00
C GLN C 243 -22.22 -18.63 -16.51
N LEU C 244 -21.34 -19.44 -17.08
CA LEU C 244 -21.05 -19.34 -18.51
C LEU C 244 -22.29 -19.61 -19.36
N ARG C 245 -23.01 -20.70 -19.07
CA ARG C 245 -24.30 -20.98 -19.74
C ARG C 245 -25.27 -19.84 -19.52
N MET C 246 -25.38 -19.39 -18.27
CA MET C 246 -26.15 -18.23 -17.92
C MET C 246 -25.72 -17.01 -18.76
N ASP C 247 -24.45 -16.60 -18.64
CA ASP C 247 -23.97 -15.41 -19.32
C ASP C 247 -24.21 -15.49 -20.81
N LEU C 248 -23.98 -16.68 -21.39
CA LEU C 248 -23.98 -16.89 -22.84
C LEU C 248 -25.32 -16.73 -23.47
N ALA C 249 -26.37 -17.18 -22.78
CA ALA C 249 -27.74 -17.03 -23.25
C ALA C 249 -28.14 -15.57 -23.19
N LEU C 250 -27.70 -14.88 -22.15
CA LEU C 250 -27.98 -13.46 -22.03
C LEU C 250 -27.31 -12.81 -23.23
N LEU C 251 -26.08 -13.21 -23.49
CA LEU C 251 -25.36 -12.65 -24.62
C LEU C 251 -26.10 -12.87 -25.92
N GLU C 252 -26.60 -14.07 -26.16
CA GLU C 252 -27.22 -14.44 -27.44
C GLU C 252 -28.56 -13.74 -27.66
N GLU C 253 -28.99 -12.97 -26.68
CA GLU C 253 -30.20 -12.15 -26.83
C GLU C 253 -29.80 -10.67 -26.98
N ALA C 254 -29.07 -10.13 -26.01
CA ALA C 254 -28.57 -8.75 -26.09
C ALA C 254 -27.14 -8.73 -26.63
N GLY C 255 -26.92 -9.49 -27.70
CA GLY C 255 -25.58 -9.69 -28.26
C GLY C 255 -25.37 -9.07 -29.62
N THR C 256 -24.16 -8.59 -29.82
CA THR C 256 -23.79 -8.05 -31.11
C THR C 256 -22.75 -8.99 -31.69
N PRO C 257 -23.07 -9.61 -32.85
CA PRO C 257 -22.03 -10.41 -33.50
C PRO C 257 -21.06 -9.46 -34.17
N PHE C 258 -19.80 -9.82 -34.12
CA PHE C 258 -18.79 -9.03 -34.82
C PHE C 258 -19.21 -8.91 -36.26
N ASP C 259 -19.37 -7.68 -36.70
CA ASP C 259 -19.72 -7.40 -38.09
C ASP C 259 -18.57 -6.70 -38.83
N GLU C 260 -17.89 -7.43 -39.70
CA GLU C 260 -16.72 -6.89 -40.33
C GLU C 260 -16.91 -5.45 -40.83
N GLU C 261 -17.87 -5.24 -41.71
CA GLU C 261 -18.08 -3.89 -42.23
C GLU C 261 -18.17 -2.87 -41.11
N ARG C 262 -19.11 -3.06 -40.20
CA ARG C 262 -19.30 -2.13 -39.07
C ARG C 262 -18.01 -1.81 -38.30
N TYR C 263 -17.20 -2.83 -38.01
CA TYR C 263 -15.92 -2.64 -37.33
C TYR C 263 -15.07 -1.67 -38.11
N LEU C 264 -15.05 -1.81 -39.42
CA LEU C 264 -14.25 -0.93 -40.27
C LEU C 264 -14.81 0.46 -40.32
N LYS C 265 -16.15 0.60 -40.25
CA LYS C 265 -16.78 1.93 -40.18
C LYS C 265 -16.57 2.58 -38.79
N GLY C 266 -16.00 1.82 -37.86
CA GLY C 266 -15.78 2.26 -36.49
C GLY C 266 -17.00 2.22 -35.59
N GLU C 267 -18.11 1.68 -36.10
CA GLU C 267 -19.35 1.56 -35.36
C GLU C 267 -19.29 0.44 -34.36
N LEU C 268 -18.40 -0.52 -34.56
CA LEU C 268 -18.42 -1.72 -33.71
C LEU C 268 -17.02 -2.12 -33.21
N THR C 269 -16.94 -2.68 -32.03
CA THR C 269 -15.65 -3.19 -31.57
C THR C 269 -15.61 -4.65 -31.06
N PRO C 270 -14.61 -5.43 -31.48
CA PRO C 270 -14.56 -6.80 -31.02
C PRO C 270 -13.85 -6.83 -29.67
N VAL C 271 -14.47 -7.46 -28.68
CA VAL C 271 -13.88 -7.45 -27.34
C VAL C 271 -13.33 -8.80 -26.97
N PHE C 272 -12.12 -8.79 -26.39
CA PHE C 272 -11.43 -9.99 -25.88
C PHE C 272 -11.04 -9.77 -24.41
N PHE C 273 -11.18 -10.80 -23.59
CA PHE C 273 -10.77 -10.78 -22.19
C PHE C 273 -9.56 -11.69 -22.05
N GLY C 274 -8.68 -11.37 -21.09
CA GLY C 274 -7.41 -12.07 -20.91
C GLY C 274 -6.52 -11.51 -19.79
N SER C 275 -5.40 -12.19 -19.54
CA SER C 275 -4.44 -11.82 -18.54
C SER C 275 -3.09 -11.65 -19.25
N ALA C 276 -2.85 -10.44 -19.76
CA ALA C 276 -1.65 -10.16 -20.49
C ALA C 276 -0.41 -10.63 -19.73
N ILE C 277 -0.26 -10.23 -18.46
CA ILE C 277 0.85 -10.68 -17.63
C ILE C 277 1.14 -12.18 -17.79
N ASN C 278 0.07 -12.98 -17.97
CA ASN C 278 0.17 -14.43 -18.13
C ASN C 278 0.16 -14.87 -19.60
N ASN C 279 0.26 -13.90 -20.50
CA ASN C 279 0.20 -14.18 -21.92
C ASN C 279 -1.04 -15.03 -22.17
N PHE C 280 -2.16 -14.59 -21.59
CA PHE C 280 -3.40 -15.31 -21.74
C PHE C 280 -4.48 -14.53 -22.49
N GLY C 281 -5.05 -15.17 -23.51
CA GLY C 281 -6.13 -14.59 -24.29
C GLY C 281 -5.59 -13.71 -25.40
N VAL C 282 -4.29 -13.44 -25.35
CA VAL C 282 -3.62 -12.64 -26.41
C VAL C 282 -3.70 -13.25 -27.82
N ARG C 283 -3.58 -14.57 -27.91
CA ARG C 283 -3.45 -15.22 -29.21
C ARG C 283 -4.70 -15.03 -30.01
N GLU C 284 -5.85 -15.17 -29.36
CA GLU C 284 -7.13 -15.00 -30.07
C GLU C 284 -7.25 -13.59 -30.61
N MET C 285 -6.94 -12.64 -29.74
CA MET C 285 -6.93 -11.22 -30.07
C MET C 285 -5.92 -10.91 -31.20
N LEU C 286 -4.75 -11.52 -31.14
CA LEU C 286 -3.74 -11.30 -32.16
C LEU C 286 -4.23 -11.86 -33.50
N ASP C 287 -4.88 -13.02 -33.46
CA ASP C 287 -5.35 -13.64 -34.69
C ASP C 287 -6.42 -12.77 -35.31
N MET C 288 -7.33 -12.27 -34.48
CA MET C 288 -8.46 -11.54 -35.03
C MET C 288 -7.88 -10.29 -35.68
N PHE C 289 -6.83 -9.74 -35.07
CA PHE C 289 -6.20 -8.53 -35.58
C PHE C 289 -5.55 -8.74 -36.95
N VAL C 290 -4.79 -9.82 -37.13
CA VAL C 290 -4.07 -9.99 -38.41
C VAL C 290 -5.11 -10.27 -39.47
N GLU C 291 -6.18 -10.93 -39.05
CA GLU C 291 -7.25 -11.36 -39.95
C GLU C 291 -8.18 -10.27 -40.47
N PHE C 292 -8.58 -9.33 -39.62
CA PHE C 292 -9.59 -8.34 -40.02
C PHE C 292 -9.16 -6.87 -39.98
N ALA C 293 -8.19 -6.56 -39.13
CA ALA C 293 -7.68 -5.19 -39.06
C ALA C 293 -7.25 -4.66 -40.45
N PRO C 294 -7.45 -3.37 -40.65
CA PRO C 294 -7.19 -2.70 -41.94
C PRO C 294 -5.74 -2.64 -42.39
N GLY C 295 -5.57 -2.82 -43.69
CA GLY C 295 -4.30 -2.68 -44.39
C GLY C 295 -4.13 -1.19 -44.68
N PRO C 296 -2.99 -0.78 -45.26
CA PRO C 296 -2.76 0.62 -45.52
C PRO C 296 -3.91 1.15 -46.35
N GLN C 297 -4.40 2.32 -45.96
CA GLN C 297 -5.55 2.91 -46.59
C GLN C 297 -5.20 4.14 -47.38
N PRO C 298 -6.05 4.45 -48.38
CA PRO C 298 -5.88 5.65 -49.20
C PRO C 298 -5.83 6.89 -48.30
N ARG C 299 -4.97 7.85 -48.66
CA ARG C 299 -4.80 9.04 -47.86
C ARG C 299 -5.13 10.27 -48.69
N PRO C 300 -5.95 11.17 -48.13
CA PRO C 300 -6.33 12.40 -48.83
C PRO C 300 -5.18 13.38 -49.01
N ALA C 301 -5.19 14.09 -50.15
CA ALA C 301 -4.20 15.10 -50.47
C ALA C 301 -4.92 16.34 -50.97
N ALA C 302 -4.19 17.41 -51.19
CA ALA C 302 -4.84 18.65 -51.61
C ALA C 302 -5.44 18.44 -52.99
N THR C 303 -4.66 17.88 -53.90
CA THR C 303 -5.14 17.67 -55.25
C THR C 303 -6.00 16.40 -55.44
N ARG C 304 -5.58 15.28 -54.85
CA ARG C 304 -6.27 14.01 -55.05
C ARG C 304 -6.00 13.00 -53.94
N VAL C 305 -6.65 11.84 -54.02
CA VAL C 305 -6.43 10.76 -53.06
C VAL C 305 -5.33 9.81 -53.54
N VAL C 306 -4.24 9.70 -52.76
CA VAL C 306 -3.15 8.81 -53.09
C VAL C 306 -3.49 7.39 -52.66
N GLU C 307 -3.32 6.41 -53.57
CA GLU C 307 -3.52 4.99 -53.28
C GLU C 307 -2.20 4.37 -52.89
N PRO C 308 -2.22 3.42 -51.96
CA PRO C 308 -0.96 2.74 -51.63
C PRO C 308 -0.48 1.94 -52.84
N GLY C 309 -1.41 1.54 -53.69
CA GLY C 309 -1.10 0.78 -54.88
C GLY C 309 -0.19 1.50 -55.86
N GLU C 310 -0.16 2.83 -55.79
CA GLU C 310 0.63 3.63 -56.72
C GLU C 310 2.11 3.31 -56.60
N GLU C 311 2.78 3.18 -57.75
CA GLU C 311 4.20 2.81 -57.77
C GLU C 311 5.09 3.92 -57.19
N ALA C 312 4.73 5.18 -57.43
CA ALA C 312 5.52 6.33 -56.96
C ALA C 312 5.60 6.39 -55.43
N PHE C 313 6.82 6.46 -54.90
CA PHE C 313 6.99 6.68 -53.47
C PHE C 313 6.45 8.03 -52.98
N THR C 314 5.66 7.98 -51.91
CA THR C 314 5.14 9.17 -51.24
C THR C 314 5.18 8.96 -49.73
N GLY C 315 5.10 10.03 -48.96
CA GLY C 315 5.14 9.94 -47.49
C GLY C 315 4.72 11.20 -46.74
N VAL C 316 4.35 11.03 -45.48
CA VAL C 316 3.91 12.15 -44.67
C VAL C 316 4.60 12.11 -43.33
N VAL C 317 5.11 13.24 -42.88
CA VAL C 317 5.81 13.34 -41.60
C VAL C 317 4.77 13.34 -40.50
N PHE C 318 4.90 12.48 -39.51
CA PHE C 318 3.92 12.55 -38.42
C PHE C 318 4.56 12.82 -37.07
N LYS C 319 5.85 12.56 -36.96
CA LYS C 319 6.50 12.72 -35.69
C LYS C 319 7.85 13.31 -35.96
N ILE C 320 8.30 14.22 -35.11
CA ILE C 320 9.63 14.80 -35.28
C ILE C 320 10.35 14.70 -33.95
N GLN C 321 11.67 14.64 -33.99
CA GLN C 321 12.45 14.46 -32.77
C GLN C 321 13.87 15.03 -32.85
N ALA C 322 14.28 15.78 -31.83
CA ALA C 322 15.67 16.31 -31.70
C ALA C 322 16.63 15.39 -30.93
N ARG C 331 18.69 15.38 -34.87
CA ARG C 331 17.30 15.56 -35.26
C ARG C 331 16.81 14.51 -36.27
N MET C 332 15.58 14.00 -36.08
CA MET C 332 14.98 13.01 -36.99
C MET C 332 13.47 13.18 -37.25
N ALA C 333 13.03 12.96 -38.49
CA ALA C 333 11.61 13.01 -38.82
C ALA C 333 11.05 11.64 -39.19
N PHE C 334 10.04 11.20 -38.46
CA PHE C 334 9.44 9.91 -38.70
C PHE C 334 8.39 10.07 -39.77
N LEU C 335 8.44 9.19 -40.76
CA LEU C 335 7.59 9.31 -41.93
C LEU C 335 6.76 8.05 -42.10
N ARG C 336 5.51 8.24 -42.50
CA ARG C 336 4.62 7.12 -42.78
C ARG C 336 4.54 6.98 -44.29
N ILE C 337 4.86 5.82 -44.81
CA ILE C 337 4.85 5.65 -46.26
C ILE C 337 3.42 5.55 -46.74
N CYS C 338 3.01 6.50 -47.57
CA CYS C 338 1.66 6.53 -48.09
C CYS C 338 1.47 5.72 -49.36
N SER C 339 2.48 5.70 -50.22
CA SER C 339 2.46 4.90 -51.46
C SER C 339 3.88 4.69 -51.97
N GLY C 340 4.06 3.72 -52.86
CA GLY C 340 5.37 3.41 -53.44
C GLY C 340 6.29 2.57 -52.58
N THR C 341 7.59 2.60 -52.84
CA THR C 341 8.56 1.82 -52.10
C THR C 341 9.74 2.69 -51.68
N PHE C 342 10.24 2.49 -50.46
CA PHE C 342 11.39 3.24 -49.97
C PHE C 342 12.69 2.42 -49.90
N THR C 343 13.76 2.95 -50.52
CA THR C 343 15.11 2.36 -50.49
C THR C 343 16.12 3.48 -50.18
N ARG C 344 17.25 3.13 -49.57
CA ARG C 344 18.24 4.13 -49.16
C ARG C 344 18.82 4.98 -50.31
N GLY C 345 19.17 4.32 -51.42
CA GLY C 345 19.85 4.97 -52.56
C GLY C 345 19.01 5.92 -53.39
N MET C 346 17.75 6.09 -53.00
CA MET C 346 16.78 6.89 -53.73
C MET C 346 16.83 8.35 -53.34
N ARG C 347 16.13 9.18 -54.10
CA ARG C 347 16.12 10.62 -53.91
C ARG C 347 14.71 11.13 -53.75
N LEU C 348 14.54 12.05 -52.81
CA LEU C 348 13.21 12.56 -52.49
C LEU C 348 13.17 14.07 -52.52
N LYS C 349 11.98 14.60 -52.86
CA LYS C 349 11.77 16.03 -52.93
C LYS C 349 10.87 16.44 -51.77
N HIS C 350 11.39 17.33 -50.94
CA HIS C 350 10.76 17.89 -49.75
C HIS C 350 9.95 19.09 -50.21
N HIS C 351 8.65 18.89 -50.42
CA HIS C 351 7.83 19.87 -51.11
C HIS C 351 7.69 21.27 -50.51
N ARG C 352 7.70 21.38 -49.20
CA ARG C 352 7.51 22.69 -48.59
C ARG C 352 8.74 23.55 -48.78
N THR C 353 9.92 22.98 -48.56
CA THR C 353 11.16 23.71 -48.89
C THR C 353 11.45 23.71 -50.38
N GLY C 354 10.77 22.86 -51.13
CA GLY C 354 11.04 22.70 -52.56
C GLY C 354 12.46 22.17 -52.78
N LYS C 355 13.06 21.60 -51.73
CA LYS C 355 14.43 21.07 -51.75
C LYS C 355 14.53 19.59 -52.14
N ASP C 356 15.75 19.13 -52.43
CA ASP C 356 16.01 17.73 -52.80
C ASP C 356 16.73 16.99 -51.65
N VAL C 357 16.02 16.10 -50.95
CA VAL C 357 16.60 15.40 -49.79
C VAL C 357 17.23 14.02 -50.06
N THR C 358 18.19 13.67 -49.22
CA THR C 358 18.87 12.40 -49.27
C THR C 358 18.58 11.57 -48.04
N VAL C 359 18.22 10.31 -48.29
CA VAL C 359 17.90 9.35 -47.27
C VAL C 359 18.93 8.24 -47.25
N ALA C 360 20.07 8.48 -47.92
CA ALA C 360 21.19 7.53 -47.94
C ALA C 360 21.34 6.67 -46.68
N ASN C 361 21.21 7.31 -45.52
CA ASN C 361 21.40 6.65 -44.24
C ASN C 361 20.25 6.92 -43.27
N ALA C 362 19.03 6.67 -43.75
CA ALA C 362 17.81 6.83 -42.98
C ALA C 362 17.71 5.75 -41.92
N THR C 363 16.53 5.58 -41.33
CA THR C 363 16.25 4.45 -40.47
C THR C 363 15.07 3.73 -41.08
N ILE C 364 15.20 2.44 -41.35
CA ILE C 364 14.05 1.66 -41.81
C ILE C 364 13.72 0.66 -40.72
N PHE C 365 12.57 0.83 -40.06
CA PHE C 365 12.18 -0.05 -38.96
C PHE C 365 11.67 -1.35 -39.50
N MET C 366 12.55 -2.35 -39.50
CA MET C 366 12.18 -3.65 -39.95
C MET C 366 12.37 -4.64 -38.82
N ALA C 367 11.60 -5.72 -38.86
CA ALA C 367 11.70 -6.74 -37.85
C ALA C 367 13.07 -7.40 -37.89
N GLN C 368 13.57 -7.82 -36.73
CA GLN C 368 14.87 -8.49 -36.67
C GLN C 368 14.77 -9.72 -37.53
N ASP C 369 15.92 -10.22 -37.97
CA ASP C 369 15.93 -11.34 -38.92
C ASP C 369 15.12 -10.93 -40.20
N ARG C 370 15.67 -9.95 -40.92
CA ARG C 370 15.09 -9.41 -42.16
C ARG C 370 15.34 -10.27 -43.42
N THR C 371 16.62 -10.55 -43.70
CA THR C 371 17.04 -11.39 -44.82
C THR C 371 16.45 -11.04 -46.22
N GLY C 372 16.55 -9.78 -46.65
CA GLY C 372 16.11 -9.38 -47.99
C GLY C 372 16.73 -8.05 -48.38
N VAL C 373 16.46 -7.56 -49.58
CA VAL C 373 16.86 -6.18 -49.91
C VAL C 373 16.23 -5.24 -48.86
N GLU C 374 16.97 -4.22 -48.43
CA GLU C 374 16.46 -3.30 -47.42
C GLU C 374 15.49 -2.33 -48.08
N GLU C 375 14.25 -2.78 -48.25
CA GLU C 375 13.17 -1.96 -48.81
C GLU C 375 11.96 -1.92 -47.88
N ALA C 376 11.16 -0.87 -48.01
CA ALA C 376 10.00 -0.66 -47.18
C ALA C 376 8.79 -0.31 -48.02
N PHE C 377 7.61 -0.66 -47.51
CA PHE C 377 6.34 -0.51 -48.24
C PHE C 377 5.29 0.32 -47.56
N PRO C 378 4.24 0.70 -48.30
CA PRO C 378 3.22 1.51 -47.67
C PRO C 378 2.79 0.80 -46.41
N GLY C 379 2.74 1.55 -45.32
CA GLY C 379 2.39 1.00 -44.04
C GLY C 379 3.57 1.01 -43.10
N ASP C 380 4.75 1.15 -43.66
CA ASP C 380 5.96 1.12 -42.86
C ASP C 380 6.31 2.54 -42.40
N ILE C 381 7.26 2.63 -41.49
CA ILE C 381 7.68 3.91 -40.96
C ILE C 381 9.16 3.96 -41.15
N ILE C 382 9.68 5.16 -41.38
CA ILE C 382 11.10 5.35 -41.62
C ILE C 382 11.50 6.66 -41.01
N GLY C 383 12.70 6.70 -40.45
CA GLY C 383 13.25 7.92 -39.88
C GLY C 383 14.18 8.60 -40.85
N ILE C 384 13.76 9.76 -41.34
CA ILE C 384 14.55 10.57 -42.26
C ILE C 384 15.36 11.52 -41.41
N PRO C 385 16.71 11.44 -41.46
CA PRO C 385 17.51 12.42 -40.75
C PRO C 385 17.48 13.72 -41.51
N ASN C 386 16.95 14.77 -40.88
CA ASN C 386 16.80 16.03 -41.57
C ASN C 386 17.06 17.25 -40.71
N HIS C 387 17.42 18.32 -41.41
CA HIS C 387 17.71 19.64 -40.89
C HIS C 387 16.44 20.18 -40.24
N GLY C 388 16.58 21.10 -39.29
CA GLY C 388 15.41 21.67 -38.62
C GLY C 388 14.68 22.53 -39.64
N THR C 389 14.16 21.85 -40.65
CA THR C 389 13.58 22.46 -41.83
C THR C 389 12.13 22.03 -41.98
N ILE C 390 11.74 21.04 -41.17
CA ILE C 390 10.48 20.30 -41.32
C ILE C 390 9.29 20.84 -40.56
N LYS C 391 8.15 20.17 -40.76
CA LYS C 391 6.93 20.37 -39.99
C LYS C 391 6.15 19.07 -39.91
N ILE C 392 5.28 18.98 -38.96
CA ILE C 392 4.41 17.84 -38.87
C ILE C 392 3.46 17.96 -40.06
N GLY C 393 3.45 16.94 -40.89
CA GLY C 393 2.56 16.94 -42.04
C GLY C 393 3.30 17.12 -43.35
N ASP C 394 4.58 17.50 -43.29
CA ASP C 394 5.37 17.70 -44.51
C ASP C 394 5.28 16.48 -45.40
N THR C 395 5.26 16.69 -46.71
CA THR C 395 5.08 15.59 -47.66
C THR C 395 6.29 15.40 -48.55
N PHE C 396 6.85 14.20 -48.53
CA PHE C 396 8.00 13.89 -49.37
C PHE C 396 7.54 12.97 -50.51
N THR C 397 7.96 13.25 -51.74
CA THR C 397 7.66 12.37 -52.89
C THR C 397 8.90 12.08 -53.75
N GLU C 398 8.68 11.33 -54.82
CA GLU C 398 9.75 10.95 -55.74
C GLU C 398 9.64 11.69 -57.08
N SER C 399 8.42 11.72 -57.64
CA SER C 399 8.19 12.34 -58.96
C SER C 399 8.07 13.87 -58.90
N LYS C 400 8.33 14.52 -60.04
CA LYS C 400 8.30 15.97 -60.12
C LYS C 400 6.86 16.49 -60.21
N GLU C 401 6.02 16.07 -59.28
CA GLU C 401 4.62 16.51 -59.19
C GLU C 401 4.51 17.20 -57.83
N VAL C 402 3.54 18.10 -57.68
CA VAL C 402 3.33 18.73 -56.38
C VAL C 402 2.28 17.94 -55.64
N LEU C 403 2.61 17.52 -54.42
CA LEU C 403 1.70 16.74 -53.56
C LEU C 403 1.72 17.26 -52.14
N LYS C 404 0.56 17.28 -51.49
CA LYS C 404 0.50 17.74 -50.12
C LYS C 404 -0.60 17.01 -49.39
N PHE C 405 -0.27 16.11 -48.49
CA PHE C 405 -1.30 15.44 -47.70
C PHE C 405 -1.99 16.38 -46.69
N VAL C 406 -3.32 16.34 -46.70
CA VAL C 406 -4.16 17.09 -45.78
C VAL C 406 -4.54 16.16 -44.65
N GLY C 407 -5.01 16.73 -43.54
CA GLY C 407 -5.56 15.93 -42.46
C GLY C 407 -4.77 15.79 -41.18
N ILE C 408 -3.43 15.85 -41.22
CA ILE C 408 -2.69 15.81 -39.95
C ILE C 408 -2.89 17.17 -39.28
N PRO C 409 -3.69 17.16 -38.20
CA PRO C 409 -4.11 18.38 -37.56
C PRO C 409 -3.26 18.73 -36.34
N ASN C 410 -3.49 19.90 -35.77
CA ASN C 410 -2.99 20.19 -34.43
C ASN C 410 -4.14 19.84 -33.51
N PHE C 411 -3.84 19.36 -32.30
CA PHE C 411 -4.89 19.04 -31.35
C PHE C 411 -4.93 20.06 -30.21
N ALA C 412 -6.12 20.57 -29.90
CA ALA C 412 -6.35 21.49 -28.78
C ALA C 412 -5.70 21.05 -27.45
N PRO C 413 -4.73 21.84 -26.96
CA PRO C 413 -4.08 21.63 -25.67
C PRO C 413 -5.01 21.53 -24.47
N GLU C 414 -4.55 20.80 -23.46
CA GLU C 414 -5.22 20.68 -22.16
C GLU C 414 -4.72 21.70 -21.13
N HIS C 415 -3.43 22.07 -21.25
CA HIS C 415 -2.71 22.93 -20.29
C HIS C 415 -2.03 24.13 -20.93
N PHE C 416 -2.22 25.29 -20.29
CA PHE C 416 -1.70 26.57 -20.75
C PHE C 416 -0.81 27.20 -19.76
N ARG C 417 0.05 28.10 -20.21
CA ARG C 417 0.98 28.80 -19.35
C ARG C 417 1.50 30.02 -20.10
N ARG C 418 1.75 31.11 -19.36
CA ARG C 418 2.37 32.28 -19.95
C ARG C 418 3.87 32.21 -19.83
N VAL C 419 4.58 32.43 -20.93
CA VAL C 419 6.01 32.55 -20.86
C VAL C 419 6.33 34.01 -20.58
N ARG C 420 7.01 34.20 -19.45
CA ARG C 420 7.52 35.51 -19.07
C ARG C 420 9.04 35.43 -19.18
N LEU C 421 9.64 36.43 -19.81
CA LEU C 421 11.10 36.48 -19.91
C LEU C 421 11.71 37.10 -18.65
N LYS C 422 12.70 36.41 -18.08
CA LYS C 422 13.39 36.89 -16.87
C LYS C 422 13.94 38.32 -16.99
N ASN C 423 14.59 38.62 -18.12
CA ASN C 423 15.11 39.95 -18.38
C ASN C 423 14.90 40.28 -19.86
N PRO C 424 14.63 41.55 -20.19
CA PRO C 424 14.42 41.95 -21.57
C PRO C 424 15.60 41.61 -22.47
N LEU C 425 16.76 41.42 -21.86
CA LEU C 425 17.90 40.85 -22.57
C LEU C 425 17.49 39.48 -23.13
N LYS C 426 17.95 39.16 -24.33
CA LYS C 426 17.68 37.87 -24.94
C LYS C 426 16.21 37.70 -25.42
N ALA C 427 15.48 38.80 -25.56
CA ALA C 427 14.06 38.76 -25.92
C ALA C 427 13.75 38.26 -27.34
N LYS C 428 14.56 38.72 -28.30
CA LYS C 428 14.41 38.29 -29.69
C LYS C 428 14.65 36.79 -29.76
N GLN C 429 15.62 36.31 -28.99
CA GLN C 429 15.93 34.88 -28.94
C GLN C 429 14.70 34.09 -28.49
N LEU C 430 13.96 34.66 -27.54
CA LEU C 430 12.73 34.07 -27.05
C LEU C 430 11.73 33.94 -28.18
N GLN C 431 11.57 35.01 -28.96
CA GLN C 431 10.65 34.98 -30.09
C GLN C 431 11.06 33.99 -31.17
N LYS C 432 12.34 33.96 -31.53
CA LYS C 432 12.85 33.02 -32.53
C LYS C 432 12.73 31.58 -32.06
N GLY C 433 13.10 31.34 -30.80
CA GLY C 433 13.02 30.01 -30.22
C GLY C 433 11.61 29.46 -30.20
N LEU C 434 10.69 30.25 -29.66
CA LEU C 434 9.31 29.84 -29.53
C LEU C 434 8.65 29.58 -30.87
N GLU C 435 8.86 30.47 -31.83
CA GLU C 435 8.29 30.27 -33.16
C GLU C 435 8.87 29.05 -33.86
N GLN C 436 10.18 28.86 -33.72
CA GLN C 436 10.85 27.70 -34.28
C GLN C 436 10.40 26.41 -33.59
N LEU C 437 10.28 26.47 -32.26
CA LEU C 437 9.84 25.33 -31.48
C LEU C 437 8.39 24.96 -31.82
N ALA C 438 7.57 25.98 -31.99
CA ALA C 438 6.17 25.78 -32.37
C ALA C 438 6.07 25.20 -33.77
N GLU C 439 6.89 25.68 -34.70
CA GLU C 439 6.90 25.16 -36.06
C GLU C 439 7.37 23.69 -36.05
N GLU C 440 8.34 23.41 -35.18
CA GLU C 440 8.85 22.06 -34.97
C GLU C 440 7.73 21.23 -34.37
N GLY C 441 7.01 21.85 -33.44
CA GLY C 441 5.86 21.24 -32.79
C GLY C 441 6.21 20.64 -31.45
N ALA C 442 6.98 21.36 -30.66
CA ALA C 442 7.33 20.89 -29.33
C ALA C 442 6.29 21.39 -28.33
N VAL C 443 5.46 22.32 -28.80
CA VAL C 443 4.45 23.02 -28.00
C VAL C 443 3.61 23.89 -28.94
N GLN C 444 2.47 24.38 -28.46
CA GLN C 444 1.61 25.27 -29.25
C GLN C 444 1.67 26.67 -28.71
N LEU C 445 1.61 27.65 -29.62
CA LEU C 445 1.82 29.06 -29.22
C LEU C 445 0.63 30.02 -29.48
N PHE C 446 0.08 30.55 -28.39
CA PHE C 446 -1.06 31.45 -28.51
C PHE C 446 -0.65 32.84 -28.17
N ARG C 447 -0.96 33.78 -29.07
CA ARG C 447 -0.67 35.21 -28.84
C ARG C 447 -1.98 35.98 -28.71
N PRO C 448 -2.36 36.37 -27.49
CA PRO C 448 -3.66 36.98 -27.38
C PRO C 448 -3.78 38.25 -28.22
N LEU C 449 -4.98 38.80 -28.28
CA LEU C 449 -5.22 39.97 -29.11
C LEU C 449 -5.02 41.31 -28.37
N VAL C 450 -5.15 41.30 -27.06
CA VAL C 450 -5.03 42.54 -26.27
C VAL C 450 -3.60 42.85 -25.78
N ASN C 451 -2.72 41.84 -25.82
CA ASN C 451 -1.35 42.01 -25.34
C ASN C 451 -0.27 41.31 -26.17
N ASN C 452 0.97 41.42 -25.67
CA ASN C 452 2.13 40.83 -26.33
C ASN C 452 2.56 39.55 -25.69
N ASP C 453 1.75 39.04 -24.78
CA ASP C 453 2.13 37.92 -23.97
C ASP C 453 2.17 36.64 -24.78
N TYR C 454 3.04 35.74 -24.37
CA TYR C 454 3.16 34.45 -25.02
C TYR C 454 2.53 33.38 -24.16
N ILE C 455 1.52 32.71 -24.70
CA ILE C 455 0.87 31.62 -23.98
C ILE C 455 1.14 30.28 -24.67
N LEU C 456 1.62 29.31 -23.88
CA LEU C 456 1.89 28.00 -24.45
C LEU C 456 0.82 26.97 -24.09
N GLY C 457 0.42 26.21 -25.08
CA GLY C 457 -0.49 25.13 -24.82
C GLY C 457 0.31 23.86 -24.95
N ALA C 458 0.01 22.89 -24.11
CA ALA C 458 0.72 21.63 -24.18
C ALA C 458 -0.30 20.56 -23.96
N VAL C 459 -0.16 19.47 -24.71
CA VAL C 459 -1.09 18.35 -24.55
C VAL C 459 -0.82 17.69 -23.22
N GLY C 460 0.44 17.49 -22.89
CA GLY C 460 0.87 16.97 -21.58
C GLY C 460 1.82 17.94 -20.90
N VAL C 461 1.79 18.01 -19.57
CA VAL C 461 2.53 19.02 -18.81
C VAL C 461 4.04 18.96 -18.99
N LEU C 462 4.54 17.75 -19.23
CA LEU C 462 5.95 17.50 -19.47
C LEU C 462 6.58 18.35 -20.59
N GLN C 463 5.81 18.67 -21.64
CA GLN C 463 6.31 19.50 -22.73
C GLN C 463 6.85 20.85 -22.26
N PHE C 464 6.21 21.40 -21.23
CA PHE C 464 6.60 22.69 -20.66
C PHE C 464 8.03 22.66 -20.17
N ASP C 465 8.42 21.59 -19.49
CA ASP C 465 9.80 21.41 -19.01
C ASP C 465 10.78 21.21 -20.17
N VAL C 466 10.34 20.51 -21.22
CA VAL C 466 11.15 20.30 -22.43
C VAL C 466 11.38 21.63 -23.13
N ILE C 467 10.34 22.45 -23.20
CA ILE C 467 10.42 23.80 -23.77
C ILE C 467 11.42 24.70 -23.05
N VAL C 468 11.42 24.65 -21.72
CA VAL C 468 12.36 25.46 -20.91
C VAL C 468 13.81 25.09 -21.20
N ALA C 469 14.11 23.80 -21.03
CA ALA C 469 15.46 23.29 -21.21
C ALA C 469 16.00 23.61 -22.60
N ARG C 470 15.14 23.44 -23.60
CA ARG C 470 15.52 23.65 -24.99
C ARG C 470 15.75 25.11 -25.35
N LEU C 471 14.93 26.02 -24.83
CA LEU C 471 15.14 27.43 -25.10
C LEU C 471 16.54 27.81 -24.64
N ALA C 472 16.95 27.29 -23.48
CA ALA C 472 18.29 27.49 -22.96
C ALA C 472 19.39 26.92 -23.86
N ASP C 473 19.37 25.61 -24.08
CA ASP C 473 20.48 24.94 -24.77
C ASP C 473 20.60 25.26 -26.25
N GLU C 474 19.48 25.63 -26.87
CA GLU C 474 19.47 25.85 -28.32
C GLU C 474 19.36 27.33 -28.65
N TYR C 475 18.86 28.11 -27.70
CA TYR C 475 18.58 29.54 -27.95
C TYR C 475 19.25 30.49 -26.93
N GLY C 476 19.81 29.93 -25.87
CA GLY C 476 20.45 30.70 -24.81
C GLY C 476 19.50 31.68 -24.15
N VAL C 477 18.38 31.16 -23.63
CA VAL C 477 17.32 31.96 -22.99
C VAL C 477 16.71 31.24 -21.79
N ASP C 478 16.74 31.89 -20.63
CA ASP C 478 16.15 31.32 -19.42
C ASP C 478 14.75 31.89 -19.21
N ALA C 479 13.75 31.05 -19.45
CA ALA C 479 12.35 31.45 -19.33
C ALA C 479 11.67 30.86 -18.08
N VAL C 480 10.65 31.55 -17.63
CA VAL C 480 9.86 31.09 -16.50
C VAL C 480 8.40 31.01 -16.92
N TYR C 481 7.61 30.35 -16.08
CA TYR C 481 6.21 30.09 -16.38
C TYR C 481 5.23 30.73 -15.39
N GLU C 482 4.17 31.34 -15.93
CA GLU C 482 3.13 31.91 -15.10
C GLU C 482 1.80 31.22 -15.36
N GLY C 483 1.07 30.93 -14.27
CA GLY C 483 -0.28 30.38 -14.27
C GLY C 483 -1.23 31.31 -15.02
N VAL C 484 -2.23 30.75 -15.68
CA VAL C 484 -3.19 31.56 -16.39
C VAL C 484 -4.60 31.03 -16.21
N SER C 485 -5.57 31.91 -16.34
CA SER C 485 -6.97 31.51 -16.25
C SER C 485 -7.31 30.36 -17.21
N THR C 486 -6.73 30.40 -18.40
CA THR C 486 -7.03 29.46 -19.49
C THR C 486 -6.80 27.96 -19.22
N HIS C 487 -7.82 27.16 -19.56
CA HIS C 487 -7.79 25.68 -19.49
C HIS C 487 -8.34 25.06 -20.75
N THR C 488 -8.89 25.88 -21.63
CA THR C 488 -9.52 25.39 -22.83
C THR C 488 -9.31 26.35 -23.96
N ALA C 489 -9.16 25.80 -25.17
CA ALA C 489 -9.00 26.57 -26.39
C ALA C 489 -9.78 25.91 -27.51
N ARG C 490 -10.25 26.70 -28.45
CA ARG C 490 -10.94 26.16 -29.61
C ARG C 490 -10.60 27.08 -30.76
N TRP C 491 -10.52 26.50 -31.94
CA TRP C 491 -10.34 27.32 -33.13
C TRP C 491 -11.70 27.71 -33.69
N VAL C 492 -11.88 29.01 -33.93
CA VAL C 492 -13.14 29.55 -34.40
C VAL C 492 -13.23 29.71 -35.92
N TYR C 493 -14.40 29.39 -36.49
CA TYR C 493 -14.65 29.49 -37.93
C TYR C 493 -16.09 29.92 -38.16
N CYS C 494 -16.31 30.88 -39.06
CA CYS C 494 -17.66 31.36 -39.32
C CYS C 494 -17.87 31.87 -40.75
N GLU C 495 -18.98 31.47 -41.36
CA GLU C 495 -19.31 31.86 -42.73
C GLU C 495 -19.76 33.31 -42.84
N ASP C 496 -20.81 33.66 -42.09
CA ASP C 496 -21.35 35.02 -42.07
C ASP C 496 -20.32 36.01 -41.52
N LYS C 497 -19.65 36.70 -42.43
CA LYS C 497 -18.55 37.62 -42.10
C LYS C 497 -18.92 38.78 -41.18
N LYS C 498 -20.20 39.16 -41.16
CA LYS C 498 -20.66 40.21 -40.25
C LYS C 498 -20.74 39.71 -38.82
N ILE C 499 -21.41 38.58 -38.64
CA ILE C 499 -21.51 37.97 -37.32
C ILE C 499 -20.10 37.71 -36.76
N PHE C 500 -19.23 37.10 -37.57
CA PHE C 500 -17.84 36.82 -37.18
C PHE C 500 -17.08 38.10 -36.75
N ALA C 501 -17.35 39.23 -37.41
CA ALA C 501 -16.74 40.50 -37.02
C ALA C 501 -17.22 40.95 -35.63
N ASP C 502 -18.53 41.04 -35.46
CA ASP C 502 -19.13 41.36 -34.16
C ASP C 502 -18.62 40.41 -33.08
N PHE C 503 -18.53 39.11 -33.41
CA PHE C 503 -18.03 38.10 -32.47
C PHE C 503 -16.64 38.43 -31.97
N GLN C 504 -15.76 38.75 -32.90
CA GLN C 504 -14.40 39.09 -32.54
C GLN C 504 -14.29 40.39 -31.77
N ASP C 505 -15.29 41.24 -31.91
CA ASP C 505 -15.32 42.48 -31.15
C ASP C 505 -15.77 42.20 -29.73
N TYR C 506 -16.84 41.45 -29.58
CA TYR C 506 -17.34 41.13 -28.26
C TYR C 506 -16.30 40.34 -27.47
N HIS C 507 -15.69 39.34 -28.10
CA HIS C 507 -14.76 38.46 -27.40
C HIS C 507 -13.30 38.71 -27.71
N ARG C 508 -12.99 39.95 -28.02
CA ARG C 508 -11.62 40.35 -28.25
C ARG C 508 -10.77 39.90 -27.06
N GLY C 509 -11.33 40.01 -25.85
CA GLY C 509 -10.64 39.70 -24.61
C GLY C 509 -10.18 38.26 -24.48
N GLU C 510 -10.83 37.37 -25.23
CA GLU C 510 -10.54 35.94 -25.16
C GLU C 510 -10.02 35.34 -26.45
N LEU C 511 -9.62 36.17 -27.40
CA LEU C 511 -9.14 35.63 -28.68
C LEU C 511 -7.62 35.71 -28.82
N ALA C 512 -7.05 34.72 -29.52
CA ALA C 512 -5.61 34.67 -29.72
C ALA C 512 -5.25 34.19 -31.12
N VAL C 513 -3.99 34.36 -31.49
CA VAL C 513 -3.50 33.84 -32.75
C VAL C 513 -2.35 32.89 -32.45
N ASP C 514 -2.43 31.68 -33.02
CA ASP C 514 -1.38 30.68 -32.79
C ASP C 514 -0.18 30.84 -33.73
N ALA C 515 0.77 29.91 -33.62
CA ALA C 515 1.99 29.94 -34.42
C ALA C 515 1.73 29.82 -35.93
N GLU C 516 0.63 29.18 -36.30
CA GLU C 516 0.23 29.01 -37.71
C GLU C 516 -0.70 30.13 -38.20
N GLY C 517 -0.76 31.23 -37.44
CA GLY C 517 -1.62 32.35 -37.79
C GLY C 517 -3.09 31.99 -37.87
N ALA C 518 -3.57 31.20 -36.89
CA ALA C 518 -4.98 30.82 -36.79
C ALA C 518 -5.65 31.37 -35.53
N LEU C 519 -6.91 31.79 -35.69
CA LEU C 519 -7.70 32.39 -34.62
C LEU C 519 -8.29 31.35 -33.68
N ALA C 520 -7.89 31.47 -32.42
CA ALA C 520 -8.32 30.57 -31.35
C ALA C 520 -9.01 31.38 -30.28
N TYR C 521 -10.04 30.79 -29.68
CA TYR C 521 -10.73 31.37 -28.56
C TYR C 521 -10.16 30.71 -27.34
N LEU C 522 -9.78 31.47 -26.31
CA LEU C 522 -9.27 30.86 -25.08
C LEU C 522 -10.27 31.02 -23.96
N ALA C 523 -10.55 29.90 -23.28
CA ALA C 523 -11.59 29.85 -22.27
C ALA C 523 -11.11 29.30 -20.91
N PRO C 524 -11.65 29.82 -19.81
CA PRO C 524 -11.10 29.40 -18.53
C PRO C 524 -11.35 27.92 -18.28
N ASN C 525 -12.44 27.40 -18.81
CA ASN C 525 -12.73 25.98 -18.75
C ASN C 525 -13.85 25.64 -19.76
N PRO C 526 -14.09 24.34 -20.03
CA PRO C 526 -15.14 23.94 -21.00
C PRO C 526 -16.52 24.52 -20.71
N TRP C 527 -16.87 24.72 -19.44
CA TRP C 527 -18.20 25.27 -19.09
C TRP C 527 -18.37 26.74 -19.47
N ARG C 528 -17.45 27.59 -19.03
CA ARG C 528 -17.48 28.98 -19.45
C ARG C 528 -17.53 29.07 -20.98
N LEU C 529 -16.89 28.12 -21.65
CA LEU C 529 -16.87 28.15 -23.10
C LEU C 529 -18.31 28.23 -23.58
N GLU C 530 -19.12 27.25 -23.19
CA GLU C 530 -20.54 27.20 -23.60
C GLU C 530 -21.24 28.56 -23.56
N SER C 531 -21.08 29.30 -22.46
CA SER C 531 -21.72 30.62 -22.33
C SER C 531 -21.57 31.40 -23.63
N ALA C 532 -20.33 31.52 -24.11
CA ALA C 532 -20.05 32.25 -25.34
C ALA C 532 -20.50 31.47 -26.57
N MET C 533 -20.39 30.14 -26.49
CA MET C 533 -20.81 29.26 -27.59
C MET C 533 -22.31 29.39 -27.91
N GLU C 534 -23.13 29.32 -26.87
CA GLU C 534 -24.57 29.41 -27.02
C GLU C 534 -24.97 30.83 -27.37
N ARG C 535 -24.04 31.77 -27.24
CA ARG C 535 -24.32 33.18 -27.53
C ARG C 535 -24.17 33.45 -29.02
N TYR C 536 -23.22 32.72 -29.61
CA TYR C 536 -22.95 32.76 -31.05
C TYR C 536 -23.01 31.36 -31.64
N PRO C 537 -24.23 30.82 -31.85
CA PRO C 537 -24.41 29.46 -32.37
C PRO C 537 -24.02 29.37 -33.84
N LYS C 538 -23.83 30.51 -34.48
CA LYS C 538 -23.45 30.56 -35.88
C LYS C 538 -21.96 30.31 -36.09
N VAL C 539 -21.18 30.54 -35.03
CA VAL C 539 -19.72 30.38 -35.04
C VAL C 539 -19.26 28.98 -34.60
N GLU C 540 -18.41 28.37 -35.42
CA GLU C 540 -17.80 27.06 -35.11
C GLU C 540 -16.69 27.17 -34.06
N PHE C 541 -16.61 26.17 -33.18
CA PHE C 541 -15.56 26.08 -32.18
C PHE C 541 -14.92 24.71 -32.24
N ARG C 542 -13.96 24.52 -33.15
CA ARG C 542 -13.29 23.22 -33.29
C ARG C 542 -12.15 22.97 -32.27
N THR C 543 -11.87 21.69 -32.03
CA THR C 543 -10.76 21.23 -31.19
C THR C 543 -9.51 20.80 -32.01
N THR C 544 -9.53 21.08 -33.32
CA THR C 544 -8.50 20.67 -34.29
C THR C 544 -8.37 21.67 -35.44
N ARG C 545 -7.22 21.63 -36.12
CA ARG C 545 -7.01 22.46 -37.30
C ARG C 545 -5.80 21.95 -38.10
N GLU C 546 -5.97 21.87 -39.42
CA GLU C 546 -4.94 21.39 -40.34
C GLU C 546 -3.74 22.33 -40.36
N ILE C 547 -2.57 21.74 -40.66
CA ILE C 547 -1.32 22.49 -40.76
C ILE C 547 -1.09 22.92 -42.23
N SER C 548 -0.12 23.80 -42.46
CA SER C 548 0.15 24.37 -43.79
C SER C 548 1.58 24.11 -44.31
N MET D 20 24.88 -6.91 28.76
CA MET D 20 25.32 -8.18 28.08
C MET D 20 26.03 -7.98 26.70
N SER D 21 25.24 -7.79 25.65
CA SER D 21 25.71 -7.67 24.27
C SER D 21 26.05 -6.22 23.92
N SER D 22 27.12 -6.03 23.17
CA SER D 22 27.54 -4.67 22.77
C SER D 22 26.83 -4.13 21.50
N ARG D 23 26.92 -2.83 21.25
CA ARG D 23 26.29 -2.27 20.06
C ARG D 23 26.74 -3.00 18.83
N LEU D 24 28.03 -3.20 18.69
CA LEU D 24 28.57 -3.91 17.55
C LEU D 24 28.25 -5.41 17.56
N GLU D 25 28.35 -6.06 18.72
CA GLU D 25 28.10 -7.48 18.77
C GLU D 25 26.71 -7.82 18.22
N ARG D 26 25.72 -6.98 18.57
CA ARG D 26 24.33 -7.09 18.13
C ARG D 26 24.17 -6.77 16.66
N GLU D 27 24.82 -5.71 16.22
CA GLU D 27 24.70 -5.24 14.87
C GLU D 27 25.31 -6.27 13.96
N ALA D 28 26.46 -6.77 14.39
CA ALA D 28 27.14 -7.82 13.64
C ALA D 28 26.27 -9.04 13.49
N ALA D 29 25.56 -9.41 14.53
CA ALA D 29 24.80 -10.66 14.58
C ALA D 29 23.53 -10.65 13.73
N ARG D 30 23.02 -9.46 13.41
CA ARG D 30 21.84 -9.33 12.56
C ARG D 30 22.17 -9.67 11.12
N ARG D 31 23.45 -9.79 10.82
CA ARG D 31 23.92 -10.00 9.46
C ARG D 31 23.63 -11.39 9.01
N ARG D 32 23.42 -11.54 7.70
CA ARG D 32 23.26 -12.84 7.07
C ARG D 32 23.95 -12.79 5.69
N THR D 33 25.22 -13.21 5.66
CA THR D 33 25.96 -13.12 4.39
C THR D 33 26.08 -14.46 3.68
N PHE D 34 25.54 -14.46 2.45
CA PHE D 34 25.52 -15.64 1.57
C PHE D 34 25.59 -15.34 0.08
N ALA D 35 25.89 -16.39 -0.67
CA ALA D 35 25.92 -16.36 -2.13
C ALA D 35 25.11 -17.52 -2.65
N ILE D 36 24.80 -17.48 -3.95
CA ILE D 36 24.09 -18.62 -4.53
C ILE D 36 25.11 -19.39 -5.37
N ILE D 37 25.17 -20.71 -5.15
CA ILE D 37 26.03 -21.57 -5.95
C ILE D 37 25.07 -22.40 -6.84
N SER D 38 25.17 -22.24 -8.15
CA SER D 38 24.28 -22.94 -9.05
C SER D 38 24.87 -23.14 -10.41
N HIS D 39 24.30 -24.08 -11.15
CA HIS D 39 24.71 -24.32 -12.53
C HIS D 39 23.93 -23.29 -13.34
N PRO D 40 24.35 -23.05 -14.59
CA PRO D 40 23.63 -22.06 -15.40
C PRO D 40 22.16 -22.44 -15.66
N ASP D 41 21.26 -21.45 -15.65
CA ASP D 41 19.82 -21.60 -15.98
C ASP D 41 18.94 -22.25 -14.92
N ALA D 42 19.49 -22.53 -13.74
CA ALA D 42 18.71 -23.10 -12.62
C ALA D 42 17.64 -22.14 -12.09
N GLY D 43 17.92 -20.84 -12.10
CA GLY D 43 16.91 -19.87 -11.71
C GLY D 43 17.44 -18.84 -10.73
N LYS D 44 18.76 -18.78 -10.59
CA LYS D 44 19.41 -17.90 -9.64
C LYS D 44 19.00 -16.44 -9.80
N THR D 45 18.99 -15.94 -11.05
CA THR D 45 18.58 -14.55 -11.29
C THR D 45 17.13 -14.40 -10.86
N THR D 46 16.31 -15.38 -11.24
CA THR D 46 14.92 -15.32 -10.88
C THR D 46 14.73 -15.35 -9.37
N LEU D 47 15.44 -16.25 -8.72
CA LEU D 47 15.26 -16.44 -7.28
C LEU D 47 15.74 -15.20 -6.54
N THR D 48 16.83 -14.61 -7.07
CA THR D 48 17.46 -13.46 -6.44
C THR D 48 16.50 -12.30 -6.44
N GLU D 49 15.94 -12.08 -7.62
CA GLU D 49 14.99 -11.02 -7.81
C GLU D 49 13.83 -11.16 -6.80
N LYS D 50 13.35 -12.39 -6.62
CA LYS D 50 12.27 -12.65 -5.68
C LYS D 50 12.73 -12.33 -4.23
N LEU D 51 13.94 -12.75 -3.89
CA LEU D 51 14.42 -12.55 -2.54
C LEU D 51 14.37 -11.06 -2.29
N LEU D 52 14.81 -10.30 -3.30
CA LEU D 52 14.92 -8.87 -3.15
C LEU D 52 13.54 -8.22 -2.87
N LEU D 53 12.50 -8.72 -3.54
CA LEU D 53 11.17 -8.18 -3.37
C LEU D 53 10.74 -8.37 -1.92
N PHE D 54 11.17 -9.48 -1.32
CA PHE D 54 10.90 -9.75 0.11
C PHE D 54 11.49 -8.75 1.13
N GLY D 55 12.64 -8.20 0.83
CA GLY D 55 13.24 -7.23 1.71
C GLY D 55 12.90 -5.83 1.26
N GLY D 56 11.80 -5.73 0.53
CA GLY D 56 11.39 -4.45 0.00
C GLY D 56 12.39 -3.80 -0.94
N ALA D 57 13.41 -4.53 -1.39
CA ALA D 57 14.42 -3.97 -2.31
C ALA D 57 13.88 -3.77 -3.75
N ILE D 58 12.83 -2.97 -3.87
CA ILE D 58 12.12 -2.76 -5.12
C ILE D 58 13.02 -2.36 -6.31
N GLN D 59 13.93 -1.42 -6.10
CA GLN D 59 14.80 -0.95 -7.16
C GLN D 59 15.85 -2.00 -7.54
N MET D 60 16.59 -2.49 -6.56
CA MET D 60 17.59 -3.49 -6.86
C MET D 60 16.95 -4.63 -7.71
N ALA D 61 15.76 -5.08 -7.27
CA ALA D 61 14.99 -6.06 -7.99
C ALA D 61 14.75 -5.65 -9.44
N GLY D 62 14.54 -4.36 -9.67
CA GLY D 62 14.36 -3.86 -11.00
C GLY D 62 15.64 -4.05 -11.78
N SER D 63 16.74 -3.62 -11.19
CA SER D 63 18.07 -3.75 -11.81
C SER D 63 18.41 -5.17 -12.17
N VAL D 64 18.08 -6.09 -11.26
CA VAL D 64 18.40 -7.48 -11.51
C VAL D 64 17.58 -7.92 -12.70
N LYS D 65 16.29 -7.61 -12.67
CA LYS D 65 15.35 -7.92 -13.75
C LYS D 65 15.71 -7.26 -15.06
N ALA D 66 16.02 -5.96 -15.00
CA ALA D 66 16.37 -5.19 -16.21
C ALA D 66 17.53 -5.88 -16.91
N ARG D 67 18.58 -6.20 -16.16
CA ARG D 67 19.75 -6.85 -16.72
C ARG D 67 19.45 -8.19 -17.35
N LYS D 68 18.62 -8.99 -16.70
CA LYS D 68 18.29 -10.30 -17.21
C LYS D 68 17.67 -10.10 -18.57
N ALA D 69 16.75 -9.15 -18.63
CA ALA D 69 16.07 -8.74 -19.84
C ALA D 69 17.01 -8.20 -20.93
N ALA D 70 18.08 -7.56 -20.52
CA ALA D 70 19.04 -6.96 -21.45
C ALA D 70 19.94 -7.94 -22.22
N ARG D 71 20.16 -9.14 -21.70
CA ARG D 71 20.93 -10.16 -22.42
C ARG D 71 20.30 -10.43 -23.76
N HIS D 72 19.03 -10.82 -23.73
CA HIS D 72 18.30 -11.28 -24.91
C HIS D 72 17.68 -10.11 -25.65
N ALA D 73 18.00 -8.90 -25.22
CA ALA D 73 17.44 -7.69 -25.78
C ALA D 73 18.19 -7.32 -27.04
N THR D 74 17.89 -6.14 -27.58
CA THR D 74 18.55 -5.60 -28.78
C THR D 74 20.00 -5.19 -28.47
N SER D 75 20.73 -4.73 -29.48
CA SER D 75 22.17 -4.44 -29.33
C SER D 75 22.49 -3.22 -28.47
N ASP D 76 21.57 -2.27 -28.40
CA ASP D 76 21.76 -1.10 -27.55
C ASP D 76 21.69 -1.41 -26.07
N TRP D 77 21.11 -2.54 -25.69
CA TRP D 77 21.04 -2.94 -24.29
C TRP D 77 22.15 -3.90 -23.93
N MET D 78 22.53 -4.76 -24.88
CA MET D 78 23.64 -5.70 -24.68
C MET D 78 24.94 -4.96 -24.40
N ALA D 79 25.01 -3.71 -24.85
CA ALA D 79 26.13 -2.80 -24.56
C ALA D 79 25.84 -1.94 -23.33
N MET D 80 24.60 -1.99 -22.84
CA MET D 80 24.23 -1.34 -21.59
C MET D 80 24.54 -2.26 -20.41
N GLU D 81 24.05 -3.51 -20.47
CA GLU D 81 24.29 -4.51 -19.42
C GLU D 81 25.77 -4.78 -19.21
N ARG D 82 26.51 -4.81 -20.32
CA ARG D 82 27.94 -5.09 -20.33
C ARG D 82 28.83 -3.98 -19.73
N GLU D 83 28.22 -2.94 -19.16
CA GLU D 83 28.97 -1.82 -18.58
C GLU D 83 29.25 -2.01 -17.10
N ARG D 84 30.22 -1.25 -16.59
CA ARG D 84 30.69 -1.38 -15.21
C ARG D 84 29.71 -0.85 -14.18
N GLY D 85 29.16 0.34 -14.44
CA GLY D 85 28.23 0.99 -13.52
C GLY D 85 27.22 0.07 -12.88
N ILE D 86 26.64 -0.82 -13.68
CA ILE D 86 25.55 -1.69 -13.24
C ILE D 86 26.03 -2.99 -12.61
N SER D 87 26.98 -3.67 -13.26
CA SER D 87 27.49 -4.94 -12.75
C SER D 87 28.09 -4.78 -11.34
N VAL D 88 28.35 -3.55 -10.93
CA VAL D 88 28.82 -3.23 -9.58
C VAL D 88 27.67 -3.07 -8.60
N THR D 89 26.62 -2.35 -9.00
CA THR D 89 25.46 -2.14 -8.12
C THR D 89 24.82 -3.46 -7.67
N THR D 90 24.68 -4.39 -8.61
CA THR D 90 24.04 -5.69 -8.32
C THR D 90 25.02 -6.76 -7.84
N SER D 91 26.29 -6.39 -7.69
CA SER D 91 27.37 -7.31 -7.32
C SER D 91 27.27 -7.79 -5.89
N VAL D 92 26.86 -6.87 -5.03
CA VAL D 92 26.55 -7.10 -3.62
C VAL D 92 25.18 -6.49 -3.45
N MET D 93 24.20 -7.30 -3.06
CA MET D 93 22.84 -6.82 -2.88
C MET D 93 22.40 -7.04 -1.44
N GLN D 94 22.22 -5.94 -0.71
CA GLN D 94 21.73 -6.01 0.67
C GLN D 94 20.25 -5.63 0.77
N PHE D 95 19.51 -6.32 1.65
CA PHE D 95 18.10 -6.00 1.86
C PHE D 95 17.74 -6.50 3.25
N PRO D 96 16.75 -5.83 3.91
CA PRO D 96 16.40 -6.17 5.30
C PRO D 96 15.29 -7.18 5.33
N TYR D 97 15.40 -8.21 6.16
CA TYR D 97 14.30 -9.17 6.19
C TYR D 97 14.19 -9.73 7.57
N ARG D 98 12.99 -9.61 8.14
CA ARG D 98 12.71 -10.04 9.52
C ARG D 98 13.79 -9.54 10.52
N ASP D 99 14.11 -8.25 10.35
CA ASP D 99 15.10 -7.54 11.15
C ASP D 99 16.50 -8.11 10.96
N ARG D 100 16.72 -8.93 9.92
CA ARG D 100 18.08 -9.44 9.61
C ARG D 100 18.59 -8.68 8.41
N VAL D 101 19.83 -8.21 8.50
CA VAL D 101 20.43 -7.57 7.34
C VAL D 101 21.02 -8.70 6.49
N VAL D 102 20.48 -8.88 5.29
CA VAL D 102 20.93 -9.97 4.44
C VAL D 102 21.81 -9.43 3.35
N ASN D 103 23.04 -9.90 3.31
CA ASN D 103 23.96 -9.52 2.25
C ASN D 103 24.05 -10.70 1.28
N LEU D 104 23.50 -10.49 0.07
CA LEU D 104 23.61 -11.49 -0.98
C LEU D 104 24.68 -11.05 -1.95
N LEU D 105 25.70 -11.88 -2.13
CA LEU D 105 26.80 -11.53 -3.01
C LEU D 105 26.61 -12.24 -4.35
N ASP D 106 26.58 -11.47 -5.43
CA ASP D 106 26.40 -12.09 -6.71
C ASP D 106 27.62 -12.95 -7.02
N THR D 107 27.37 -14.14 -7.57
CA THR D 107 28.40 -15.02 -8.05
C THR D 107 28.25 -15.04 -9.55
N PRO D 108 29.15 -14.37 -10.27
CA PRO D 108 29.04 -14.29 -11.75
C PRO D 108 29.00 -15.66 -12.39
N GLY D 109 28.16 -15.80 -13.40
CA GLY D 109 27.92 -17.08 -14.06
C GLY D 109 27.90 -16.92 -15.56
N HIS D 110 27.61 -18.02 -16.27
CA HIS D 110 27.52 -17.99 -17.73
C HIS D 110 28.84 -17.58 -18.35
N GLN D 111 28.74 -16.56 -19.20
CA GLN D 111 29.85 -15.93 -19.89
C GLN D 111 30.80 -15.27 -18.91
N ASP D 112 30.29 -14.89 -17.74
CA ASP D 112 31.09 -14.21 -16.71
C ASP D 112 31.73 -15.12 -15.68
N PHE D 113 31.46 -16.43 -15.74
CA PHE D 113 32.00 -17.32 -14.72
C PHE D 113 33.52 -17.18 -14.78
N SER D 114 34.13 -16.99 -13.61
CA SER D 114 35.57 -16.81 -13.47
C SER D 114 36.01 -17.13 -12.07
N GLU D 115 37.30 -17.02 -11.80
CA GLU D 115 37.80 -17.26 -10.45
C GLU D 115 37.08 -16.34 -9.44
N ASP D 116 36.55 -15.24 -9.94
CA ASP D 116 35.84 -14.31 -9.10
C ASP D 116 34.63 -15.00 -8.49
N THR D 117 33.97 -15.86 -9.25
CA THR D 117 32.85 -16.61 -8.70
C THR D 117 33.29 -17.40 -7.46
N TYR D 118 34.45 -18.05 -7.53
CA TYR D 118 34.98 -18.80 -6.41
C TYR D 118 35.33 -17.91 -5.23
N ARG D 119 35.96 -16.77 -5.49
CA ARG D 119 36.40 -15.90 -4.41
C ARG D 119 35.21 -15.41 -3.57
N VAL D 120 34.07 -15.23 -4.24
CA VAL D 120 32.91 -14.71 -3.60
C VAL D 120 32.57 -15.70 -2.51
N LEU D 121 32.80 -16.97 -2.80
CA LEU D 121 32.52 -18.00 -1.82
C LEU D 121 33.44 -17.89 -0.62
N THR D 122 34.58 -17.21 -0.79
CA THR D 122 35.51 -16.99 0.32
C THR D 122 35.07 -15.82 1.24
N ALA D 123 33.95 -15.17 0.92
CA ALA D 123 33.49 -14.04 1.68
C ALA D 123 32.07 -14.21 2.23
N VAL D 124 31.54 -15.42 2.18
CA VAL D 124 30.17 -15.64 2.67
C VAL D 124 30.17 -16.57 3.86
N ASP D 125 29.35 -16.26 4.87
CA ASP D 125 29.26 -17.14 6.04
C ASP D 125 28.56 -18.46 5.66
N SER D 126 27.61 -18.41 4.73
CA SER D 126 26.93 -19.62 4.25
C SER D 126 26.55 -19.49 2.78
N ALA D 127 26.16 -20.62 2.17
CA ALA D 127 25.73 -20.61 0.78
C ALA D 127 24.34 -21.27 0.59
N LEU D 128 23.63 -20.86 -0.47
CA LEU D 128 22.34 -21.43 -0.81
C LEU D 128 22.48 -22.12 -2.17
N VAL D 129 22.08 -23.38 -2.25
CA VAL D 129 22.15 -24.17 -3.49
C VAL D 129 20.84 -24.12 -4.30
N VAL D 130 20.90 -23.75 -5.57
CA VAL D 130 19.67 -23.78 -6.40
C VAL D 130 19.77 -24.83 -7.52
N ILE D 131 18.86 -25.80 -7.52
CA ILE D 131 18.87 -26.87 -8.51
C ILE D 131 17.65 -26.78 -9.42
N ASP D 132 17.84 -27.05 -10.70
CA ASP D 132 16.72 -27.16 -11.62
C ASP D 132 16.19 -28.54 -11.40
N ALA D 133 14.92 -28.64 -11.07
CA ALA D 133 14.32 -29.92 -10.70
C ALA D 133 14.50 -30.93 -11.81
N ALA D 134 14.39 -30.48 -13.05
CA ALA D 134 14.51 -31.39 -14.17
C ALA D 134 15.95 -31.94 -14.29
N LYS D 135 16.97 -31.10 -14.14
CA LYS D 135 18.31 -31.56 -14.37
C LYS D 135 19.05 -32.16 -13.17
N GLY D 136 18.58 -31.85 -11.97
CA GLY D 136 19.26 -32.32 -10.77
C GLY D 136 20.62 -31.67 -10.64
N VAL D 137 21.54 -32.34 -9.94
CA VAL D 137 22.84 -31.75 -9.66
C VAL D 137 23.67 -31.68 -10.92
N GLU D 138 24.10 -30.48 -11.27
CA GLU D 138 24.83 -30.26 -12.50
C GLU D 138 26.30 -29.95 -12.25
N ALA D 139 27.10 -29.97 -13.33
CA ALA D 139 28.54 -29.77 -13.24
C ALA D 139 28.97 -28.55 -12.45
N GLN D 140 28.38 -27.38 -12.70
CA GLN D 140 28.82 -26.17 -11.98
C GLN D 140 28.37 -26.22 -10.53
N THR D 141 27.21 -26.83 -10.29
CA THR D 141 26.75 -27.04 -8.93
C THR D 141 27.75 -27.88 -8.14
N ARG D 142 28.22 -28.99 -8.75
CA ARG D 142 29.23 -29.86 -8.09
C ARG D 142 30.57 -29.15 -7.83
N LYS D 143 31.06 -28.46 -8.85
CA LYS D 143 32.26 -27.68 -8.76
C LYS D 143 32.20 -26.66 -7.62
N LEU D 144 31.18 -25.81 -7.61
CA LEU D 144 31.02 -24.79 -6.55
C LEU D 144 30.87 -25.39 -5.18
N MET D 145 30.04 -26.43 -5.08
CA MET D 145 29.82 -27.07 -3.78
C MET D 145 31.16 -27.57 -3.30
N ASP D 146 32.02 -27.93 -4.27
CA ASP D 146 33.36 -28.42 -4.02
C ASP D 146 34.15 -27.41 -3.23
N VAL D 147 33.93 -26.12 -3.56
CA VAL D 147 34.55 -25.00 -2.87
C VAL D 147 33.96 -24.89 -1.47
N CYS D 148 32.64 -25.03 -1.37
CA CYS D 148 31.98 -24.86 -0.08
C CYS D 148 32.46 -25.91 0.93
N ARG D 149 32.66 -27.13 0.44
CA ARG D 149 33.03 -28.24 1.30
C ARG D 149 34.39 -28.06 2.00
N MET D 150 35.37 -27.66 1.21
CA MET D 150 36.70 -27.45 1.75
C MET D 150 36.75 -26.27 2.70
N ARG D 151 35.80 -25.37 2.59
CA ARG D 151 35.77 -24.24 3.49
C ARG D 151 34.79 -24.46 4.60
N ALA D 152 34.17 -25.65 4.59
CA ALA D 152 33.20 -26.07 5.61
C ALA D 152 32.03 -25.07 5.72
N THR D 153 31.53 -24.66 4.56
CA THR D 153 30.48 -23.65 4.47
C THR D 153 29.15 -24.34 4.46
N PRO D 154 28.29 -24.01 5.44
CA PRO D 154 26.91 -24.49 5.53
C PRO D 154 26.14 -24.19 4.27
N VAL D 155 25.27 -25.11 3.87
CA VAL D 155 24.42 -24.83 2.70
C VAL D 155 22.95 -25.17 2.89
N MET D 156 22.10 -24.39 2.23
CA MET D 156 20.69 -24.69 2.20
C MET D 156 20.41 -24.93 0.74
N THR D 157 19.40 -25.74 0.45
CA THR D 157 19.09 -26.12 -0.94
C THR D 157 17.66 -25.79 -1.28
N PHE D 158 17.47 -25.25 -2.47
CA PHE D 158 16.17 -24.97 -3.02
C PHE D 158 16.08 -25.64 -4.41
N VAL D 159 15.17 -26.61 -4.50
CA VAL D 159 14.92 -27.35 -5.72
C VAL D 159 13.87 -26.58 -6.48
N ASN D 160 14.28 -25.99 -7.58
CA ASN D 160 13.47 -25.06 -8.35
C ASN D 160 12.77 -25.63 -9.58
N LYS D 161 11.75 -24.91 -10.03
CA LYS D 161 11.00 -25.24 -11.26
C LYS D 161 10.05 -26.44 -11.15
N MET D 162 9.27 -26.52 -10.07
CA MET D 162 8.30 -27.61 -9.90
C MET D 162 7.06 -27.46 -10.78
N ASP D 163 7.00 -26.43 -11.59
CA ASP D 163 5.86 -26.20 -12.46
C ASP D 163 6.10 -26.84 -13.83
N ARG D 164 7.34 -27.23 -14.09
CA ARG D 164 7.72 -27.95 -15.30
C ARG D 164 7.89 -29.38 -14.83
N GLU D 165 7.80 -30.34 -15.74
CA GLU D 165 8.00 -31.75 -15.38
C GLU D 165 9.41 -31.92 -14.83
N ALA D 166 9.54 -32.66 -13.73
CA ALA D 166 10.83 -32.83 -13.03
C ALA D 166 11.11 -34.25 -12.49
N LEU D 167 12.35 -34.48 -12.09
CA LEU D 167 12.70 -35.72 -11.40
C LEU D 167 11.87 -35.90 -10.12
N HIS D 168 11.64 -37.15 -9.70
CA HIS D 168 10.89 -37.40 -8.46
C HIS D 168 11.63 -36.85 -7.22
N PRO D 169 10.93 -36.11 -6.34
CA PRO D 169 11.66 -35.47 -5.24
C PRO D 169 12.60 -36.43 -4.52
N LEU D 170 12.16 -37.65 -4.27
CA LEU D 170 13.04 -38.64 -3.73
C LEU D 170 14.28 -38.80 -4.58
N ASP D 171 14.11 -38.89 -5.91
CA ASP D 171 15.26 -39.04 -6.80
C ASP D 171 16.17 -37.81 -6.70
N VAL D 172 15.57 -36.63 -6.60
CA VAL D 172 16.31 -35.37 -6.50
C VAL D 172 17.18 -35.34 -5.25
N MET D 173 16.64 -35.83 -4.14
CA MET D 173 17.40 -35.83 -2.88
C MET D 173 18.58 -36.76 -3.04
N ALA D 174 18.32 -37.93 -3.63
CA ALA D 174 19.34 -38.93 -3.80
C ALA D 174 20.42 -38.28 -4.59
N ASP D 175 20.04 -37.51 -5.62
CA ASP D 175 21.03 -36.90 -6.50
C ASP D 175 21.89 -35.94 -5.68
N ILE D 176 21.23 -35.14 -4.85
CA ILE D 176 21.95 -34.17 -4.07
C ILE D 176 22.88 -34.88 -3.13
N GLU D 177 22.33 -35.82 -2.36
CA GLU D 177 23.14 -36.57 -1.43
C GLU D 177 24.35 -37.17 -2.14
N GLN D 178 24.15 -37.80 -3.27
CA GLN D 178 25.26 -38.42 -3.96
C GLN D 178 26.31 -37.40 -4.39
N HIS D 179 25.89 -36.34 -5.07
CA HIS D 179 26.85 -35.47 -5.73
C HIS D 179 27.35 -34.24 -4.98
N LEU D 180 26.62 -33.80 -3.96
CA LEU D 180 27.12 -32.73 -3.10
C LEU D 180 27.61 -33.34 -1.81
N GLN D 181 27.56 -34.66 -1.74
CA GLN D 181 28.14 -35.39 -0.62
C GLN D 181 27.73 -34.80 0.72
N ILE D 182 26.45 -34.88 1.01
CA ILE D 182 25.88 -34.22 2.20
C ILE D 182 24.51 -34.82 2.48
N GLU D 183 24.06 -34.82 3.74
CA GLU D 183 22.72 -35.36 4.06
C GLU D 183 21.61 -34.39 3.68
N CYS D 184 20.49 -34.93 3.18
CA CYS D 184 19.33 -34.13 2.81
C CYS D 184 18.21 -34.16 3.87
N ALA D 185 17.84 -32.98 4.39
CA ALA D 185 16.74 -32.86 5.35
C ALA D 185 15.65 -32.06 4.69
N PRO D 186 14.61 -32.74 4.18
CA PRO D 186 13.55 -31.99 3.47
C PRO D 186 12.76 -31.14 4.46
N MET D 187 12.52 -29.88 4.11
CA MET D 187 11.68 -29.01 4.96
C MET D 187 10.28 -28.85 4.38
N THR D 188 10.22 -28.80 3.04
CA THR D 188 8.97 -28.70 2.30
C THR D 188 8.97 -29.77 1.23
N TRP D 189 7.84 -30.46 1.08
CA TRP D 189 7.69 -31.51 0.07
C TRP D 189 6.63 -31.09 -0.96
N PRO D 190 6.88 -31.39 -2.24
CA PRO D 190 5.97 -31.00 -3.34
C PRO D 190 4.91 -32.03 -3.68
N ILE D 191 3.67 -31.59 -3.84
CA ILE D 191 2.61 -32.48 -4.29
C ILE D 191 2.55 -32.32 -5.79
N GLY D 192 2.68 -33.44 -6.50
CA GLY D 192 2.68 -33.45 -7.94
C GLY D 192 3.83 -32.67 -8.50
N MET D 193 3.72 -32.31 -9.77
CA MET D 193 4.79 -31.67 -10.52
C MET D 193 4.25 -31.35 -11.88
N GLY D 194 4.94 -30.47 -12.59
CA GLY D 194 4.47 -30.01 -13.89
C GLY D 194 3.03 -29.53 -13.90
N SER D 195 2.25 -30.06 -14.83
CA SER D 195 0.84 -29.67 -14.88
C SER D 195 0.13 -30.17 -13.63
N SER D 196 0.68 -31.19 -12.99
CA SER D 196 0.02 -31.74 -11.81
C SER D 196 0.55 -31.11 -10.53
N PHE D 197 1.24 -29.99 -10.65
CA PHE D 197 1.82 -29.38 -9.47
C PHE D 197 0.72 -28.74 -8.64
N LYS D 198 0.55 -29.21 -7.40
CA LYS D 198 -0.43 -28.60 -6.49
C LYS D 198 0.19 -27.59 -5.52
N GLY D 199 1.45 -27.83 -5.17
CA GLY D 199 2.11 -27.00 -4.17
C GLY D 199 3.00 -27.83 -3.27
N THR D 200 3.25 -27.34 -2.07
CA THR D 200 4.14 -28.01 -1.14
C THR D 200 3.57 -28.13 0.25
N TYR D 201 4.09 -29.10 0.99
CA TYR D 201 3.68 -29.32 2.37
C TYR D 201 4.89 -29.02 3.21
N ASP D 202 4.73 -28.15 4.20
CA ASP D 202 5.83 -27.80 5.08
C ASP D 202 5.75 -28.78 6.25
N LEU D 203 6.70 -29.69 6.33
CA LEU D 203 6.63 -30.77 7.30
C LEU D 203 6.69 -30.33 8.77
N LEU D 204 7.60 -29.43 9.10
CA LEU D 204 7.68 -29.01 10.49
C LEU D 204 6.52 -28.16 10.92
N HIS D 205 6.11 -27.24 10.05
CA HIS D 205 5.02 -26.32 10.38
C HIS D 205 3.61 -26.86 10.13
N LYS D 206 3.54 -28.11 9.66
CA LYS D 206 2.26 -28.79 9.37
C LYS D 206 1.36 -27.88 8.53
N GLN D 207 1.93 -27.27 7.50
CA GLN D 207 1.19 -26.36 6.64
C GLN D 207 1.20 -26.73 5.17
N LEU D 208 0.05 -26.56 4.53
CA LEU D 208 -0.09 -26.87 3.12
C LEU D 208 -0.16 -25.62 2.30
N HIS D 209 0.75 -25.50 1.35
CA HIS D 209 0.79 -24.32 0.47
C HIS D 209 0.41 -24.68 -0.94
N LEU D 210 -0.75 -24.15 -1.36
CA LEU D 210 -1.30 -24.42 -2.68
C LEU D 210 -0.72 -23.50 -3.73
N PHE D 211 -0.59 -24.00 -4.95
CA PHE D 211 -0.08 -23.23 -6.07
C PHE D 211 -1.24 -22.63 -6.86
N SER D 212 -1.28 -21.29 -6.89
CA SER D 212 -2.37 -20.55 -7.58
C SER D 212 -1.78 -19.42 -8.45
N ALA D 213 -2.54 -18.98 -9.47
CA ALA D 213 -2.19 -17.77 -10.22
C ALA D 213 -3.43 -17.11 -10.84
N ILE D 219 1.39 -13.46 -1.93
CA ILE D 219 1.50 -14.79 -1.33
C ILE D 219 0.29 -15.17 -0.48
N GLN D 220 0.02 -16.46 -0.41
CA GLN D 220 -1.16 -16.98 0.30
C GLN D 220 -0.75 -17.74 1.55
N SER D 221 -1.44 -17.47 2.65
CA SER D 221 -1.17 -18.15 3.93
C SER D 221 -1.54 -19.63 3.88
N GLY D 222 -0.68 -20.46 4.46
CA GLY D 222 -0.85 -21.90 4.44
C GLY D 222 -2.04 -22.44 5.20
N ILE D 223 -2.38 -23.69 4.91
CA ILE D 223 -3.48 -24.38 5.54
C ILE D 223 -2.96 -25.35 6.59
N VAL D 224 -3.35 -25.16 7.84
CA VAL D 224 -2.93 -26.06 8.91
C VAL D 224 -3.53 -27.44 8.73
N ILE D 225 -2.67 -28.46 8.81
CA ILE D 225 -3.08 -29.83 8.64
C ILE D 225 -2.87 -30.53 9.98
N HIS D 226 -3.83 -31.33 10.38
CA HIS D 226 -3.73 -32.05 11.65
C HIS D 226 -3.61 -33.52 11.37
N GLY D 227 -2.38 -34.00 11.26
CA GLY D 227 -2.14 -35.39 10.93
C GLY D 227 -2.27 -35.61 9.43
N ALA D 228 -1.77 -36.76 8.97
CA ALA D 228 -1.86 -37.12 7.55
C ALA D 228 -3.25 -37.68 7.24
N ASP D 229 -4.07 -37.80 8.28
CA ASP D 229 -5.44 -38.29 8.14
C ASP D 229 -6.44 -37.15 7.96
N ASP D 230 -5.96 -35.90 8.05
CA ASP D 230 -6.81 -34.73 7.89
C ASP D 230 -7.55 -34.83 6.56
N PRO D 231 -8.89 -34.65 6.59
CA PRO D 231 -9.72 -34.67 5.40
C PRO D 231 -9.38 -33.55 4.46
N GLN D 232 -8.81 -32.48 5.02
CA GLN D 232 -8.41 -31.31 4.25
C GLN D 232 -7.46 -31.70 3.14
N LEU D 233 -6.55 -32.64 3.41
CA LEU D 233 -5.66 -33.15 2.39
C LEU D 233 -6.45 -33.67 1.20
N ASP D 234 -7.46 -34.49 1.48
CA ASP D 234 -8.32 -35.01 0.44
C ASP D 234 -9.04 -33.86 -0.26
N GLU D 235 -9.57 -32.93 0.54
CA GLU D 235 -10.31 -31.79 0.03
C GLU D 235 -9.50 -30.93 -0.94
N TYR D 236 -8.24 -30.66 -0.62
CA TYR D 236 -7.39 -29.79 -1.43
C TYR D 236 -6.50 -30.47 -2.45
N LEU D 237 -6.10 -31.71 -2.18
CA LEU D 237 -5.24 -32.45 -3.11
C LEU D 237 -5.95 -33.51 -3.96
N GLY D 238 -7.22 -33.77 -3.67
CA GLY D 238 -7.92 -34.78 -4.41
C GLY D 238 -7.18 -36.10 -4.39
N ASP D 239 -7.20 -36.80 -5.52
CA ASP D 239 -6.58 -38.14 -5.65
C ASP D 239 -5.06 -38.09 -5.59
N GLN D 240 -4.50 -36.89 -5.51
CA GLN D 240 -3.08 -36.72 -5.36
C GLN D 240 -2.68 -36.77 -3.89
N ALA D 241 -3.67 -36.73 -3.00
CA ALA D 241 -3.41 -36.78 -1.57
C ALA D 241 -2.72 -38.09 -1.18
N GLU D 242 -3.09 -39.17 -1.88
CA GLU D 242 -2.52 -40.48 -1.63
C GLU D 242 -0.99 -40.43 -1.75
N GLN D 243 -0.48 -39.77 -2.78
CA GLN D 243 0.97 -39.73 -2.98
C GLN D 243 1.70 -39.02 -1.86
N LEU D 244 1.15 -37.89 -1.40
CA LEU D 244 1.77 -37.16 -0.29
C LEU D 244 1.80 -38.00 0.99
N ARG D 245 0.67 -38.64 1.30
CA ARG D 245 0.63 -39.54 2.45
C ARG D 245 1.65 -40.64 2.26
N MET D 246 1.62 -41.26 1.08
CA MET D 246 2.61 -42.27 0.71
C MET D 246 4.05 -41.73 0.91
N ASP D 247 4.32 -40.54 0.37
CA ASP D 247 5.66 -39.93 0.41
C ASP D 247 6.08 -39.61 1.84
N LEU D 248 5.14 -39.12 2.64
CA LEU D 248 5.45 -38.69 4.00
C LEU D 248 5.87 -39.82 4.91
N ALA D 249 5.16 -40.95 4.83
CA ALA D 249 5.50 -42.13 5.64
C ALA D 249 6.88 -42.69 5.26
N LEU D 250 7.21 -42.63 3.96
CA LEU D 250 8.52 -43.05 3.47
C LEU D 250 9.61 -42.12 3.97
N LEU D 251 9.32 -40.82 3.93
CA LEU D 251 10.23 -39.81 4.49
C LEU D 251 10.46 -39.98 5.99
N GLU D 252 9.42 -40.30 6.74
CA GLU D 252 9.56 -40.47 8.19
C GLU D 252 10.49 -41.61 8.53
N GLU D 253 10.44 -42.69 7.76
CA GLU D 253 11.30 -43.84 7.98
C GLU D 253 12.75 -43.58 7.54
N ALA D 254 12.90 -43.05 6.33
CA ALA D 254 14.22 -42.81 5.77
C ALA D 254 14.50 -41.32 5.71
N GLY D 255 13.97 -40.61 6.70
CA GLY D 255 14.07 -39.15 6.73
C GLY D 255 15.06 -38.62 7.74
N THR D 256 15.67 -37.53 7.37
CA THR D 256 16.63 -36.90 8.23
C THR D 256 16.01 -35.57 8.64
N PRO D 257 15.80 -35.38 9.96
CA PRO D 257 15.27 -34.12 10.48
C PRO D 257 16.35 -33.06 10.38
N PHE D 258 15.98 -31.84 10.04
CA PHE D 258 17.00 -30.80 10.01
C PHE D 258 17.54 -30.70 11.39
N ASP D 259 18.86 -30.78 11.51
CA ASP D 259 19.55 -30.66 12.79
C ASP D 259 20.42 -29.42 12.73
N GLU D 260 20.20 -28.47 13.62
CA GLU D 260 20.90 -27.20 13.47
C GLU D 260 22.41 -27.32 13.51
N GLU D 261 22.92 -28.08 14.46
CA GLU D 261 24.37 -28.19 14.63
C GLU D 261 25.04 -28.86 13.43
N ARG D 262 24.39 -29.89 12.89
CA ARG D 262 24.90 -30.62 11.73
C ARG D 262 24.94 -29.75 10.47
N TYR D 263 23.92 -28.92 10.28
CA TYR D 263 23.86 -28.02 9.13
C TYR D 263 25.04 -27.08 9.20
N LEU D 264 25.34 -26.65 10.41
CA LEU D 264 26.45 -25.74 10.66
C LEU D 264 27.79 -26.41 10.46
N LYS D 265 27.87 -27.71 10.73
CA LYS D 265 29.10 -28.46 10.47
C LYS D 265 29.36 -28.73 8.98
N GLY D 266 28.36 -28.50 8.14
CA GLY D 266 28.44 -28.88 6.75
C GLY D 266 27.92 -30.28 6.47
N GLU D 267 27.49 -31.01 7.50
CA GLU D 267 27.06 -32.41 7.36
C GLU D 267 25.67 -32.59 6.77
N LEU D 268 24.84 -31.56 6.83
CA LEU D 268 23.41 -31.66 6.51
C LEU D 268 22.90 -30.41 5.80
N THR D 269 21.86 -30.60 4.98
CA THR D 269 21.27 -29.48 4.27
C THR D 269 19.75 -29.51 4.24
N PRO D 270 19.12 -28.35 4.50
CA PRO D 270 17.66 -28.30 4.51
C PRO D 270 17.20 -28.12 3.10
N VAL D 271 16.29 -28.98 2.66
CA VAL D 271 15.85 -28.87 1.26
C VAL D 271 14.43 -28.29 1.14
N PHE D 272 14.26 -27.35 0.20
CA PHE D 272 12.98 -26.73 -0.10
C PHE D 272 12.69 -26.96 -1.60
N PHE D 273 11.42 -27.17 -1.98
CA PHE D 273 11.01 -27.25 -3.39
C PHE D 273 10.03 -26.15 -3.67
N GLY D 274 10.12 -25.57 -4.86
CA GLY D 274 9.25 -24.47 -5.25
C GLY D 274 9.42 -24.06 -6.71
N SER D 275 8.79 -22.92 -7.04
CA SER D 275 8.79 -22.41 -8.38
C SER D 275 9.19 -20.95 -8.29
N ALA D 276 10.48 -20.70 -8.37
CA ALA D 276 10.96 -19.33 -8.23
C ALA D 276 10.21 -18.40 -9.15
N ILE D 277 10.11 -18.74 -10.44
CA ILE D 277 9.40 -17.91 -11.39
C ILE D 277 8.05 -17.43 -10.87
N ASN D 278 7.36 -18.27 -10.08
CA ASN D 278 6.05 -17.94 -9.54
C ASN D 278 6.14 -17.43 -8.11
N ASN D 279 7.33 -17.07 -7.66
CA ASN D 279 7.51 -16.63 -6.29
C ASN D 279 6.86 -17.63 -5.32
N PHE D 280 7.00 -18.92 -5.65
CA PHE D 280 6.40 -19.99 -4.87
C PHE D 280 7.41 -20.87 -4.12
N GLY D 281 7.21 -21.02 -2.82
CA GLY D 281 8.05 -21.86 -1.99
C GLY D 281 9.23 -21.10 -1.43
N VAL D 282 9.46 -19.91 -1.98
CA VAL D 282 10.52 -19.01 -1.51
C VAL D 282 10.39 -18.54 -0.07
N ARG D 283 9.21 -18.17 0.36
CA ARG D 283 9.07 -17.55 1.67
C ARG D 283 9.59 -18.45 2.76
N GLU D 284 9.22 -19.72 2.69
CA GLU D 284 9.62 -20.67 3.72
C GLU D 284 11.16 -20.75 3.78
N MET D 285 11.76 -20.89 2.58
CA MET D 285 13.21 -20.97 2.45
C MET D 285 13.89 -19.69 2.98
N LEU D 286 13.30 -18.55 2.63
CA LEU D 286 13.80 -17.27 3.10
C LEU D 286 13.78 -17.27 4.62
N ASP D 287 12.69 -17.77 5.18
CA ASP D 287 12.53 -17.80 6.64
C ASP D 287 13.55 -18.69 7.29
N MET D 288 13.76 -19.85 6.70
CA MET D 288 14.63 -20.85 7.30
C MET D 288 16.04 -20.28 7.28
N PHE D 289 16.33 -19.52 6.23
CA PHE D 289 17.62 -18.83 6.13
C PHE D 289 17.85 -17.76 7.19
N VAL D 290 16.96 -16.76 7.30
CA VAL D 290 17.23 -15.67 8.24
C VAL D 290 17.27 -16.21 9.65
N GLU D 291 16.54 -17.29 9.88
CA GLU D 291 16.47 -17.93 11.19
C GLU D 291 17.71 -18.69 11.62
N PHE D 292 18.25 -19.55 10.73
CA PHE D 292 19.31 -20.50 11.10
C PHE D 292 20.68 -20.27 10.48
N ALA D 293 20.73 -19.66 9.29
CA ALA D 293 22.00 -19.41 8.60
C ALA D 293 22.96 -18.63 9.50
N PRO D 294 24.25 -18.88 9.31
CA PRO D 294 25.28 -18.28 10.15
C PRO D 294 25.45 -16.79 9.94
N GLY D 295 25.69 -16.13 11.08
CA GLY D 295 26.05 -14.73 11.18
C GLY D 295 27.56 -14.66 11.00
N PRO D 296 28.12 -13.46 10.88
CA PRO D 296 29.53 -13.32 10.66
C PRO D 296 30.35 -14.22 11.62
N GLN D 297 31.22 -15.02 11.01
CA GLN D 297 32.06 -15.98 11.69
C GLN D 297 33.47 -15.47 11.89
N PRO D 298 34.20 -16.04 12.87
CA PRO D 298 35.59 -15.58 13.10
C PRO D 298 36.48 -15.97 11.91
N ARG D 299 37.47 -15.12 11.64
CA ARG D 299 38.35 -15.30 10.51
C ARG D 299 39.78 -15.53 10.99
N PRO D 300 40.45 -16.54 10.41
CA PRO D 300 41.83 -16.85 10.76
C PRO D 300 42.79 -15.79 10.24
N ALA D 301 43.84 -15.53 11.01
CA ALA D 301 44.91 -14.62 10.59
C ALA D 301 46.22 -15.29 10.93
N ALA D 302 47.32 -14.71 10.46
CA ALA D 302 48.65 -15.27 10.70
C ALA D 302 48.99 -15.35 12.20
N THR D 303 48.71 -14.27 12.92
CA THR D 303 49.02 -14.24 14.34
C THR D 303 47.88 -14.79 15.20
N ARG D 304 46.64 -14.44 14.88
CA ARG D 304 45.49 -14.85 15.70
C ARG D 304 44.16 -14.87 14.92
N VAL D 305 43.11 -15.33 15.61
CA VAL D 305 41.76 -15.40 15.07
C VAL D 305 41.01 -14.12 15.40
N VAL D 306 40.73 -13.30 14.38
CA VAL D 306 39.96 -12.07 14.60
C VAL D 306 38.49 -12.40 14.81
N GLU D 307 37.89 -11.75 15.80
CA GLU D 307 36.47 -11.94 16.12
C GLU D 307 35.65 -10.73 15.63
N PRO D 308 34.44 -10.96 15.08
CA PRO D 308 33.64 -9.80 14.65
C PRO D 308 33.28 -8.92 15.82
N GLY D 309 33.23 -9.50 17.01
CA GLY D 309 33.10 -8.75 18.28
C GLY D 309 34.08 -7.60 18.55
N GLU D 310 35.31 -7.70 18.07
CA GLU D 310 36.29 -6.64 18.29
C GLU D 310 35.89 -5.27 17.73
N GLU D 311 36.09 -4.21 18.50
CA GLU D 311 35.77 -2.86 18.05
C GLU D 311 36.72 -2.35 16.95
N ALA D 312 37.87 -2.96 16.85
CA ALA D 312 38.87 -2.49 15.92
C ALA D 312 38.51 -2.93 14.50
N PHE D 313 38.35 -1.96 13.60
CA PHE D 313 38.02 -2.30 12.21
C PHE D 313 39.04 -3.17 11.50
N THR D 314 38.57 -4.28 10.95
CA THR D 314 39.38 -5.18 10.07
C THR D 314 38.64 -5.60 8.79
N GLY D 315 39.39 -5.79 7.73
CA GLY D 315 38.82 -6.22 6.46
C GLY D 315 39.76 -7.02 5.57
N VAL D 316 39.20 -7.82 4.68
CA VAL D 316 40.00 -8.62 3.76
C VAL D 316 39.53 -8.40 2.35
N VAL D 317 40.44 -8.11 1.43
CA VAL D 317 40.02 -7.94 0.05
C VAL D 317 39.79 -9.30 -0.59
N PHE D 318 38.62 -9.48 -1.21
CA PHE D 318 38.33 -10.77 -1.82
C PHE D 318 38.10 -10.65 -3.33
N LYS D 319 37.69 -9.47 -3.76
CA LYS D 319 37.37 -9.27 -5.15
C LYS D 319 37.99 -7.97 -5.57
N ILE D 320 38.49 -7.91 -6.80
CA ILE D 320 39.06 -6.68 -7.33
C ILE D 320 38.42 -6.42 -8.68
N GLN D 321 38.46 -5.18 -9.15
CA GLN D 321 37.86 -4.85 -10.42
C GLN D 321 38.44 -3.59 -11.09
N ALA D 322 38.67 -3.62 -12.40
CA ALA D 322 39.20 -2.44 -13.13
C ALA D 322 38.12 -1.61 -13.85
N ARG D 331 39.44 1.75 -10.86
CA ARG D 331 39.77 0.46 -10.26
C ARG D 331 39.19 0.33 -8.86
N MET D 332 38.56 -0.79 -8.53
CA MET D 332 37.94 -0.94 -7.20
C MET D 332 37.99 -2.29 -6.48
N ALA D 333 38.41 -2.24 -5.23
CA ALA D 333 38.55 -3.42 -4.36
C ALA D 333 37.40 -3.58 -3.34
N PHE D 334 36.70 -4.68 -3.49
CA PHE D 334 35.64 -5.06 -2.61
C PHE D 334 36.30 -5.69 -1.40
N LEU D 335 35.85 -5.28 -0.22
CA LEU D 335 36.45 -5.68 1.04
C LEU D 335 35.36 -6.22 1.96
N ARG D 336 35.66 -7.31 2.64
CA ARG D 336 34.71 -7.90 3.55
C ARG D 336 35.12 -7.42 4.93
N ILE D 337 34.14 -6.99 5.71
CA ILE D 337 34.43 -6.46 7.01
C ILE D 337 34.47 -7.63 7.98
N CYS D 338 35.68 -7.92 8.48
CA CYS D 338 35.90 -9.00 9.45
C CYS D 338 35.56 -8.65 10.91
N SER D 339 35.77 -7.39 11.27
CA SER D 339 35.40 -6.91 12.60
C SER D 339 35.34 -5.40 12.61
N GLY D 340 34.65 -4.84 13.60
CA GLY D 340 34.64 -3.38 13.75
C GLY D 340 33.57 -2.68 12.96
N THR D 341 33.68 -1.37 12.81
CA THR D 341 32.66 -0.56 12.15
C THR D 341 33.33 0.29 11.11
N PHE D 342 32.78 0.31 9.91
CA PHE D 342 33.36 1.11 8.84
C PHE D 342 32.60 2.40 8.57
N THR D 343 33.31 3.53 8.57
CA THR D 343 32.71 4.85 8.27
C THR D 343 33.58 5.55 7.24
N ARG D 344 32.99 6.49 6.51
CA ARG D 344 33.72 7.20 5.45
C ARG D 344 34.91 8.02 5.93
N GLY D 345 34.76 8.71 7.06
CA GLY D 345 35.77 9.62 7.54
C GLY D 345 36.97 8.99 8.21
N MET D 346 37.01 7.66 8.26
CA MET D 346 38.09 6.96 8.97
C MET D 346 39.35 6.82 8.16
N ARG D 347 40.40 6.34 8.82
CA ARG D 347 41.64 6.01 8.15
C ARG D 347 41.99 4.57 8.40
N LEU D 348 42.48 3.91 7.35
CA LEU D 348 42.87 2.49 7.40
C LEU D 348 44.30 2.31 6.92
N LYS D 349 44.95 1.27 7.44
CA LYS D 349 46.33 1.02 7.09
C LYS D 349 46.45 -0.20 6.18
N HIS D 350 46.95 0.03 4.98
CA HIS D 350 47.18 -1.02 3.98
C HIS D 350 48.50 -1.71 4.32
N HIS D 351 48.41 -2.83 5.02
CA HIS D 351 49.58 -3.50 5.58
C HIS D 351 50.62 -3.97 4.57
N ARG D 352 50.20 -4.50 3.43
CA ARG D 352 51.18 -5.01 2.48
C ARG D 352 52.13 -3.90 1.99
N THR D 353 51.57 -2.77 1.55
CA THR D 353 52.42 -1.63 1.17
C THR D 353 52.88 -0.85 2.40
N GLY D 354 52.28 -1.13 3.56
CA GLY D 354 52.55 -0.37 4.76
C GLY D 354 52.12 1.08 4.61
N LYS D 355 51.13 1.32 3.75
CA LYS D 355 50.60 2.66 3.50
C LYS D 355 49.42 3.05 4.39
N ASP D 356 48.98 4.29 4.25
CA ASP D 356 47.83 4.83 4.95
C ASP D 356 46.80 5.18 3.87
N VAL D 357 45.72 4.39 3.77
CA VAL D 357 44.73 4.63 2.69
C VAL D 357 43.50 5.40 3.15
N THR D 358 42.94 6.16 2.22
CA THR D 358 41.69 6.87 2.48
C THR D 358 40.46 6.24 1.83
N VAL D 359 39.37 6.27 2.59
CA VAL D 359 38.13 5.67 2.17
C VAL D 359 37.05 6.73 2.05
N ALA D 360 37.45 8.01 2.17
CA ALA D 360 36.53 9.15 2.17
C ALA D 360 35.30 8.96 1.26
N ASN D 361 35.53 8.47 0.05
CA ASN D 361 34.48 8.26 -0.92
C ASN D 361 34.50 6.82 -1.43
N ALA D 362 34.37 5.88 -0.50
CA ALA D 362 34.24 4.45 -0.78
C ALA D 362 32.87 4.14 -1.35
N THR D 363 32.48 2.88 -1.38
CA THR D 363 31.13 2.50 -1.77
C THR D 363 30.64 1.66 -0.61
N ILE D 364 29.60 2.09 0.08
CA ILE D 364 29.06 1.24 1.14
C ILE D 364 27.85 0.57 0.57
N PHE D 365 27.86 -0.77 0.53
CA PHE D 365 26.72 -1.52 -0.01
C PHE D 365 25.65 -1.69 1.06
N MET D 366 24.58 -0.91 0.92
CA MET D 366 23.54 -0.93 1.93
C MET D 366 22.16 -0.97 1.31
N ALA D 367 21.19 -1.44 2.09
CA ALA D 367 19.83 -1.51 1.61
C ALA D 367 19.37 -0.15 1.18
N GLN D 368 18.61 -0.10 0.10
CA GLN D 368 18.06 1.14 -0.37
C GLN D 368 17.17 1.74 0.73
N ASP D 369 17.08 3.06 0.75
CA ASP D 369 16.13 3.71 1.65
C ASP D 369 16.61 3.90 3.10
N ARG D 370 17.88 3.60 3.42
CA ARG D 370 18.25 3.65 4.84
C ARG D 370 18.53 4.99 5.51
N THR D 371 17.87 5.11 6.64
CA THR D 371 17.82 6.28 7.47
C THR D 371 18.78 6.08 8.65
N GLY D 372 20.08 6.27 8.45
CA GLY D 372 20.96 6.13 9.59
C GLY D 372 22.28 6.80 9.39
N VAL D 373 23.09 6.91 10.45
CA VAL D 373 24.47 7.32 10.26
C VAL D 373 25.03 6.29 9.29
N GLU D 374 25.84 6.72 8.32
CA GLU D 374 26.38 5.80 7.32
C GLU D 374 27.53 4.97 7.87
N GLU D 375 27.22 3.72 8.16
CA GLU D 375 28.20 2.82 8.76
C GLU D 375 27.90 1.39 8.37
N ALA D 376 28.92 0.58 8.37
CA ALA D 376 28.69 -0.76 8.03
C ALA D 376 29.33 -1.65 9.06
N PHE D 377 28.77 -2.84 9.23
CA PHE D 377 29.19 -3.79 10.24
C PHE D 377 29.74 -5.11 9.74
N PRO D 378 30.48 -5.84 10.62
CA PRO D 378 31.11 -7.06 10.18
C PRO D 378 30.08 -7.88 9.53
N GLY D 379 30.34 -8.25 8.28
CA GLY D 379 29.48 -9.09 7.46
C GLY D 379 29.21 -8.37 6.18
N ASP D 380 29.44 -7.06 6.17
CA ASP D 380 29.03 -6.21 5.05
C ASP D 380 30.14 -6.15 4.01
N ILE D 381 29.89 -5.46 2.90
CA ILE D 381 30.91 -5.35 1.87
C ILE D 381 31.11 -3.89 1.51
N ILE D 382 32.33 -3.46 1.29
CA ILE D 382 32.55 -2.08 0.93
C ILE D 382 33.50 -1.98 -0.22
N GLY D 383 33.31 -0.96 -1.06
CA GLY D 383 34.18 -0.78 -2.20
C GLY D 383 35.22 0.28 -1.90
N ILE D 384 36.48 -0.12 -1.90
CA ILE D 384 37.58 0.80 -1.65
C ILE D 384 38.15 1.18 -2.99
N PRO D 385 38.09 2.47 -3.38
CA PRO D 385 38.74 2.86 -4.61
C PRO D 385 40.24 2.98 -4.37
N ASN D 386 41.00 2.14 -5.06
CA ASN D 386 42.46 2.17 -5.00
C ASN D 386 43.01 1.88 -6.39
N HIS D 387 44.11 2.54 -6.75
CA HIS D 387 44.70 2.33 -8.06
C HIS D 387 45.95 1.47 -7.98
N GLY D 388 45.83 0.23 -8.46
CA GLY D 388 46.90 -0.75 -8.37
C GLY D 388 47.25 -0.96 -6.91
N THR D 389 48.44 -1.50 -6.68
CA THR D 389 48.97 -1.72 -5.32
C THR D 389 48.05 -2.53 -4.38
N ILE D 390 47.22 -3.42 -4.95
CA ILE D 390 46.37 -4.33 -4.16
C ILE D 390 46.51 -5.80 -4.56
N LYS D 391 46.04 -6.70 -3.71
CA LYS D 391 46.00 -8.13 -4.02
C LYS D 391 44.76 -8.72 -3.45
N ILE D 392 44.46 -9.93 -3.90
CA ILE D 392 43.39 -10.70 -3.32
C ILE D 392 43.91 -11.24 -2.01
N GLY D 393 43.23 -10.89 -0.93
CA GLY D 393 43.68 -11.28 0.39
C GLY D 393 44.23 -10.12 1.20
N ASP D 394 44.61 -9.01 0.58
CA ASP D 394 45.20 -7.90 1.34
C ASP D 394 44.35 -7.50 2.53
N THR D 395 44.98 -7.12 3.63
CA THR D 395 44.28 -6.85 4.88
C THR D 395 44.33 -5.34 5.18
N PHE D 396 43.17 -4.76 5.52
CA PHE D 396 43.10 -3.36 5.90
C PHE D 396 42.65 -3.27 7.36
N THR D 397 43.35 -2.50 8.18
CA THR D 397 42.97 -2.36 9.59
C THR D 397 43.03 -0.91 10.10
N GLU D 398 42.24 -0.64 11.13
CA GLU D 398 42.20 0.65 11.81
C GLU D 398 43.43 0.85 12.70
N SER D 399 43.77 -0.18 13.49
CA SER D 399 44.85 -0.07 14.50
C SER D 399 46.28 -0.13 13.95
N LYS D 400 47.22 0.37 14.76
CA LYS D 400 48.64 0.35 14.42
C LYS D 400 49.31 -0.99 14.79
N GLU D 401 48.71 -2.09 14.34
CA GLU D 401 49.21 -3.41 14.67
C GLU D 401 49.15 -4.19 13.37
N VAL D 402 50.16 -5.01 13.12
CA VAL D 402 50.15 -5.80 11.90
C VAL D 402 49.30 -7.05 12.10
N LEU D 403 48.41 -7.27 11.14
CA LEU D 403 47.48 -8.40 11.13
C LEU D 403 47.45 -8.91 9.71
N LYS D 404 47.34 -10.21 9.51
CA LYS D 404 47.29 -10.71 8.14
C LYS D 404 46.30 -11.87 7.99
N PHE D 405 45.25 -11.65 7.20
CA PHE D 405 44.27 -12.70 7.01
C PHE D 405 44.79 -13.76 6.03
N VAL D 406 44.70 -15.01 6.48
CA VAL D 406 45.09 -16.16 5.70
C VAL D 406 43.84 -16.88 5.27
N GLY D 407 44.03 -17.89 4.42
CA GLY D 407 42.90 -18.70 4.00
C GLY D 407 42.17 -18.42 2.69
N ILE D 408 42.35 -17.26 2.07
CA ILE D 408 41.84 -17.09 0.69
C ILE D 408 42.87 -17.65 -0.32
N PRO D 409 42.44 -18.67 -1.08
CA PRO D 409 43.34 -19.41 -1.94
C PRO D 409 43.24 -19.01 -3.39
N ASN D 410 44.09 -19.59 -4.21
CA ASN D 410 43.92 -19.54 -5.65
C ASN D 410 43.30 -20.89 -5.96
N PHE D 411 42.39 -20.94 -6.93
CA PHE D 411 41.72 -22.19 -7.31
C PHE D 411 42.32 -22.72 -8.58
N ALA D 412 42.55 -24.02 -8.63
CA ALA D 412 43.15 -24.61 -9.85
C ALA D 412 42.34 -24.35 -11.13
N PRO D 413 42.99 -23.69 -12.12
CA PRO D 413 42.30 -23.40 -13.36
C PRO D 413 41.97 -24.69 -14.09
N GLU D 414 40.95 -24.60 -14.95
CA GLU D 414 40.49 -25.69 -15.79
C GLU D 414 40.95 -25.53 -17.26
N HIS D 415 41.40 -24.32 -17.60
CA HIS D 415 41.65 -23.88 -18.97
C HIS D 415 43.00 -23.19 -19.14
N PHE D 416 43.81 -23.67 -20.07
CA PHE D 416 45.13 -23.09 -20.25
C PHE D 416 45.35 -22.64 -21.65
N ARG D 417 46.29 -21.73 -21.83
CA ARG D 417 46.65 -21.28 -23.13
C ARG D 417 48.06 -20.77 -23.06
N ARG D 418 48.85 -20.96 -24.11
CA ARG D 418 50.18 -20.37 -24.11
C ARG D 418 50.14 -18.99 -24.73
N VAL D 419 50.77 -18.01 -24.06
CA VAL D 419 50.89 -16.66 -24.59
C VAL D 419 52.14 -16.49 -25.42
N ARG D 420 51.94 -16.24 -26.69
CA ARG D 420 53.02 -15.93 -27.60
C ARG D 420 53.04 -14.42 -27.85
N LEU D 421 54.24 -13.84 -27.94
CA LEU D 421 54.40 -12.42 -28.22
C LEU D 421 54.95 -12.28 -29.64
N LYS D 422 54.26 -11.51 -30.47
CA LYS D 422 54.65 -11.35 -31.88
C LYS D 422 55.97 -10.64 -32.06
N ASN D 423 56.17 -9.55 -31.32
CA ASN D 423 57.40 -8.80 -31.37
C ASN D 423 58.18 -9.04 -30.07
N PRO D 424 59.28 -9.82 -30.18
CA PRO D 424 60.12 -10.21 -29.06
C PRO D 424 60.75 -9.07 -28.24
N LEU D 425 60.92 -7.89 -28.83
CA LEU D 425 61.47 -6.75 -28.10
C LEU D 425 60.54 -6.25 -26.99
N LYS D 426 59.24 -6.51 -27.15
CA LYS D 426 58.21 -6.10 -26.21
C LYS D 426 58.10 -7.10 -25.04
N ALA D 427 59.02 -8.05 -24.95
CA ALA D 427 58.99 -9.08 -23.90
C ALA D 427 59.02 -8.52 -22.50
N LYS D 428 59.85 -7.52 -22.27
CA LYS D 428 59.94 -6.89 -20.97
C LYS D 428 58.56 -6.30 -20.61
N GLN D 429 57.85 -5.78 -21.62
CA GLN D 429 56.50 -5.23 -21.45
C GLN D 429 55.44 -6.27 -21.07
N LEU D 430 55.33 -7.32 -21.89
CA LEU D 430 54.37 -8.41 -21.66
C LEU D 430 54.54 -8.97 -20.26
N GLN D 431 55.78 -9.16 -19.87
CA GLN D 431 56.10 -9.68 -18.56
C GLN D 431 55.49 -8.78 -17.49
N LYS D 432 55.74 -7.48 -17.59
CA LYS D 432 55.21 -6.52 -16.62
C LYS D 432 53.70 -6.65 -16.51
N GLY D 433 53.03 -6.61 -17.66
CA GLY D 433 51.57 -6.67 -17.71
C GLY D 433 51.01 -7.93 -17.09
N LEU D 434 51.53 -9.08 -17.53
CA LEU D 434 51.06 -10.36 -17.04
C LEU D 434 51.31 -10.49 -15.54
N GLU D 435 52.51 -10.09 -15.11
CA GLU D 435 52.88 -10.18 -13.70
C GLU D 435 51.97 -9.31 -12.87
N GLN D 436 51.65 -8.13 -13.42
CA GLN D 436 50.75 -7.19 -12.77
C GLN D 436 49.30 -7.66 -12.77
N LEU D 437 48.83 -8.18 -13.89
CA LEU D 437 47.45 -8.67 -13.94
C LEU D 437 47.22 -9.88 -13.01
N ALA D 438 48.21 -10.77 -12.91
CA ALA D 438 48.15 -11.92 -11.99
C ALA D 438 48.09 -11.44 -10.53
N GLU D 439 49.01 -10.55 -10.15
CA GLU D 439 49.01 -9.93 -8.81
C GLU D 439 47.61 -9.36 -8.48
N GLU D 440 47.02 -8.73 -9.47
CA GLU D 440 45.67 -8.21 -9.40
C GLU D 440 44.64 -9.34 -9.51
N GLY D 441 45.02 -10.41 -10.22
CA GLY D 441 44.23 -11.64 -10.24
C GLY D 441 43.21 -11.72 -11.34
N ALA D 442 43.58 -11.32 -12.54
CA ALA D 442 42.67 -11.41 -13.68
C ALA D 442 42.85 -12.74 -14.43
N VAL D 443 43.85 -13.53 -13.97
CA VAL D 443 44.30 -14.78 -14.58
C VAL D 443 45.56 -15.30 -13.85
N GLN D 444 45.88 -16.59 -14.06
CA GLN D 444 46.99 -17.25 -13.39
C GLN D 444 48.12 -17.56 -14.39
N LEU D 445 49.34 -17.50 -13.91
CA LEU D 445 50.49 -17.56 -14.78
C LEU D 445 51.37 -18.72 -14.37
N PHE D 446 51.73 -19.56 -15.33
CA PHE D 446 52.58 -20.74 -15.12
C PHE D 446 53.71 -20.64 -16.10
N ARG D 447 54.91 -20.79 -15.57
CA ARG D 447 56.16 -20.69 -16.32
C ARG D 447 56.81 -22.04 -16.16
N PRO D 448 56.74 -22.87 -17.20
CA PRO D 448 57.35 -24.20 -17.18
C PRO D 448 58.85 -24.19 -16.91
N LEU D 449 59.36 -25.28 -16.36
CA LEU D 449 60.78 -25.32 -16.00
C LEU D 449 61.72 -25.49 -17.20
N VAL D 450 61.22 -26.11 -18.26
CA VAL D 450 62.05 -26.47 -19.39
C VAL D 450 62.11 -25.42 -20.47
N ASN D 451 61.30 -24.37 -20.36
CA ASN D 451 61.31 -23.29 -21.35
C ASN D 451 60.96 -21.91 -20.81
N ASN D 452 60.89 -20.95 -21.73
CA ASN D 452 60.58 -19.56 -21.42
C ASN D 452 59.18 -19.13 -21.79
N ASP D 453 58.28 -20.09 -21.93
CA ASP D 453 56.93 -19.75 -22.31
C ASP D 453 56.09 -19.34 -21.10
N TYR D 454 54.94 -18.75 -21.36
CA TYR D 454 54.03 -18.31 -20.33
C TYR D 454 52.73 -19.00 -20.63
N ILE D 455 52.25 -19.77 -19.68
CA ILE D 455 51.00 -20.46 -19.85
C ILE D 455 50.03 -19.79 -18.90
N LEU D 456 48.87 -19.38 -19.42
CA LEU D 456 47.88 -18.74 -18.59
C LEU D 456 46.79 -19.74 -18.27
N GLY D 457 46.34 -19.75 -17.02
CA GLY D 457 45.26 -20.65 -16.62
C GLY D 457 44.11 -19.76 -16.24
N ALA D 458 42.91 -20.23 -16.54
CA ALA D 458 41.72 -19.43 -16.37
C ALA D 458 40.67 -20.29 -15.76
N VAL D 459 39.93 -19.77 -14.80
CA VAL D 459 38.85 -20.59 -14.29
C VAL D 459 37.76 -20.71 -15.35
N GLY D 460 37.49 -19.61 -16.05
CA GLY D 460 36.52 -19.59 -17.14
C GLY D 460 37.13 -18.90 -18.33
N VAL D 461 36.98 -19.51 -19.51
CA VAL D 461 37.66 -19.10 -20.75
C VAL D 461 37.54 -17.64 -21.13
N LEU D 462 36.46 -17.01 -20.71
CA LEU D 462 36.24 -15.57 -20.96
C LEU D 462 37.37 -14.66 -20.45
N GLN D 463 38.05 -15.10 -19.39
CA GLN D 463 39.17 -14.35 -18.83
C GLN D 463 40.29 -14.13 -19.86
N PHE D 464 40.45 -15.09 -20.79
CA PHE D 464 41.51 -15.02 -21.83
C PHE D 464 41.33 -13.84 -22.77
N ASP D 465 40.07 -13.50 -23.04
CA ASP D 465 39.73 -12.38 -23.91
C ASP D 465 39.92 -11.07 -23.16
N VAL D 466 39.56 -11.08 -21.89
CA VAL D 466 39.75 -9.92 -21.02
C VAL D 466 41.22 -9.58 -20.93
N ILE D 467 42.04 -10.62 -20.78
CA ILE D 467 43.48 -10.45 -20.67
C ILE D 467 44.08 -9.80 -21.91
N VAL D 468 43.75 -10.32 -23.09
CA VAL D 468 44.26 -9.73 -24.32
C VAL D 468 43.95 -8.24 -24.43
N ALA D 469 42.68 -7.87 -24.26
CA ALA D 469 42.22 -6.48 -24.37
C ALA D 469 42.94 -5.57 -23.38
N ARG D 470 43.10 -6.06 -22.17
CA ARG D 470 43.77 -5.30 -21.13
C ARG D 470 45.23 -5.10 -21.42
N LEU D 471 45.90 -6.13 -21.90
CA LEU D 471 47.33 -6.03 -22.17
C LEU D 471 47.49 -4.93 -23.19
N ALA D 472 46.61 -4.94 -24.18
CA ALA D 472 46.56 -3.90 -25.20
C ALA D 472 46.40 -2.51 -24.61
N ASP D 473 45.30 -2.26 -23.90
CA ASP D 473 45.01 -0.92 -23.44
C ASP D 473 45.90 -0.41 -22.32
N GLU D 474 46.26 -1.27 -21.37
CA GLU D 474 47.00 -0.82 -20.19
C GLU D 474 48.52 -0.99 -20.32
N TYR D 475 48.95 -1.77 -21.31
CA TYR D 475 50.37 -2.11 -21.42
C TYR D 475 50.93 -1.98 -22.82
N GLY D 476 50.06 -1.80 -23.80
CA GLY D 476 50.47 -1.62 -25.20
C GLY D 476 51.07 -2.85 -25.87
N VAL D 477 50.41 -3.99 -25.73
CA VAL D 477 50.93 -5.27 -26.22
C VAL D 477 49.85 -6.16 -26.83
N ASP D 478 50.02 -6.48 -28.12
CA ASP D 478 49.14 -7.40 -28.80
C ASP D 478 49.72 -8.78 -28.62
N ALA D 479 48.93 -9.63 -27.96
CA ALA D 479 49.35 -10.98 -27.61
C ALA D 479 48.45 -12.00 -28.25
N VAL D 480 49.04 -13.10 -28.68
CA VAL D 480 48.26 -14.16 -29.29
C VAL D 480 48.27 -15.32 -28.36
N TYR D 481 47.36 -16.27 -28.61
CA TYR D 481 47.18 -17.45 -27.78
C TYR D 481 47.53 -18.70 -28.58
N GLU D 482 48.07 -19.71 -27.90
CA GLU D 482 48.31 -20.99 -28.53
C GLU D 482 47.77 -22.11 -27.63
N GLY D 483 47.19 -23.13 -28.25
CA GLY D 483 46.64 -24.26 -27.54
C GLY D 483 47.76 -25.09 -26.97
N VAL D 484 47.50 -25.70 -25.82
CA VAL D 484 48.49 -26.54 -25.15
C VAL D 484 47.88 -27.86 -24.68
N SER D 485 48.72 -28.85 -24.48
CA SER D 485 48.25 -30.17 -24.07
C SER D 485 47.46 -30.06 -22.76
N THR D 486 47.84 -29.08 -21.94
CA THR D 486 47.38 -28.94 -20.56
C THR D 486 45.92 -28.63 -20.35
N HIS D 487 45.28 -29.39 -19.45
CA HIS D 487 43.91 -29.16 -19.00
C HIS D 487 43.85 -29.19 -17.47
N THR D 488 44.88 -29.76 -16.84
CA THR D 488 44.89 -29.86 -15.40
C THR D 488 46.14 -29.28 -14.75
N ALA D 489 45.99 -28.81 -13.52
CA ALA D 489 47.13 -28.30 -12.73
C ALA D 489 46.92 -28.54 -11.25
N ARG D 490 48.00 -28.91 -10.58
CA ARG D 490 47.92 -29.17 -9.14
C ARG D 490 49.18 -28.57 -8.53
N TRP D 491 49.07 -28.09 -7.31
CA TRP D 491 50.27 -27.59 -6.68
C TRP D 491 50.91 -28.76 -5.94
N VAL D 492 52.23 -28.90 -6.04
CA VAL D 492 52.91 -30.04 -5.40
C VAL D 492 53.63 -29.73 -4.07
N TYR D 493 53.56 -30.65 -3.13
CA TYR D 493 54.15 -30.43 -1.82
C TYR D 493 54.58 -31.75 -1.23
N CYS D 494 55.70 -31.76 -0.49
CA CYS D 494 56.20 -33.01 0.09
C CYS D 494 57.10 -32.80 1.29
N GLU D 495 56.98 -33.69 2.27
CA GLU D 495 57.84 -33.63 3.47
C GLU D 495 59.22 -34.28 3.30
N ASP D 496 59.28 -35.40 2.57
CA ASP D 496 60.53 -36.06 2.25
C ASP D 496 61.23 -35.35 1.09
N LYS D 497 62.14 -34.44 1.43
CA LYS D 497 62.80 -33.63 0.43
C LYS D 497 63.62 -34.47 -0.54
N LYS D 498 64.07 -35.65 -0.15
CA LYS D 498 64.78 -36.53 -1.09
C LYS D 498 63.88 -36.98 -2.23
N ILE D 499 62.72 -37.48 -1.86
CA ILE D 499 61.74 -37.99 -2.79
C ILE D 499 61.24 -36.84 -3.65
N PHE D 500 61.02 -35.69 -3.04
CA PHE D 500 60.57 -34.52 -3.76
C PHE D 500 61.60 -34.10 -4.80
N ALA D 501 62.87 -34.21 -4.45
CA ALA D 501 63.96 -33.85 -5.36
C ALA D 501 64.02 -34.82 -6.54
N ASP D 502 63.80 -36.10 -6.26
CA ASP D 502 63.71 -37.12 -7.30
C ASP D 502 62.51 -36.88 -8.22
N PHE D 503 61.36 -36.65 -7.58
CA PHE D 503 60.12 -36.38 -8.26
C PHE D 503 60.30 -35.24 -9.24
N GLN D 504 60.86 -34.14 -8.76
CA GLN D 504 61.08 -32.96 -9.56
C GLN D 504 62.01 -33.27 -10.72
N ASP D 505 62.96 -34.16 -10.49
CA ASP D 505 63.86 -34.54 -11.54
C ASP D 505 63.14 -35.36 -12.59
N TYR D 506 62.35 -36.34 -12.16
CA TYR D 506 61.61 -37.15 -13.10
C TYR D 506 60.58 -36.36 -13.92
N HIS D 507 59.83 -35.47 -13.25
CA HIS D 507 58.74 -34.73 -13.88
C HIS D 507 59.06 -33.30 -14.20
N ARG D 508 60.34 -33.01 -14.41
CA ARG D 508 60.76 -31.66 -14.79
C ARG D 508 59.92 -31.20 -16.01
N GLY D 509 59.71 -32.12 -16.96
CA GLY D 509 58.90 -31.88 -18.14
C GLY D 509 57.51 -31.31 -17.90
N GLU D 510 56.90 -31.69 -16.77
CA GLU D 510 55.54 -31.25 -16.44
C GLU D 510 55.44 -30.23 -15.30
N LEU D 511 56.56 -29.64 -14.91
CA LEU D 511 56.58 -28.69 -13.80
C LEU D 511 56.65 -27.24 -14.24
N ALA D 512 55.97 -26.37 -13.49
CA ALA D 512 55.96 -24.98 -13.79
C ALA D 512 55.88 -24.21 -12.50
N VAL D 513 56.29 -22.94 -12.55
CA VAL D 513 56.17 -22.00 -11.43
C VAL D 513 55.06 -20.95 -11.68
N ASP D 514 54.26 -20.64 -10.68
CA ASP D 514 53.27 -19.56 -10.86
C ASP D 514 53.75 -18.18 -10.46
N ALA D 515 52.91 -17.17 -10.63
CA ALA D 515 53.31 -15.78 -10.37
C ALA D 515 53.59 -15.54 -8.90
N GLU D 516 53.09 -16.43 -8.04
CA GLU D 516 53.42 -16.37 -6.62
C GLU D 516 54.68 -17.18 -6.31
N GLY D 517 55.36 -17.62 -7.37
CA GLY D 517 56.59 -18.37 -7.27
C GLY D 517 56.46 -19.77 -6.69
N ALA D 518 55.29 -20.38 -6.86
CA ALA D 518 55.01 -21.71 -6.34
C ALA D 518 55.02 -22.80 -7.44
N LEU D 519 55.49 -23.99 -7.07
CA LEU D 519 55.67 -25.07 -8.00
C LEU D 519 54.36 -25.78 -8.32
N ALA D 520 54.04 -25.89 -9.60
CA ALA D 520 52.80 -26.54 -10.06
C ALA D 520 53.07 -27.62 -11.09
N TYR D 521 52.29 -28.69 -11.00
CA TYR D 521 52.37 -29.81 -11.91
C TYR D 521 51.28 -29.56 -12.93
N LEU D 522 51.66 -29.61 -14.20
CA LEU D 522 50.71 -29.44 -15.31
C LEU D 522 50.49 -30.76 -16.00
N ALA D 523 49.23 -31.19 -16.03
CA ALA D 523 48.91 -32.43 -16.72
C ALA D 523 47.91 -32.29 -17.88
N PRO D 524 47.99 -33.18 -18.89
CA PRO D 524 47.06 -33.12 -19.99
C PRO D 524 45.62 -33.19 -19.51
N ASN D 525 45.31 -34.10 -18.60
CA ASN D 525 43.98 -34.23 -18.05
C ASN D 525 44.09 -34.87 -16.64
N PRO D 526 42.98 -34.88 -15.85
CA PRO D 526 42.97 -35.53 -14.52
C PRO D 526 43.41 -36.99 -14.51
N TRP D 527 43.16 -37.75 -15.59
CA TRP D 527 43.60 -39.19 -15.68
C TRP D 527 45.11 -39.39 -15.72
N ARG D 528 45.78 -38.66 -16.61
CA ARG D 528 47.20 -38.78 -16.81
C ARG D 528 47.87 -38.33 -15.51
N LEU D 529 47.16 -37.51 -14.72
CA LEU D 529 47.68 -37.00 -13.46
C LEU D 529 47.88 -38.17 -12.53
N GLU D 530 46.82 -38.91 -12.25
CA GLU D 530 46.88 -40.14 -11.46
C GLU D 530 48.07 -41.05 -11.78
N SER D 531 48.39 -41.25 -13.05
CA SER D 531 49.59 -42.03 -13.40
C SER D 531 50.78 -41.60 -12.54
N ALA D 532 51.05 -40.30 -12.53
CA ALA D 532 52.15 -39.74 -11.76
C ALA D 532 51.84 -39.76 -10.27
N MET D 533 50.61 -39.45 -9.91
CA MET D 533 50.20 -39.44 -8.53
C MET D 533 50.33 -40.76 -7.83
N GLU D 534 50.03 -41.84 -8.54
CA GLU D 534 50.15 -43.17 -7.95
C GLU D 534 51.60 -43.60 -7.96
N ARG D 535 52.44 -42.92 -8.73
CA ARG D 535 53.86 -43.26 -8.77
C ARG D 535 54.60 -42.56 -7.64
N TYR D 536 54.12 -41.37 -7.24
CA TYR D 536 54.65 -40.65 -6.09
C TYR D 536 53.58 -40.36 -5.03
N PRO D 537 53.15 -41.40 -4.27
CA PRO D 537 52.10 -41.27 -3.29
C PRO D 537 52.49 -40.37 -2.14
N LYS D 538 53.78 -40.19 -1.95
CA LYS D 538 54.26 -39.39 -0.87
C LYS D 538 54.15 -37.89 -1.18
N VAL D 539 53.99 -37.54 -2.46
CA VAL D 539 53.87 -36.14 -2.91
C VAL D 539 52.40 -35.70 -2.90
N GLU D 540 52.11 -34.56 -2.29
CA GLU D 540 50.76 -33.98 -2.30
C GLU D 540 50.53 -33.23 -3.61
N PHE D 541 49.29 -33.29 -4.11
CA PHE D 541 48.84 -32.56 -5.31
C PHE D 541 47.59 -31.71 -5.01
N ARG D 542 47.77 -30.48 -4.54
CA ARG D 542 46.61 -29.68 -4.13
C ARG D 542 45.92 -28.93 -5.28
N THR D 543 44.67 -28.54 -5.03
CA THR D 543 43.86 -27.83 -6.01
C THR D 543 43.69 -26.37 -5.62
N THR D 544 44.46 -25.94 -4.62
CA THR D 544 44.47 -24.56 -4.13
C THR D 544 45.81 -24.24 -3.50
N ARG D 545 46.07 -22.96 -3.32
CA ARG D 545 47.21 -22.52 -2.53
C ARG D 545 47.00 -21.10 -2.00
N GLU D 546 47.29 -20.89 -0.70
CA GLU D 546 47.17 -19.58 -0.03
C GLU D 546 48.01 -18.53 -0.73
N ILE D 547 47.62 -17.27 -0.58
CA ILE D 547 48.29 -16.15 -1.24
C ILE D 547 49.24 -15.47 -0.24
N SER D 548 50.15 -14.61 -0.72
CA SER D 548 51.16 -14.00 0.15
C SER D 548 51.08 -12.47 0.25
#